data_3ZNI
#
_entry.id   3ZNI
#
_cell.length_a   94.970
_cell.length_b   131.800
_cell.length_c   122.000
_cell.angle_alpha   90.00
_cell.angle_beta   91.92
_cell.angle_gamma   90.00
#
_symmetry.space_group_name_H-M   'P 1 21 1'
#
loop_
_entity.id
_entity.type
_entity.pdbx_description
1 polymer 'E3 UBIQUITIN-PROTEIN LIGASE CBL-B'
2 polymer 'TYROSINE-PROTEIN KINASE ZAP-70'
3 polymer 'UBIQUITIN-CONJUGATING ENZYME E2 D2'
4 polymer POLYUBIQUITIN-C
5 non-polymer 'ZINC ION'
6 non-polymer 'CALCIUM ION'
7 non-polymer 1,2-ETHANEDIOL
8 water water
#
loop_
_entity_poly.entity_id
_entity_poly.type
_entity_poly.pdbx_seq_one_letter_code
_entity_poly.pdbx_strand_id
1 'polypeptide(L)'
;GSPKQAAADRRTVEKTWKLMDKVVRLCQNPKLQLKNSPPYILDILPDTYQHLRLILSKYDDNQKLAQLSENEYFKIYIDS
LMKKSKRAIRLFKEGKERMYEEQSQDRRNLTKLSLIFSHMLAEIKAIFPNGQFQGDNFRITKADAAEFWRKFFGDKTIVP
WKVFRQCLHEVHQISSGLEAMALKSTIDLTCNDYISVFEFDIFTRLFQPWGSILRNWNFLAVTHPGYMAFLTYDEVKARL
QKYSTKPGSYIFRLSCTRLGQWAIGYVTGDGNILQTIPHNKPLFQALIDGSREGFYLYPDGRSYNPDLTGLCEPTPHDHI
KVTQEQFEL(PTR)CEMGSTFQLCKICAENDKDVKIEPCGHLMCTSCLTAWQESDGQGCPFCRCEIKGTEPIIVDPFD
;
A,E,I,M
2 'polypeptide(L)' TLNSDG(PTR)TPEPA B,F,J,N
3 'polypeptide(L)'
;ALKRIHKELNDLARDPPAQCRAGPVGDDMFHWQATIMGPNDSPYQGGVFFLTIHFPTDYPFKPPKVAFTTRIYHPNINSN
GSIKLDILRSQWSPALTISKVLLSICSLLCDPNPDDPLVPEIARIYKTDREKYNRIAREWTQKYAM
;
C,G,K,O
4 'polypeptide(L)'
;GSGGSMQIFVKTLTGKTITLEVEPSDTIENVKAKIQDKEGIPPDQQRLIFAGKQLEDGRTLSDYNIQKESTLHLVLRLRG
G
;
D,H,L,P
#
# COMPACT_ATOMS: atom_id res chain seq x y z
N GLN A 5 -26.15 35.21 13.34
CA GLN A 5 -26.56 35.44 14.73
C GLN A 5 -26.64 34.14 15.51
N ALA A 6 -27.14 33.09 14.86
CA ALA A 6 -27.24 31.78 15.49
C ALA A 6 -25.87 31.11 15.59
N ALA A 7 -25.70 30.30 16.63
CA ALA A 7 -24.45 29.56 16.83
C ALA A 7 -24.27 28.50 15.74
N ALA A 8 -23.15 28.58 15.02
CA ALA A 8 -22.89 27.70 13.90
C ALA A 8 -22.35 26.33 14.33
N ASP A 9 -23.23 25.52 14.92
CA ASP A 9 -22.86 24.16 15.32
C ASP A 9 -22.79 23.25 14.09
N ARG A 10 -22.36 22.01 14.29
CA ARG A 10 -22.23 21.06 13.19
C ARG A 10 -23.57 20.84 12.48
N ARG A 11 -24.66 20.85 13.24
CA ARG A 11 -25.99 20.70 12.67
C ARG A 11 -26.37 21.84 11.75
N THR A 12 -26.08 23.07 12.16
CA THR A 12 -26.40 24.24 11.35
C THR A 12 -25.59 24.26 10.05
N VAL A 13 -24.32 23.87 10.14
CA VAL A 13 -23.46 23.83 8.95
C VAL A 13 -23.98 22.81 7.93
N GLU A 14 -24.35 21.63 8.40
CA GLU A 14 -24.84 20.58 7.52
C GLU A 14 -26.15 20.97 6.84
N LYS A 15 -26.99 21.72 7.55
CA LYS A 15 -28.20 22.26 6.96
C LYS A 15 -27.84 23.11 5.74
N THR A 16 -26.77 23.90 5.83
CA THR A 16 -26.34 24.71 4.69
C THR A 16 -25.88 23.83 3.54
N TRP A 17 -25.24 22.70 3.87
CA TRP A 17 -24.82 21.74 2.86
C TRP A 17 -26.00 21.23 2.03
N LYS A 18 -27.14 21.02 2.68
CA LYS A 18 -28.34 20.57 1.99
C LYS A 18 -28.87 21.66 1.05
N LEU A 19 -29.00 22.87 1.58
CA LEU A 19 -29.47 24.00 0.77
C LEU A 19 -28.56 24.26 -0.42
N MET A 20 -27.25 24.12 -0.22
CA MET A 20 -26.28 24.36 -1.28
C MET A 20 -26.36 23.29 -2.36
N ASP A 21 -26.54 22.04 -1.94
CA ASP A 21 -26.68 20.93 -2.87
C ASP A 21 -27.94 21.08 -3.71
N LYS A 22 -29.00 21.62 -3.12
CA LYS A 22 -30.21 21.89 -3.88
C LYS A 22 -29.96 22.97 -4.93
N VAL A 23 -29.24 24.01 -4.56
CA VAL A 23 -28.91 25.07 -5.50
C VAL A 23 -28.10 24.52 -6.66
N VAL A 24 -27.15 23.63 -6.33
CA VAL A 24 -26.35 22.96 -7.35
C VAL A 24 -27.22 22.11 -8.28
N ARG A 25 -28.16 21.37 -7.72
CA ARG A 25 -29.08 20.58 -8.53
C ARG A 25 -29.86 21.47 -9.49
N LEU A 26 -30.45 22.53 -8.96
CA LEU A 26 -31.16 23.50 -9.78
C LEU A 26 -30.29 24.06 -10.91
N CYS A 27 -29.01 24.29 -10.63
CA CYS A 27 -28.13 24.85 -11.64
C CYS A 27 -27.57 23.80 -12.59
N GLN A 28 -27.85 22.53 -12.33
CA GLN A 28 -27.39 21.46 -13.21
C GLN A 28 -28.45 21.12 -14.26
N ASN A 29 -29.52 21.90 -14.26
CA ASN A 29 -30.55 21.80 -15.28
C ASN A 29 -29.93 22.15 -16.63
N PRO A 30 -29.97 21.20 -17.59
CA PRO A 30 -29.38 21.37 -18.92
C PRO A 30 -29.87 22.63 -19.64
N LYS A 31 -31.11 23.02 -19.38
CA LYS A 31 -31.71 24.18 -20.05
C LYS A 31 -31.02 25.51 -19.77
N LEU A 32 -30.34 25.60 -18.62
CA LEU A 32 -29.61 26.82 -18.27
C LEU A 32 -28.44 27.09 -19.22
N GLN A 33 -27.76 26.03 -19.63
CA GLN A 33 -26.61 26.15 -20.54
C GLN A 33 -25.61 27.17 -20.02
N LEU A 34 -25.26 27.04 -18.75
CA LEU A 34 -24.30 27.92 -18.10
C LEU A 34 -22.93 27.76 -18.75
N LYS A 35 -22.23 28.88 -18.92
CA LYS A 35 -20.88 28.85 -19.47
C LYS A 35 -19.90 28.45 -18.37
N ASN A 36 -18.90 27.67 -18.74
CA ASN A 36 -17.84 27.26 -17.83
C ASN A 36 -16.78 28.35 -17.74
N SER A 37 -17.14 29.46 -17.10
CA SER A 37 -16.19 30.53 -16.85
C SER A 37 -16.44 31.14 -15.48
N PRO A 38 -15.40 31.69 -14.84
CA PRO A 38 -15.61 32.31 -13.52
C PRO A 38 -16.48 33.56 -13.65
N PRO A 39 -17.45 33.74 -12.75
CA PRO A 39 -17.83 32.83 -11.65
C PRO A 39 -18.73 31.69 -12.12
N TYR A 40 -18.31 30.46 -11.83
CA TYR A 40 -19.05 29.28 -12.25
C TYR A 40 -19.67 28.61 -11.04
N ILE A 41 -20.98 28.74 -10.90
CA ILE A 41 -21.70 28.24 -9.72
C ILE A 41 -21.44 26.76 -9.46
N LEU A 42 -21.27 25.98 -10.54
CA LEU A 42 -21.07 24.55 -10.42
C LEU A 42 -19.65 24.19 -9.95
N ASP A 43 -18.77 25.19 -9.94
CA ASP A 43 -17.45 25.08 -9.30
C ASP A 43 -17.54 25.59 -7.88
N ILE A 44 -18.13 26.77 -7.72
CA ILE A 44 -18.06 27.52 -6.47
C ILE A 44 -18.70 26.82 -5.27
N LEU A 45 -19.93 26.35 -5.44
CA LEU A 45 -20.65 25.71 -4.34
C LEU A 45 -20.08 24.35 -3.90
N PRO A 46 -19.73 23.46 -4.85
CA PRO A 46 -19.04 22.25 -4.38
C PRO A 46 -17.69 22.58 -3.72
N ASP A 47 -17.01 23.63 -4.19
CA ASP A 47 -15.75 24.06 -3.59
C ASP A 47 -15.98 24.70 -2.22
N THR A 48 -17.12 25.37 -2.07
CA THR A 48 -17.49 25.93 -0.77
C THR A 48 -17.78 24.79 0.22
N TYR A 49 -18.49 23.76 -0.25
CA TYR A 49 -18.76 22.57 0.55
C TYR A 49 -17.46 21.94 1.02
N GLN A 50 -16.52 21.75 0.10
CA GLN A 50 -15.23 21.15 0.45
C GLN A 50 -14.49 21.94 1.51
N HIS A 51 -14.49 23.27 1.40
CA HIS A 51 -13.76 24.08 2.37
C HIS A 51 -14.41 24.10 3.75
N LEU A 52 -15.74 24.02 3.79
CA LEU A 52 -16.44 23.88 5.06
C LEU A 52 -16.15 22.51 5.71
N ARG A 53 -16.05 21.48 4.89
CA ARG A 53 -15.67 20.15 5.40
C ARG A 53 -14.26 20.19 5.99
N LEU A 54 -13.36 20.86 5.28
CA LEU A 54 -11.99 21.05 5.76
C LEU A 54 -11.98 21.77 7.11
N ILE A 55 -12.79 22.80 7.23
CA ILE A 55 -12.86 23.55 8.48
C ILE A 55 -13.36 22.65 9.62
N LEU A 56 -14.44 21.92 9.39
CA LEU A 56 -14.96 21.01 10.41
C LEU A 56 -13.94 19.95 10.82
N SER A 57 -13.12 19.50 9.87
CA SER A 57 -12.11 18.47 10.15
C SER A 57 -10.99 18.98 11.08
N LYS A 58 -10.73 20.28 11.04
CA LYS A 58 -9.72 20.88 11.91
C LYS A 58 -10.28 21.21 13.30
N TYR A 59 -11.60 21.33 13.41
CA TYR A 59 -12.24 21.57 14.70
C TYR A 59 -12.95 20.30 15.16
N ASP A 60 -12.16 19.30 15.55
CA ASP A 60 -12.67 17.94 15.71
C ASP A 60 -13.41 17.60 17.01
N ASP A 61 -12.86 17.96 18.15
CA ASP A 61 -13.50 17.60 19.42
C ASP A 61 -14.60 18.57 19.82
N ASN A 62 -15.26 18.29 20.94
CA ASN A 62 -16.39 19.10 21.39
C ASN A 62 -16.00 20.53 21.75
N GLN A 63 -14.83 20.68 22.36
CA GLN A 63 -14.36 22.00 22.80
C GLN A 63 -14.05 22.89 21.60
N LYS A 64 -13.37 22.33 20.61
CA LYS A 64 -13.02 23.09 19.42
C LYS A 64 -14.26 23.49 18.63
N LEU A 65 -15.23 22.60 18.55
CA LEU A 65 -16.45 22.86 17.81
C LEU A 65 -17.28 23.97 18.45
N ALA A 66 -17.37 23.96 19.78
CA ALA A 66 -18.06 25.02 20.49
C ALA A 66 -17.36 26.36 20.26
N GLN A 67 -16.03 26.31 20.22
CA GLN A 67 -15.23 27.48 19.92
C GLN A 67 -15.52 28.00 18.52
N LEU A 68 -15.53 27.09 17.55
CA LEU A 68 -15.83 27.41 16.16
C LEU A 68 -17.23 28.04 16.01
N SER A 69 -18.21 27.44 16.69
CA SER A 69 -19.59 27.89 16.58
C SER A 69 -19.81 29.27 17.19
N GLU A 70 -18.85 29.73 17.98
CA GLU A 70 -18.97 31.03 18.62
C GLU A 70 -18.07 32.07 17.96
N ASN A 71 -17.36 31.66 16.92
CA ASN A 71 -16.55 32.58 16.12
C ASN A 71 -17.44 33.56 15.37
N GLU A 72 -17.24 34.85 15.62
CA GLU A 72 -18.15 35.87 15.08
C GLU A 72 -18.23 35.82 13.57
N TYR A 73 -17.08 35.79 12.89
CA TYR A 73 -17.06 35.71 11.44
C TYR A 73 -17.81 34.48 10.95
N PHE A 74 -17.54 33.33 11.57
CA PHE A 74 -18.09 32.07 11.08
C PHE A 74 -19.60 32.01 11.24
N LYS A 75 -20.10 32.56 12.33
CA LYS A 75 -21.54 32.64 12.57
C LYS A 75 -22.20 33.45 11.45
N ILE A 76 -21.59 34.59 11.11
CA ILE A 76 -22.11 35.47 10.07
C ILE A 76 -22.04 34.78 8.71
N TYR A 77 -20.88 34.19 8.42
CA TYR A 77 -20.68 33.46 7.16
C TYR A 77 -21.75 32.39 6.96
N ILE A 78 -21.92 31.52 7.95
CA ILE A 78 -22.88 30.43 7.84
C ILE A 78 -24.31 30.96 7.64
N ASP A 79 -24.67 32.02 8.36
CA ASP A 79 -25.98 32.64 8.22
C ASP A 79 -26.17 33.25 6.83
N SER A 80 -25.13 33.92 6.31
CA SER A 80 -25.19 34.49 4.97
C SER A 80 -25.34 33.39 3.92
N LEU A 81 -24.55 32.33 4.07
CA LEU A 81 -24.58 31.21 3.14
C LEU A 81 -25.98 30.60 3.11
N MET A 82 -26.60 30.52 4.29
CA MET A 82 -27.96 30.02 4.40
C MET A 82 -28.95 30.92 3.67
N LYS A 83 -28.92 32.22 3.98
CA LYS A 83 -29.79 33.18 3.31
C LYS A 83 -29.65 33.21 1.79
N LYS A 84 -28.42 33.24 1.31
CA LYS A 84 -28.15 33.31 -0.13
C LYS A 84 -28.60 32.05 -0.85
N SER A 85 -28.48 30.90 -0.19
CA SER A 85 -28.93 29.64 -0.76
C SER A 85 -30.45 29.63 -0.91
N LYS A 86 -31.16 30.01 0.15
CA LYS A 86 -32.62 30.11 0.10
C LYS A 86 -33.06 31.11 -0.96
N ARG A 87 -32.34 32.23 -1.07
CA ARG A 87 -32.60 33.21 -2.10
C ARG A 87 -32.46 32.60 -3.50
N ALA A 88 -31.40 31.81 -3.69
CA ALA A 88 -31.16 31.15 -4.97
C ALA A 88 -32.29 30.17 -5.32
N ILE A 89 -32.67 29.34 -4.35
CA ILE A 89 -33.80 28.41 -4.52
C ILE A 89 -35.08 29.16 -4.84
N ARG A 90 -35.29 30.29 -4.15
CA ARG A 90 -36.47 31.13 -4.37
C ARG A 90 -36.47 31.72 -5.78
N LEU A 91 -35.28 31.99 -6.29
CA LEU A 91 -35.12 32.58 -7.62
C LEU A 91 -35.63 31.65 -8.72
N PHE A 92 -35.29 30.37 -8.62
CA PHE A 92 -35.75 29.38 -9.58
C PHE A 92 -37.26 29.15 -9.51
N LYS A 93 -37.79 29.06 -8.29
CA LYS A 93 -39.21 28.81 -8.09
C LYS A 93 -40.10 29.90 -8.71
N GLU A 94 -39.83 31.15 -8.35
CA GLU A 94 -40.61 32.26 -8.88
C GLU A 94 -40.17 32.61 -10.30
N GLY A 95 -38.93 32.27 -10.64
CA GLY A 95 -38.39 32.60 -11.95
C GLY A 95 -38.97 31.75 -13.06
N LYS A 96 -39.35 30.52 -12.72
CA LYS A 96 -39.92 29.58 -13.68
C LYS A 96 -39.09 29.46 -14.95
N GLU A 97 -39.74 29.61 -16.10
CA GLU A 97 -39.08 29.44 -17.39
C GLU A 97 -38.22 30.64 -17.79
N ARG A 98 -38.23 31.69 -16.96
CA ARG A 98 -37.40 32.86 -17.22
C ARG A 98 -35.92 32.56 -16.97
N MET A 99 -35.64 31.53 -16.18
CA MET A 99 -34.27 31.14 -15.89
C MET A 99 -33.55 30.64 -17.15
N TYR A 100 -34.33 30.31 -18.17
CA TYR A 100 -33.79 29.73 -19.40
C TYR A 100 -33.59 30.79 -20.46
N GLU A 101 -34.00 32.02 -20.15
CA GLU A 101 -33.74 33.15 -21.02
C GLU A 101 -32.59 33.95 -20.42
N GLU A 102 -31.44 33.93 -21.10
CA GLU A 102 -30.23 34.58 -20.60
C GLU A 102 -30.46 36.05 -20.25
N GLN A 103 -31.24 36.73 -21.07
CA GLN A 103 -31.43 38.17 -20.95
C GLN A 103 -32.37 38.59 -19.83
N SER A 104 -33.09 37.62 -19.26
CA SER A 104 -34.09 37.93 -18.24
C SER A 104 -33.46 38.50 -16.97
N GLN A 105 -34.29 39.13 -16.14
CA GLN A 105 -33.83 39.72 -14.89
C GLN A 105 -33.50 38.64 -13.86
N ASP A 106 -34.20 37.52 -13.95
CA ASP A 106 -34.00 36.42 -13.00
C ASP A 106 -32.63 35.76 -13.18
N ARG A 107 -32.18 35.67 -14.42
CA ARG A 107 -30.85 35.13 -14.72
C ARG A 107 -29.75 36.08 -14.27
N ARG A 108 -29.97 37.37 -14.47
CA ARG A 108 -29.06 38.39 -13.98
C ARG A 108 -28.90 38.25 -12.48
N ASN A 109 -30.01 37.99 -11.79
CA ASN A 109 -29.97 37.77 -10.36
C ASN A 109 -29.18 36.50 -9.96
N LEU A 110 -29.22 35.49 -10.81
CA LEU A 110 -28.43 34.29 -10.58
C LEU A 110 -26.94 34.61 -10.77
N THR A 111 -26.63 35.37 -11.81
CA THR A 111 -25.26 35.82 -12.07
C THR A 111 -24.71 36.65 -10.91
N LYS A 112 -25.54 37.52 -10.36
CA LYS A 112 -25.16 38.32 -9.19
C LYS A 112 -24.89 37.42 -7.98
N LEU A 113 -25.77 36.45 -7.77
CA LEU A 113 -25.61 35.49 -6.68
C LEU A 113 -24.35 34.67 -6.85
N SER A 114 -24.02 34.33 -8.10
CA SER A 114 -22.80 33.57 -8.38
C SER A 114 -21.56 34.38 -8.01
N LEU A 115 -21.58 35.66 -8.36
CA LEU A 115 -20.50 36.56 -7.98
C LEU A 115 -20.34 36.62 -6.47
N ILE A 116 -21.47 36.75 -5.77
CA ILE A 116 -21.45 36.81 -4.31
C ILE A 116 -20.90 35.52 -3.69
N PHE A 117 -21.36 34.37 -4.19
CA PHE A 117 -20.83 33.07 -3.74
C PHE A 117 -19.32 32.95 -3.99
N SER A 118 -18.88 33.44 -5.16
CA SER A 118 -17.47 33.44 -5.50
C SER A 118 -16.67 34.31 -4.55
N HIS A 119 -17.21 35.50 -4.24
CA HIS A 119 -16.56 36.42 -3.30
C HIS A 119 -16.51 35.83 -1.91
N MET A 120 -17.58 35.13 -1.51
CA MET A 120 -17.63 34.47 -0.21
C MET A 120 -16.60 33.33 -0.08
N LEU A 121 -16.45 32.56 -1.14
CA LEU A 121 -15.48 31.46 -1.14
C LEU A 121 -14.06 31.99 -0.98
N ALA A 122 -13.72 33.01 -1.75
CA ALA A 122 -12.40 33.62 -1.65
C ALA A 122 -12.19 34.17 -0.25
N GLU A 123 -13.26 34.71 0.34
CA GLU A 123 -13.19 35.25 1.69
C GLU A 123 -12.92 34.16 2.75
N ILE A 124 -13.68 33.08 2.74
CA ILE A 124 -13.50 32.02 3.75
C ILE A 124 -12.13 31.34 3.61
N LYS A 125 -11.59 31.29 2.40
CA LYS A 125 -10.24 30.75 2.20
C LYS A 125 -9.15 31.65 2.76
N ALA A 126 -9.38 32.96 2.75
CA ALA A 126 -8.41 33.89 3.29
C ALA A 126 -8.48 33.91 4.81
N ILE A 127 -9.70 33.76 5.33
CA ILE A 127 -9.95 33.83 6.78
C ILE A 127 -9.73 32.49 7.46
N PHE A 128 -10.12 31.40 6.79
CA PHE A 128 -9.82 30.05 7.27
C PHE A 128 -8.88 29.30 6.32
N PRO A 129 -7.61 29.74 6.21
CA PRO A 129 -6.64 29.03 5.36
C PRO A 129 -6.40 27.65 5.90
N ASN A 130 -6.43 26.64 5.03
CA ASN A 130 -6.29 25.24 5.45
C ASN A 130 -7.29 24.87 6.54
N GLY A 131 -8.42 25.57 6.58
CA GLY A 131 -9.49 25.23 7.50
C GLY A 131 -9.27 25.69 8.93
N GLN A 132 -8.20 26.44 9.16
CA GLN A 132 -7.91 26.97 10.49
C GLN A 132 -8.12 28.48 10.53
N PHE A 133 -8.75 28.97 11.59
CA PHE A 133 -9.07 30.40 11.70
C PHE A 133 -7.83 31.27 11.83
N GLN A 134 -7.64 32.19 10.89
CA GLN A 134 -6.52 33.12 10.96
C GLN A 134 -6.99 34.54 10.71
N GLY A 135 -8.29 34.78 10.93
CA GLY A 135 -8.89 36.07 10.69
C GLY A 135 -8.22 37.19 11.46
N ASP A 136 -7.85 36.90 12.71
CA ASP A 136 -7.16 37.87 13.56
C ASP A 136 -5.68 38.07 13.19
N ASN A 137 -5.21 37.38 12.16
CA ASN A 137 -3.84 37.56 11.69
C ASN A 137 -3.76 38.06 10.26
N PHE A 138 -4.91 38.33 9.66
CA PHE A 138 -4.97 38.80 8.29
C PHE A 138 -4.11 40.08 8.15
N ARG A 139 -3.37 40.17 7.05
CA ARG A 139 -2.47 41.30 6.82
C ARG A 139 -2.98 42.21 5.71
N ILE A 140 -3.49 43.37 6.11
CA ILE A 140 -3.98 44.34 5.14
C ILE A 140 -2.82 44.86 4.29
N THR A 141 -3.06 44.98 2.98
CA THR A 141 -2.01 45.28 2.00
C THR A 141 -1.42 46.68 2.16
N LYS A 142 -2.28 47.70 2.06
CA LYS A 142 -1.83 49.08 2.12
C LYS A 142 -1.60 49.54 3.55
N ALA A 143 -0.38 50.01 3.82
CA ALA A 143 0.04 50.34 5.18
C ALA A 143 -0.89 51.28 5.92
N ASP A 144 -1.30 52.36 5.26
CA ASP A 144 -2.19 53.35 5.87
C ASP A 144 -3.58 52.80 6.12
N ALA A 145 -4.04 51.91 5.24
CA ALA A 145 -5.33 51.25 5.44
C ALA A 145 -5.22 50.23 6.57
N ALA A 146 -4.07 49.56 6.66
CA ALA A 146 -3.81 48.59 7.73
C ALA A 146 -3.88 49.29 9.08
N GLU A 147 -3.33 50.49 9.15
CA GLU A 147 -3.25 51.25 10.39
C GLU A 147 -4.61 51.75 10.83
N PHE A 148 -5.44 52.16 9.88
CA PHE A 148 -6.82 52.57 10.16
C PHE A 148 -7.58 51.43 10.83
N TRP A 149 -7.51 50.24 10.25
CA TRP A 149 -8.23 49.09 10.78
C TRP A 149 -7.77 48.72 12.18
N ARG A 150 -6.46 48.74 12.40
CA ARG A 150 -5.92 48.39 13.71
C ARG A 150 -6.32 49.40 14.77
N LYS A 151 -6.34 50.68 14.41
CA LYS A 151 -6.70 51.74 15.35
C LYS A 151 -8.15 51.60 15.82
N PHE A 152 -9.07 51.44 14.87
CA PHE A 152 -10.49 51.38 15.22
C PHE A 152 -11.02 49.99 15.58
N PHE A 153 -10.42 48.94 15.00
CA PHE A 153 -11.00 47.61 15.13
C PHE A 153 -10.05 46.55 15.69
N GLY A 154 -8.81 46.94 15.97
CA GLY A 154 -7.83 45.99 16.50
C GLY A 154 -7.57 44.83 15.57
N ASP A 155 -7.77 43.61 16.07
CA ASP A 155 -7.60 42.43 15.24
C ASP A 155 -8.92 41.74 14.89
N LYS A 156 -10.03 42.46 15.01
CA LYS A 156 -11.32 41.95 14.57
C LYS A 156 -11.25 41.53 13.11
N THR A 157 -12.04 40.52 12.77
CA THR A 157 -12.11 40.04 11.40
C THR A 157 -13.27 40.70 10.66
N ILE A 158 -14.28 41.12 11.41
CA ILE A 158 -15.51 41.59 10.75
C ILE A 158 -16.30 42.55 11.65
N VAL A 159 -16.90 43.57 11.04
CA VAL A 159 -17.67 44.58 11.78
C VAL A 159 -18.95 44.96 11.03
N PRO A 160 -20.01 45.32 11.78
CA PRO A 160 -21.26 45.78 11.17
C PRO A 160 -21.02 47.01 10.31
N TRP A 161 -21.73 47.12 9.20
CA TRP A 161 -21.58 48.26 8.30
C TRP A 161 -21.67 49.59 9.04
N LYS A 162 -22.67 49.69 9.93
CA LYS A 162 -22.94 50.94 10.63
C LYS A 162 -21.75 51.38 11.48
N VAL A 163 -21.09 50.41 12.08
CA VAL A 163 -19.90 50.68 12.88
C VAL A 163 -18.76 51.10 11.95
N PHE A 164 -18.58 50.36 10.87
CA PHE A 164 -17.54 50.68 9.89
C PHE A 164 -17.75 52.06 9.29
N ARG A 165 -18.99 52.40 8.96
CA ARG A 165 -19.32 53.70 8.38
CA ARG A 165 -19.30 53.70 8.38
C ARG A 165 -18.88 54.83 9.29
N GLN A 166 -19.20 54.71 10.58
CA GLN A 166 -18.88 55.74 11.56
C GLN A 166 -17.38 55.99 11.67
N CYS A 167 -16.61 54.92 11.80
CA CYS A 167 -15.17 55.03 11.94
C CYS A 167 -14.51 55.61 10.68
N LEU A 168 -14.95 55.16 9.52
CA LEU A 168 -14.45 55.67 8.24
C LEU A 168 -14.77 57.16 8.09
N HIS A 169 -15.99 57.53 8.48
CA HIS A 169 -16.46 58.91 8.38
C HIS A 169 -15.60 59.86 9.23
N GLU A 170 -15.07 59.32 10.33
CA GLU A 170 -14.24 60.08 11.25
C GLU A 170 -12.93 60.52 10.61
N VAL A 171 -12.43 59.71 9.66
CA VAL A 171 -11.16 59.97 9.00
C VAL A 171 -11.37 60.53 7.60
N HIS A 172 -12.29 59.93 6.86
CA HIS A 172 -12.69 60.43 5.55
C HIS A 172 -14.17 60.76 5.54
N GLN A 173 -14.49 62.04 5.52
CA GLN A 173 -15.87 62.50 5.51
C GLN A 173 -16.71 61.85 4.41
N ILE A 174 -17.85 61.32 4.80
CA ILE A 174 -18.86 60.88 3.84
C ILE A 174 -19.90 61.99 3.72
N SER A 175 -20.09 62.50 2.51
CA SER A 175 -20.84 63.74 2.31
C SER A 175 -22.34 63.64 2.58
N SER A 176 -22.94 62.50 2.22
CA SER A 176 -24.38 62.34 2.39
C SER A 176 -24.77 60.90 2.69
N GLY A 177 -26.02 60.71 3.09
CA GLY A 177 -26.56 59.38 3.32
C GLY A 177 -26.60 58.61 2.02
N LEU A 178 -26.84 59.32 0.93
CA LEU A 178 -26.90 58.73 -0.39
C LEU A 178 -25.51 58.25 -0.85
N GLU A 179 -24.48 59.00 -0.49
CA GLU A 179 -23.12 58.60 -0.79
C GLU A 179 -22.73 57.38 0.04
N ALA A 180 -23.26 57.30 1.26
CA ALA A 180 -22.97 56.20 2.16
C ALA A 180 -23.54 54.88 1.64
N MET A 181 -24.73 54.95 1.07
CA MET A 181 -25.39 53.78 0.51
C MET A 181 -24.63 53.28 -0.72
N ALA A 182 -24.21 54.21 -1.57
CA ALA A 182 -23.44 53.84 -2.76
C ALA A 182 -22.11 53.25 -2.35
N LEU A 183 -21.51 53.81 -1.31
CA LEU A 183 -20.22 53.35 -0.81
C LEU A 183 -20.36 51.93 -0.25
N LYS A 184 -21.46 51.68 0.45
CA LYS A 184 -21.75 50.37 1.01
C LYS A 184 -21.85 49.31 -0.08
N SER A 185 -22.57 49.60 -1.16
CA SER A 185 -22.72 48.62 -2.24
C SER A 185 -21.39 48.28 -2.92
N THR A 186 -20.43 49.21 -2.87
CA THR A 186 -19.12 48.97 -3.46
C THR A 186 -18.23 48.09 -2.58
N ILE A 187 -18.20 48.39 -1.29
CA ILE A 187 -17.30 47.67 -0.39
C ILE A 187 -17.90 46.36 0.12
N ASP A 188 -19.21 46.33 0.30
CA ASP A 188 -19.89 45.13 0.79
C ASP A 188 -20.04 44.10 -0.33
N LEU A 189 -18.92 43.47 -0.69
CA LEU A 189 -18.88 42.51 -1.79
C LEU A 189 -19.71 41.27 -1.54
N THR A 190 -19.81 40.85 -0.28
CA THR A 190 -20.57 39.64 0.01
C THR A 190 -22.04 39.92 0.30
N CYS A 191 -22.40 41.20 0.32
CA CYS A 191 -23.80 41.63 0.51
C CYS A 191 -24.44 41.09 1.78
N ASN A 192 -23.80 41.28 2.92
CA ASN A 192 -24.34 40.77 4.18
C ASN A 192 -24.43 41.84 5.27
N ASP A 193 -24.30 43.10 4.87
CA ASP A 193 -24.35 44.24 5.79
C ASP A 193 -23.24 44.26 6.83
N TYR A 194 -22.22 43.44 6.62
CA TYR A 194 -21.03 43.47 7.47
C TYR A 194 -19.82 43.80 6.60
N ILE A 195 -18.78 44.37 7.21
CA ILE A 195 -17.53 44.59 6.49
C ILE A 195 -16.44 43.71 7.08
N SER A 196 -15.94 42.76 6.29
CA SER A 196 -14.83 41.94 6.77
C SER A 196 -13.50 42.60 6.44
N VAL A 197 -12.45 42.18 7.13
CA VAL A 197 -11.12 42.71 6.94
C VAL A 197 -10.65 42.40 5.51
N PHE A 198 -11.19 41.31 4.95
CA PHE A 198 -10.90 40.88 3.59
C PHE A 198 -11.53 41.82 2.56
N GLU A 199 -12.79 42.20 2.79
CA GLU A 199 -13.44 43.17 1.93
C GLU A 199 -12.77 44.53 2.01
N PHE A 200 -12.34 44.90 3.22
CA PHE A 200 -11.66 46.17 3.44
C PHE A 200 -10.32 46.19 2.68
N ASP A 201 -9.66 45.04 2.62
CA ASP A 201 -8.39 44.93 1.91
C ASP A 201 -8.60 45.10 0.41
N ILE A 202 -9.65 44.47 -0.12
CA ILE A 202 -9.97 44.57 -1.54
C ILE A 202 -10.30 46.01 -1.92
N PHE A 203 -11.19 46.64 -1.16
CA PHE A 203 -11.61 48.02 -1.42
C PHE A 203 -10.43 48.98 -1.44
N THR A 204 -9.55 48.86 -0.45
CA THR A 204 -8.42 49.79 -0.32
C THR A 204 -7.31 49.52 -1.34
N ARG A 205 -7.18 48.28 -1.80
CA ARG A 205 -6.29 47.99 -2.91
C ARG A 205 -6.82 48.64 -4.20
N LEU A 206 -8.12 48.48 -4.43
CA LEU A 206 -8.75 48.94 -5.66
C LEU A 206 -8.72 50.46 -5.79
N PHE A 207 -8.90 51.15 -4.67
CA PHE A 207 -9.11 52.60 -4.69
C PHE A 207 -8.02 53.40 -3.99
N GLN A 208 -6.85 52.79 -3.80
CA GLN A 208 -5.67 53.48 -3.28
C GLN A 208 -5.33 54.71 -4.15
N PRO A 209 -4.61 55.70 -3.59
CA PRO A 209 -4.05 55.77 -2.24
C PRO A 209 -5.08 56.08 -1.16
N TRP A 210 -4.84 55.56 0.04
CA TRP A 210 -5.75 55.73 1.17
C TRP A 210 -6.05 57.18 1.51
N GLY A 211 -5.06 58.05 1.37
CA GLY A 211 -5.18 59.45 1.75
C GLY A 211 -6.30 60.21 1.08
N SER A 212 -6.72 59.76 -0.10
CA SER A 212 -7.83 60.38 -0.80
C SER A 212 -8.78 59.31 -1.33
N ILE A 213 -8.96 58.24 -0.57
CA ILE A 213 -9.66 57.05 -1.05
C ILE A 213 -11.09 57.33 -1.54
N LEU A 214 -11.83 58.12 -0.78
CA LEU A 214 -13.21 58.42 -1.15
C LEU A 214 -13.28 59.33 -2.37
N ARG A 215 -12.25 60.16 -2.54
CA ARG A 215 -12.15 60.99 -3.72
C ARG A 215 -11.84 60.14 -4.95
N ASN A 216 -10.93 59.18 -4.79
CA ASN A 216 -10.60 58.23 -5.84
C ASN A 216 -11.80 57.40 -6.25
N TRP A 217 -12.55 56.93 -5.25
CA TRP A 217 -13.71 56.08 -5.50
C TRP A 217 -14.79 56.86 -6.25
N ASN A 218 -14.99 58.12 -5.86
CA ASN A 218 -15.92 58.98 -6.59
C ASN A 218 -15.55 59.17 -8.06
N PHE A 219 -14.27 59.47 -8.31
CA PHE A 219 -13.80 59.72 -9.68
C PHE A 219 -13.73 58.44 -10.54
N LEU A 220 -13.46 57.30 -9.91
CA LEU A 220 -13.29 56.06 -10.67
C LEU A 220 -14.58 55.25 -10.80
N ALA A 221 -15.44 55.34 -9.79
CA ALA A 221 -16.60 54.45 -9.74
C ALA A 221 -17.93 55.21 -9.81
N VAL A 222 -18.07 56.28 -9.03
CA VAL A 222 -19.33 57.01 -8.98
C VAL A 222 -19.61 57.84 -10.22
N THR A 223 -18.67 58.70 -10.61
CA THR A 223 -18.89 59.62 -11.71
C THR A 223 -18.26 59.17 -13.01
N HIS A 224 -17.73 57.96 -13.04
CA HIS A 224 -17.13 57.44 -14.25
C HIS A 224 -18.06 56.44 -14.94
N PRO A 225 -18.52 56.78 -16.14
CA PRO A 225 -19.42 55.91 -16.92
C PRO A 225 -18.79 54.57 -17.31
N GLY A 226 -17.49 54.43 -17.13
CA GLY A 226 -16.79 53.21 -17.47
C GLY A 226 -16.96 52.13 -16.41
N TYR A 227 -17.20 52.53 -15.17
CA TYR A 227 -17.28 51.60 -14.06
C TYR A 227 -18.52 50.71 -14.10
N MET A 228 -18.30 49.40 -14.03
CA MET A 228 -19.39 48.42 -14.04
C MET A 228 -19.45 47.67 -12.71
N ALA A 229 -20.59 47.74 -12.04
CA ALA A 229 -20.76 47.11 -10.73
C ALA A 229 -21.23 45.67 -10.88
N PHE A 230 -20.55 44.76 -10.20
CA PHE A 230 -20.91 43.33 -10.21
C PHE A 230 -21.15 42.79 -11.62
N LEU A 231 -20.21 43.05 -12.52
CA LEU A 231 -20.26 42.44 -13.84
C LEU A 231 -19.23 41.32 -13.91
N THR A 232 -19.49 40.34 -14.76
CA THR A 232 -18.55 39.25 -14.94
C THR A 232 -17.85 39.40 -16.27
N TYR A 233 -16.80 38.61 -16.46
CA TYR A 233 -16.04 38.58 -17.71
C TYR A 233 -16.97 38.45 -18.91
N ASP A 234 -17.93 37.53 -18.82
CA ASP A 234 -18.84 37.27 -19.92
C ASP A 234 -19.82 38.41 -20.14
N GLU A 235 -20.31 38.99 -19.05
CA GLU A 235 -21.22 40.12 -19.15
C GLU A 235 -20.54 41.34 -19.78
N VAL A 236 -19.26 41.51 -19.50
CA VAL A 236 -18.48 42.59 -20.10
C VAL A 236 -18.37 42.41 -21.62
N LYS A 237 -18.05 41.18 -22.03
CA LYS A 237 -17.97 40.84 -23.44
C LYS A 237 -19.31 41.05 -24.15
N ALA A 238 -20.39 40.68 -23.47
CA ALA A 238 -21.73 40.82 -24.02
C ALA A 238 -22.16 42.29 -24.10
N ARG A 239 -21.90 43.05 -23.03
CA ARG A 239 -22.25 44.47 -22.99
C ARG A 239 -21.49 45.25 -24.07
N LEU A 240 -20.21 44.95 -24.23
CA LEU A 240 -19.38 45.67 -25.19
C LEU A 240 -19.68 45.28 -26.63
N GLN A 241 -20.39 44.16 -26.80
CA GLN A 241 -20.76 43.69 -28.13
C GLN A 241 -21.62 44.72 -28.86
N LYS A 242 -22.33 45.55 -28.11
CA LYS A 242 -23.15 46.62 -28.68
C LYS A 242 -22.27 47.69 -29.33
N TYR A 243 -20.99 47.72 -28.95
CA TYR A 243 -20.08 48.74 -29.45
C TYR A 243 -18.93 48.16 -30.25
N SER A 244 -19.14 46.99 -30.85
CA SER A 244 -18.13 46.36 -31.69
C SER A 244 -17.78 47.27 -32.86
N THR A 245 -18.77 48.03 -33.31
CA THR A 245 -18.62 48.93 -34.45
C THR A 245 -17.82 50.18 -34.08
N LYS A 246 -17.64 50.41 -32.78
CA LYS A 246 -16.91 51.58 -32.31
C LYS A 246 -15.71 51.19 -31.46
N PRO A 247 -14.56 50.96 -32.12
CA PRO A 247 -13.30 50.66 -31.42
C PRO A 247 -12.90 51.80 -30.48
N GLY A 248 -12.31 51.45 -29.36
CA GLY A 248 -11.96 52.44 -28.35
C GLY A 248 -12.97 52.42 -27.22
N SER A 249 -14.08 51.74 -27.43
CA SER A 249 -15.10 51.59 -26.40
C SER A 249 -14.55 50.70 -25.29
N TYR A 250 -14.66 51.15 -24.05
CA TYR A 250 -14.09 50.40 -22.94
C TYR A 250 -14.92 50.50 -21.67
N ILE A 251 -14.83 49.45 -20.85
CA ILE A 251 -15.39 49.46 -19.50
C ILE A 251 -14.44 48.75 -18.54
N PHE A 252 -14.57 49.03 -17.25
CA PHE A 252 -13.74 48.37 -16.25
C PHE A 252 -14.56 47.96 -15.04
N ARG A 253 -14.04 46.97 -14.32
CA ARG A 253 -14.74 46.41 -13.17
C ARG A 253 -13.78 45.58 -12.32
N LEU A 254 -14.25 45.18 -11.15
CA LEU A 254 -13.50 44.27 -10.28
C LEU A 254 -13.28 42.94 -10.97
N SER A 255 -12.03 42.47 -11.00
CA SER A 255 -11.74 41.12 -11.47
C SER A 255 -12.28 40.11 -10.48
N CYS A 256 -12.88 39.04 -11.00
CA CYS A 256 -13.47 37.99 -10.19
C CYS A 256 -12.43 36.99 -9.67
N THR A 257 -11.47 36.63 -10.52
CA THR A 257 -10.44 35.66 -10.13
C THR A 257 -9.23 36.28 -9.40
N ARG A 258 -9.04 37.59 -9.55
CA ARG A 258 -7.95 38.27 -8.84
C ARG A 258 -8.51 39.43 -8.03
N LEU A 259 -9.13 39.11 -6.91
CA LEU A 259 -9.79 40.11 -6.09
C LEU A 259 -8.82 41.17 -5.60
N GLY A 260 -9.22 42.42 -5.73
CA GLY A 260 -8.38 43.54 -5.37
C GLY A 260 -7.76 44.16 -6.60
N GLN A 261 -8.03 43.57 -7.77
CA GLN A 261 -7.47 44.04 -9.02
C GLN A 261 -8.52 44.36 -10.08
N TRP A 262 -8.19 45.29 -10.97
CA TRP A 262 -9.12 45.76 -11.99
C TRP A 262 -8.99 44.98 -13.28
N ALA A 263 -10.12 44.79 -13.96
CA ALA A 263 -10.15 44.24 -15.30
C ALA A 263 -10.72 45.28 -16.25
N ILE A 264 -9.95 45.61 -17.30
CA ILE A 264 -10.42 46.56 -18.29
C ILE A 264 -10.76 45.84 -19.58
N GLY A 265 -11.99 46.02 -20.04
CA GLY A 265 -12.41 45.45 -21.30
C GLY A 265 -12.48 46.54 -22.36
N TYR A 266 -11.97 46.27 -23.54
CA TYR A 266 -11.98 47.28 -24.59
C TYR A 266 -12.22 46.69 -25.98
N VAL A 267 -12.71 47.52 -26.88
CA VAL A 267 -12.93 47.14 -28.26
C VAL A 267 -11.75 47.58 -29.09
N THR A 268 -11.10 46.63 -29.77
CA THR A 268 -9.89 46.91 -30.52
C THR A 268 -10.17 47.33 -31.95
N GLY A 269 -9.10 47.63 -32.68
CA GLY A 269 -9.15 47.72 -34.13
C GLY A 269 -8.62 46.40 -34.68
N ASP A 270 -9.49 45.63 -35.31
CA ASP A 270 -10.86 46.06 -35.57
C ASP A 270 -11.92 45.07 -35.10
N GLY A 271 -12.64 45.44 -34.04
CA GLY A 271 -13.89 44.79 -33.71
C GLY A 271 -13.90 43.73 -32.63
N ASN A 272 -12.74 43.28 -32.19
CA ASN A 272 -12.66 42.24 -31.18
C ASN A 272 -12.60 42.78 -29.74
N ILE A 273 -13.17 42.03 -28.80
CA ILE A 273 -13.22 42.47 -27.41
C ILE A 273 -12.14 41.77 -26.58
N LEU A 274 -11.28 42.57 -25.95
CA LEU A 274 -10.20 42.06 -25.11
C LEU A 274 -10.31 42.59 -23.69
N GLN A 275 -9.87 41.78 -22.73
CA GLN A 275 -9.89 42.18 -21.34
C GLN A 275 -8.51 42.01 -20.72
N THR A 276 -8.08 43.01 -19.97
CA THR A 276 -6.74 43.01 -19.40
C THR A 276 -6.74 43.45 -17.95
N ILE A 277 -5.73 42.98 -17.20
CA ILE A 277 -5.54 43.39 -15.82
C ILE A 277 -4.21 44.10 -15.65
N PRO A 278 -4.25 45.38 -15.27
CA PRO A 278 -3.01 46.05 -14.89
C PRO A 278 -2.63 45.56 -13.49
N HIS A 279 -1.71 44.60 -13.42
CA HIS A 279 -1.43 43.92 -12.16
C HIS A 279 -0.77 44.82 -11.11
N ASN A 280 -1.51 45.03 -10.02
CA ASN A 280 -1.06 45.88 -8.91
C ASN A 280 -0.57 47.28 -9.33
N LYS A 281 -1.04 47.76 -10.47
CA LYS A 281 -0.75 49.11 -10.95
C LYS A 281 -2.01 49.96 -10.79
N PRO A 282 -1.85 51.22 -10.38
CA PRO A 282 -3.01 52.09 -10.16
C PRO A 282 -3.84 52.25 -11.42
N LEU A 283 -5.16 52.12 -11.29
CA LEU A 283 -6.08 52.22 -12.41
C LEU A 283 -6.02 53.59 -13.09
N PHE A 284 -5.87 54.64 -12.29
CA PHE A 284 -5.83 56.00 -12.82
C PHE A 284 -4.78 56.13 -13.92
N GLN A 285 -3.58 55.65 -13.65
CA GLN A 285 -2.49 55.74 -14.61
C GLN A 285 -2.76 54.87 -15.83
N ALA A 286 -3.38 53.71 -15.61
CA ALA A 286 -3.70 52.79 -16.69
C ALA A 286 -4.73 53.37 -17.65
N LEU A 287 -5.72 54.07 -17.10
CA LEU A 287 -6.74 54.72 -17.92
C LEU A 287 -6.14 55.92 -18.65
N ILE A 288 -5.21 56.61 -18.00
CA ILE A 288 -4.56 57.77 -18.60
C ILE A 288 -3.71 57.35 -19.80
N ASP A 289 -2.89 56.31 -19.61
CA ASP A 289 -2.03 55.81 -20.67
C ASP A 289 -2.85 55.12 -21.76
N GLY A 290 -3.93 54.46 -21.37
CA GLY A 290 -4.81 53.80 -22.32
C GLY A 290 -5.51 54.79 -23.23
N SER A 291 -5.88 55.94 -22.66
CA SER A 291 -6.49 57.00 -23.44
C SER A 291 -5.48 57.67 -24.36
N ARG A 292 -4.26 57.84 -23.87
CA ARG A 292 -3.22 58.54 -24.62
C ARG A 292 -2.82 57.79 -25.89
N GLU A 293 -2.80 56.47 -25.80
CA GLU A 293 -2.40 55.64 -26.94
C GLU A 293 -3.62 55.17 -27.73
N GLY A 294 -4.78 55.78 -27.44
CA GLY A 294 -5.98 55.57 -28.20
C GLY A 294 -6.65 54.21 -28.05
N PHE A 295 -6.44 53.57 -26.91
CA PHE A 295 -7.07 52.28 -26.65
C PHE A 295 -8.37 52.43 -25.89
N TYR A 296 -8.35 53.26 -24.84
CA TYR A 296 -9.53 53.50 -24.02
C TYR A 296 -10.04 54.89 -24.31
N LEU A 297 -11.01 54.99 -25.21
CA LEU A 297 -11.46 56.29 -25.68
C LEU A 297 -12.92 56.58 -25.35
N TYR A 298 -13.75 55.54 -25.34
CA TYR A 298 -15.19 55.75 -25.20
C TYR A 298 -15.79 54.89 -24.11
N PRO A 299 -15.83 55.41 -22.87
CA PRO A 299 -16.29 54.65 -21.70
C PRO A 299 -17.75 54.24 -21.87
N ASP A 300 -18.00 52.93 -21.87
CA ASP A 300 -19.35 52.40 -22.07
C ASP A 300 -19.96 52.91 -23.37
N GLY A 301 -19.10 53.12 -24.38
CA GLY A 301 -19.55 53.57 -25.68
C GLY A 301 -19.91 55.04 -25.78
N ARG A 302 -19.64 55.80 -24.72
CA ARG A 302 -19.99 57.22 -24.70
C ARG A 302 -18.95 58.11 -25.35
N SER A 303 -19.41 59.24 -25.88
CA SER A 303 -18.58 60.16 -26.66
C SER A 303 -17.45 60.80 -25.86
N TYR A 304 -17.75 61.26 -24.65
CA TYR A 304 -16.73 61.93 -23.85
C TYR A 304 -16.01 61.03 -22.86
N ASN A 305 -14.69 61.14 -22.85
CA ASN A 305 -13.84 60.38 -21.96
C ASN A 305 -13.20 61.29 -20.91
N PRO A 306 -13.55 61.07 -19.63
CA PRO A 306 -13.09 61.91 -18.52
C PRO A 306 -11.57 61.99 -18.44
N ASP A 307 -11.05 63.16 -18.07
CA ASP A 307 -9.61 63.33 -17.88
C ASP A 307 -9.28 63.16 -16.40
N LEU A 308 -8.43 62.19 -16.11
CA LEU A 308 -8.06 61.86 -14.73
C LEU A 308 -6.67 62.38 -14.39
N THR A 309 -6.10 63.17 -15.30
CA THR A 309 -4.77 63.72 -15.12
C THR A 309 -4.66 64.55 -13.84
N GLY A 310 -3.71 64.19 -12.98
CA GLY A 310 -3.46 64.95 -11.77
C GLY A 310 -4.57 64.90 -10.74
N LEU A 311 -5.52 63.98 -10.93
CA LEU A 311 -6.56 63.76 -9.94
C LEU A 311 -6.05 62.82 -8.86
N CYS A 312 -4.75 62.54 -8.92
CA CYS A 312 -4.08 61.76 -7.88
C CYS A 312 -2.63 62.16 -7.76
N GLU A 313 -2.39 63.26 -7.06
CA GLU A 313 -1.02 63.65 -6.74
C GLU A 313 -0.38 62.54 -5.93
N PRO A 314 0.72 61.95 -6.45
CA PRO A 314 1.35 60.90 -5.65
C PRO A 314 2.03 61.53 -4.44
N THR A 315 1.45 61.33 -3.26
CA THR A 315 2.09 61.76 -2.02
C THR A 315 3.48 61.17 -2.02
N PRO A 316 4.50 62.00 -2.33
CA PRO A 316 5.83 61.55 -2.76
C PRO A 316 6.41 60.45 -1.88
N HIS A 317 6.91 59.42 -2.52
CA HIS A 317 7.42 58.22 -1.86
C HIS A 317 8.12 58.52 -0.53
N ASP A 318 7.55 58.01 0.55
CA ASP A 318 8.11 58.22 1.88
C ASP A 318 9.56 57.71 1.92
N HIS A 319 10.48 58.63 2.19
CA HIS A 319 11.89 58.28 2.26
C HIS A 319 12.18 57.38 3.45
N ILE A 320 13.10 56.44 3.24
CA ILE A 320 13.59 55.60 4.31
C ILE A 320 15.02 56.03 4.54
N LYS A 321 15.37 56.31 5.80
CA LYS A 321 16.69 56.83 6.11
C LYS A 321 17.58 55.73 6.70
N VAL A 322 18.60 55.32 5.93
CA VAL A 322 19.55 54.34 6.42
C VAL A 322 20.17 54.82 7.72
N THR A 323 19.88 54.10 8.79
CA THR A 323 20.41 54.44 10.11
C THR A 323 21.91 54.21 10.14
N GLN A 324 22.58 54.77 11.14
CA GLN A 324 24.00 54.54 11.32
C GLN A 324 24.27 53.06 11.62
N GLU A 325 23.39 52.45 12.41
CA GLU A 325 23.50 51.04 12.78
C GLU A 325 23.60 50.15 11.54
N GLN A 326 22.67 50.36 10.60
CA GLN A 326 22.63 49.59 9.37
C GLN A 326 23.86 49.84 8.50
N PHE A 327 24.22 51.11 8.31
CA PHE A 327 25.39 51.47 7.52
C PHE A 327 26.61 50.66 7.96
N GLU A 328 26.93 50.75 9.26
CA GLU A 328 28.02 49.98 9.83
C GLU A 328 27.89 48.47 9.58
N LEU A 329 26.65 47.97 9.59
CA LEU A 329 26.40 46.54 9.43
C LEU A 329 26.71 46.08 8.00
N CYS A 331 28.47 47.74 5.97
CA CYS A 331 29.88 48.06 5.80
C CYS A 331 30.77 46.89 6.21
N GLU A 332 30.39 46.21 7.28
CA GLU A 332 31.16 45.08 7.76
C GLU A 332 31.03 43.90 6.79
N MET A 333 30.09 44.01 5.86
CA MET A 333 29.86 42.99 4.84
C MET A 333 30.35 43.43 3.47
N GLY A 334 30.97 44.61 3.41
CA GLY A 334 31.44 45.17 2.15
C GLY A 334 30.31 45.55 1.21
N SER A 335 29.16 45.87 1.79
CA SER A 335 28.00 46.22 0.99
C SER A 335 27.27 47.43 1.56
N THR A 336 26.08 47.71 1.04
CA THR A 336 25.26 48.81 1.53
C THR A 336 23.81 48.34 1.74
N PHE A 337 23.12 49.00 2.66
CA PHE A 337 21.72 48.69 2.90
C PHE A 337 20.90 48.98 1.65
N GLN A 338 21.22 50.08 0.98
CA GLN A 338 20.40 50.56 -0.12
C GLN A 338 20.39 49.62 -1.32
N LEU A 339 21.46 48.84 -1.46
CA LEU A 339 21.61 47.97 -2.62
C LEU A 339 20.53 46.89 -2.67
N CYS A 340 19.95 46.70 -3.84
CA CYS A 340 19.03 45.60 -4.09
C CYS A 340 19.81 44.29 -3.98
N LYS A 341 19.36 43.38 -3.12
CA LYS A 341 20.11 42.15 -2.89
C LYS A 341 19.68 41.02 -3.80
N ILE A 342 18.93 41.33 -4.85
CA ILE A 342 18.62 40.35 -5.87
C ILE A 342 19.60 40.50 -7.05
N CYS A 343 19.68 41.71 -7.61
CA CYS A 343 20.58 41.95 -8.74
C CYS A 343 21.99 42.37 -8.31
N ALA A 344 22.11 42.87 -7.09
CA ALA A 344 23.37 43.45 -6.58
C ALA A 344 23.87 44.59 -7.46
N GLU A 345 22.94 45.28 -8.13
CA GLU A 345 23.30 46.30 -9.10
C GLU A 345 22.60 47.64 -8.82
N ASN A 346 21.28 47.66 -8.99
CA ASN A 346 20.48 48.85 -8.68
C ASN A 346 20.24 48.95 -7.18
N ASP A 347 19.72 50.09 -6.74
CA ASP A 347 19.35 50.25 -5.34
C ASP A 347 17.89 49.91 -5.15
N LYS A 348 17.52 49.59 -3.90
CA LYS A 348 16.12 49.34 -3.55
C LYS A 348 15.25 50.55 -3.87
N ASP A 349 14.20 50.34 -4.67
CA ASP A 349 13.26 51.42 -4.95
C ASP A 349 11.79 51.02 -4.88
N VAL A 350 11.52 49.79 -4.43
CA VAL A 350 10.14 49.34 -4.25
C VAL A 350 9.95 48.55 -2.96
N LYS A 351 8.81 48.78 -2.31
CA LYS A 351 8.45 48.04 -1.11
C LYS A 351 7.30 47.09 -1.42
N ILE A 352 7.50 45.81 -1.12
CA ILE A 352 6.45 44.81 -1.35
C ILE A 352 5.47 44.82 -0.18
N GLU A 353 4.18 44.76 -0.49
CA GLU A 353 3.15 44.74 0.55
C GLU A 353 2.37 43.42 0.48
N PRO A 354 1.95 42.90 1.65
CA PRO A 354 2.06 43.50 2.98
C PRO A 354 3.36 43.21 3.74
N CYS A 355 4.25 42.37 3.19
CA CYS A 355 5.39 41.90 3.98
C CYS A 355 6.42 43.00 4.29
N GLY A 356 6.49 44.03 3.45
CA GLY A 356 7.37 45.16 3.71
C GLY A 356 8.79 45.02 3.20
N HIS A 357 9.12 43.91 2.56
CA HIS A 357 10.48 43.72 2.06
C HIS A 357 10.81 44.60 0.84
N LEU A 358 12.08 44.95 0.70
CA LEU A 358 12.52 45.91 -0.31
C LEU A 358 13.38 45.29 -1.41
N MET A 359 13.23 45.80 -2.63
CA MET A 359 14.08 45.43 -3.75
C MET A 359 13.90 46.48 -4.84
N CYS A 360 14.49 46.26 -6.02
CA CYS A 360 14.32 47.22 -7.10
C CYS A 360 13.20 46.77 -8.04
N THR A 361 12.59 47.73 -8.74
CA THR A 361 11.45 47.45 -9.60
C THR A 361 11.83 46.53 -10.75
N SER A 362 13.02 46.73 -11.30
CA SER A 362 13.51 45.89 -12.38
C SER A 362 13.51 44.40 -12.01
N CYS A 363 13.98 44.07 -10.81
CA CYS A 363 14.03 42.67 -10.38
C CYS A 363 12.66 42.12 -10.06
N LEU A 364 11.80 42.95 -9.45
CA LEU A 364 10.45 42.54 -9.15
C LEU A 364 9.73 42.21 -10.45
N THR A 365 9.88 43.10 -11.43
CA THR A 365 9.26 42.92 -12.73
C THR A 365 9.79 41.67 -13.41
N ALA A 366 11.12 41.52 -13.41
CA ALA A 366 11.77 40.34 -13.98
C ALA A 366 11.31 39.04 -13.31
N TRP A 367 11.18 39.07 -11.98
CA TRP A 367 10.73 37.92 -11.23
C TRP A 367 9.32 37.49 -11.64
N GLN A 368 8.40 38.45 -11.65
CA GLN A 368 7.02 38.15 -11.99
C GLN A 368 6.86 37.83 -13.47
N GLU A 369 7.73 38.39 -14.30
CA GLU A 369 7.70 38.12 -15.73
C GLU A 369 8.15 36.69 -16.03
N SER A 370 8.97 36.13 -15.14
CA SER A 370 9.47 34.77 -15.31
C SER A 370 8.56 33.74 -14.64
N ASP A 371 7.31 34.13 -14.40
CA ASP A 371 6.31 33.29 -13.72
C ASP A 371 6.66 33.01 -12.26
N GLY A 372 7.54 33.83 -11.69
CA GLY A 372 7.87 33.70 -10.28
C GLY A 372 6.76 34.28 -9.41
N GLN A 373 6.64 33.79 -8.19
CA GLN A 373 5.56 34.26 -7.32
C GLN A 373 5.99 34.48 -5.88
N GLY A 374 5.36 35.45 -5.23
CA GLY A 374 5.62 35.74 -3.84
C GLY A 374 6.90 36.51 -3.65
N CYS A 375 7.00 37.19 -2.52
CA CYS A 375 8.19 37.91 -2.16
C CYS A 375 9.38 36.94 -2.18
N PRO A 376 10.50 37.37 -2.79
CA PRO A 376 11.69 36.51 -2.86
C PRO A 376 12.22 36.14 -1.48
N PHE A 377 11.98 36.99 -0.49
CA PHE A 377 12.61 36.81 0.81
C PHE A 377 11.77 36.00 1.79
N CYS A 378 10.45 36.05 1.65
CA CYS A 378 9.56 35.40 2.62
C CYS A 378 8.44 34.58 1.98
N ARG A 379 8.34 34.63 0.65
CA ARG A 379 7.34 33.90 -0.14
C ARG A 379 5.90 34.39 0.02
N CYS A 380 5.68 35.42 0.84
CA CYS A 380 4.35 35.99 1.03
CA CYS A 380 4.33 35.93 1.01
C CYS A 380 3.82 36.60 -0.27
N GLU A 381 2.53 36.43 -0.51
CA GLU A 381 1.88 36.95 -1.71
C GLU A 381 2.15 38.43 -1.88
N ILE A 382 2.48 38.84 -3.11
CA ILE A 382 2.68 40.24 -3.44
C ILE A 382 1.33 40.86 -3.78
N LYS A 383 0.68 41.46 -2.79
CA LYS A 383 -0.65 42.01 -2.98
C LYS A 383 -0.62 43.47 -3.39
N GLY A 384 0.55 44.09 -3.24
CA GLY A 384 0.72 45.48 -3.59
C GLY A 384 2.16 45.91 -3.47
N THR A 385 2.47 47.07 -4.02
CA THR A 385 3.81 47.65 -3.95
C THR A 385 3.71 49.14 -3.71
N GLU A 386 4.77 49.72 -3.16
CA GLU A 386 4.85 51.16 -3.00
C GLU A 386 6.25 51.58 -3.42
N PRO A 387 6.35 52.61 -4.28
CA PRO A 387 7.68 53.10 -4.66
C PRO A 387 8.32 53.78 -3.46
N ILE A 388 9.61 53.54 -3.24
CA ILE A 388 10.31 54.16 -2.13
C ILE A 388 11.67 54.69 -2.56
N ILE A 389 12.21 55.61 -1.77
CA ILE A 389 13.56 56.09 -1.97
C ILE A 389 14.39 55.81 -0.72
N VAL A 390 15.45 55.04 -0.87
CA VAL A 390 16.37 54.79 0.23
C VAL A 390 17.47 55.84 0.22
N ASP A 391 17.45 56.73 1.20
CA ASP A 391 18.49 57.74 1.34
C ASP A 391 19.71 57.10 1.98
N PRO A 392 20.83 57.07 1.24
CA PRO A 392 22.09 56.52 1.74
C PRO A 392 22.51 57.25 3.01
N PHE A 393 23.10 56.54 3.96
CA PHE A 393 23.58 57.19 5.17
C PHE A 393 24.76 58.09 4.83
N ASP A 394 25.44 57.78 3.72
CA ASP A 394 26.53 58.61 3.24
C ASP A 394 26.01 59.82 2.47
N SER B 4 -5.58 29.25 -19.96
CA SER B 4 -5.77 30.70 -20.01
C SER B 4 -6.91 31.14 -19.10
N ASP B 5 -6.91 32.41 -18.72
CA ASP B 5 -7.96 32.97 -17.91
C ASP B 5 -8.83 33.95 -18.71
N GLY B 6 -8.38 34.26 -19.92
CA GLY B 6 -9.07 35.18 -20.80
C GLY B 6 -8.54 36.59 -20.67
N THR B 8 -5.48 39.19 -21.44
CA THR B 8 -4.36 39.42 -22.34
C THR B 8 -3.52 40.60 -21.82
N PRO B 9 -2.25 40.70 -22.28
CA PRO B 9 -1.39 41.79 -21.81
C PRO B 9 -1.98 43.18 -22.05
N GLU B 10 -1.56 44.14 -21.24
CA GLU B 10 -2.00 45.52 -21.39
C GLU B 10 -1.66 46.07 -22.77
N PRO B 11 -2.61 46.77 -23.39
CA PRO B 11 -2.40 47.39 -24.71
C PRO B 11 -1.29 48.45 -24.65
N ALA B 12 -0.32 48.34 -25.55
CA ALA B 12 0.81 49.25 -25.57
C ALA B 12 1.27 49.53 -27.00
N ALA C 1 23.33 38.97 -14.52
CA ALA C 1 23.73 37.84 -13.68
C ALA C 1 25.14 38.02 -13.15
N LEU C 2 26.02 38.55 -13.99
CA LEU C 2 27.44 38.64 -13.67
C LEU C 2 27.71 39.38 -12.36
N LYS C 3 27.14 40.56 -12.22
CA LYS C 3 27.29 41.34 -10.99
C LYS C 3 26.79 40.57 -9.76
N ARG C 4 25.68 39.84 -9.93
CA ARG C 4 25.13 39.04 -8.85
C ARG C 4 26.06 37.87 -8.50
N ILE C 5 26.57 37.19 -9.51
CA ILE C 5 27.45 36.05 -9.29
C ILE C 5 28.79 36.49 -8.68
N HIS C 6 29.30 37.63 -9.13
CA HIS C 6 30.55 38.17 -8.59
C HIS C 6 30.40 38.52 -7.10
N LYS C 7 29.28 39.13 -6.74
CA LYS C 7 29.05 39.46 -5.34
C LYS C 7 28.96 38.21 -4.47
N GLU C 8 28.36 37.16 -5.00
CA GLU C 8 28.31 35.89 -4.28
C GLU C 8 29.71 35.35 -4.07
N LEU C 9 30.53 35.41 -5.11
CA LEU C 9 31.90 34.93 -5.03
C LEU C 9 32.72 35.75 -4.05
N ASN C 10 32.50 37.06 -4.06
CA ASN C 10 33.23 37.95 -3.15
C ASN C 10 32.83 37.71 -1.70
N ASP C 11 31.54 37.51 -1.47
CA ASP C 11 31.04 37.26 -0.13
C ASP C 11 31.53 35.93 0.42
N LEU C 12 31.69 34.95 -0.47
CA LEU C 12 32.23 33.64 -0.08
C LEU C 12 33.69 33.73 0.36
N ALA C 13 34.47 34.55 -0.34
CA ALA C 13 35.87 34.76 0.01
C ALA C 13 35.97 35.45 1.36
N ARG C 14 35.17 36.50 1.53
CA ARG C 14 35.15 37.28 2.77
C ARG C 14 34.66 36.48 3.98
N ASP C 15 33.57 35.73 3.80
CA ASP C 15 32.99 34.97 4.91
C ASP C 15 32.76 33.51 4.49
N PRO C 16 33.85 32.71 4.48
CA PRO C 16 33.79 31.32 4.01
C PRO C 16 32.90 30.45 4.89
N PRO C 17 31.91 29.79 4.28
CA PRO C 17 31.08 28.83 5.03
C PRO C 17 31.89 27.62 5.44
N ALA C 18 31.44 26.90 6.47
CA ALA C 18 32.19 25.76 6.99
C ALA C 18 31.71 24.44 6.40
N GLN C 19 30.41 24.35 6.15
CA GLN C 19 29.78 23.10 5.71
C GLN C 19 29.95 22.85 4.22
N CYS C 20 30.26 23.91 3.47
CA CYS C 20 30.38 23.81 2.03
C CYS C 20 31.38 24.81 1.46
N ARG C 21 31.85 24.53 0.26
CA ARG C 21 32.75 25.43 -0.44
C ARG C 21 32.39 25.37 -1.91
N ALA C 22 32.51 26.51 -2.60
CA ALA C 22 32.15 26.58 -4.01
C ALA C 22 32.92 27.69 -4.72
N GLY C 23 33.28 27.46 -5.96
CA GLY C 23 33.97 28.46 -6.76
C GLY C 23 33.94 28.15 -8.25
N PRO C 24 34.23 29.16 -9.08
CA PRO C 24 34.16 28.99 -10.54
C PRO C 24 35.20 27.99 -11.05
N VAL C 25 34.89 27.36 -12.18
CA VAL C 25 35.84 26.49 -12.85
C VAL C 25 36.58 27.30 -13.91
N GLY C 26 37.82 27.67 -13.62
CA GLY C 26 38.60 28.45 -14.56
C GLY C 26 38.11 29.87 -14.70
N ASP C 27 37.88 30.31 -15.93
CA ASP C 27 37.48 31.69 -16.19
C ASP C 27 35.96 31.85 -16.35
N ASP C 28 35.25 30.74 -16.42
CA ASP C 28 33.81 30.77 -16.66
C ASP C 28 33.04 30.96 -15.36
N MET C 29 32.49 32.16 -15.17
CA MET C 29 31.74 32.48 -13.96
C MET C 29 30.39 31.78 -13.87
N PHE C 30 29.96 31.15 -14.96
CA PHE C 30 28.66 30.48 -14.98
C PHE C 30 28.78 28.97 -14.72
N HIS C 31 30.01 28.50 -14.59
CA HIS C 31 30.28 27.10 -14.30
C HIS C 31 31.08 26.98 -13.02
N TRP C 32 30.46 26.52 -11.95
CA TRP C 32 31.12 26.36 -10.66
C TRP C 32 31.23 24.90 -10.23
N GLN C 33 32.14 24.63 -9.30
CA GLN C 33 32.23 23.34 -8.66
C GLN C 33 32.13 23.54 -7.15
N ALA C 34 31.45 22.64 -6.46
CA ALA C 34 31.29 22.77 -5.02
C ALA C 34 31.57 21.48 -4.26
N THR C 35 31.85 21.63 -2.96
CA THR C 35 31.87 20.50 -2.04
C THR C 35 30.88 20.73 -0.92
N ILE C 36 30.32 19.64 -0.42
CA ILE C 36 29.49 19.62 0.76
C ILE C 36 30.09 18.59 1.69
N MET C 37 30.27 18.95 2.96
CA MET C 37 30.71 17.97 3.93
C MET C 37 29.53 17.20 4.49
N GLY C 38 29.64 15.88 4.52
CA GLY C 38 28.63 15.04 5.12
C GLY C 38 28.40 15.40 6.58
N PRO C 39 27.14 15.62 6.94
CA PRO C 39 26.80 16.05 8.31
C PRO C 39 27.31 15.05 9.35
N ASN C 40 27.75 15.54 10.49
CA ASN C 40 28.17 14.66 11.57
C ASN C 40 26.98 13.91 12.14
N ASP C 41 27.25 12.77 12.78
CA ASP C 41 26.23 11.94 13.39
C ASP C 41 25.16 11.55 12.37
N SER C 42 25.60 10.99 11.25
CA SER C 42 24.72 10.58 10.18
C SER C 42 25.48 9.55 9.35
N PRO C 43 24.79 8.82 8.46
CA PRO C 43 25.51 7.85 7.63
C PRO C 43 26.50 8.49 6.67
N TYR C 44 26.45 9.81 6.51
CA TYR C 44 27.31 10.50 5.55
C TYR C 44 28.52 11.16 6.21
N GLN C 45 28.68 10.98 7.52
CA GLN C 45 29.79 11.64 8.22
C GLN C 45 31.14 11.16 7.71
N GLY C 46 32.07 12.10 7.59
CA GLY C 46 33.38 11.84 7.02
C GLY C 46 33.39 12.04 5.52
N GLY C 47 32.20 12.04 4.92
CA GLY C 47 32.08 12.15 3.48
C GLY C 47 32.33 13.55 2.94
N VAL C 48 32.95 13.62 1.78
CA VAL C 48 33.09 14.87 1.05
C VAL C 48 32.44 14.69 -0.30
N PHE C 49 31.42 15.49 -0.59
CA PHE C 49 30.64 15.28 -1.80
C PHE C 49 30.77 16.46 -2.76
N PHE C 50 31.15 16.16 -4.00
CA PHE C 50 31.33 17.21 -5.01
C PHE C 50 30.09 17.40 -5.88
N LEU C 51 29.85 18.64 -6.28
CA LEU C 51 28.73 18.97 -7.14
C LEU C 51 29.17 19.90 -8.27
N THR C 52 28.51 19.78 -9.41
CA THR C 52 28.74 20.68 -10.53
C THR C 52 27.57 21.64 -10.65
N ILE C 53 27.87 22.92 -10.84
CA ILE C 53 26.86 23.97 -10.84
C ILE C 53 26.92 24.82 -12.12
N HIS C 54 25.77 25.01 -12.76
CA HIS C 54 25.69 25.90 -13.90
C HIS C 54 24.62 26.97 -13.67
N PHE C 55 25.07 28.23 -13.66
CA PHE C 55 24.15 29.36 -13.58
C PHE C 55 23.63 29.67 -14.98
N PRO C 56 22.30 29.71 -15.14
CA PRO C 56 21.71 30.07 -16.43
C PRO C 56 21.90 31.55 -16.69
N THR C 57 21.77 31.96 -17.95
CA THR C 57 21.95 33.35 -18.33
C THR C 57 20.98 34.30 -17.61
N ASP C 58 19.80 33.81 -17.26
CA ASP C 58 18.82 34.64 -16.56
C ASP C 58 18.82 34.48 -15.03
N TYR C 59 19.89 33.90 -14.49
CA TYR C 59 20.12 33.89 -13.03
C TYR C 59 20.09 35.35 -12.57
N PRO C 60 19.49 35.63 -11.41
CA PRO C 60 18.94 34.68 -10.42
C PRO C 60 17.43 34.42 -10.55
N PHE C 61 16.84 34.72 -11.69
CA PHE C 61 15.41 34.57 -11.84
C PHE C 61 15.02 33.14 -12.22
N LYS C 62 16.02 32.37 -12.60
CA LYS C 62 15.86 30.93 -12.79
C LYS C 62 16.93 30.25 -11.93
N PRO C 63 16.63 29.06 -11.40
CA PRO C 63 17.54 28.40 -10.46
C PRO C 63 18.83 27.92 -11.12
N PRO C 64 19.89 27.80 -10.32
CA PRO C 64 21.12 27.16 -10.79
C PRO C 64 20.85 25.69 -11.08
N LYS C 65 21.56 25.13 -12.04
CA LYS C 65 21.46 23.72 -12.34
C LYS C 65 22.55 22.99 -11.54
N VAL C 66 22.12 22.17 -10.58
CA VAL C 66 23.05 21.57 -9.61
C VAL C 66 22.93 20.05 -9.60
N ALA C 67 24.07 19.37 -9.68
CA ALA C 67 24.07 17.92 -9.69
C ALA C 67 25.30 17.37 -8.97
N PHE C 68 25.14 16.28 -8.24
CA PHE C 68 26.28 15.63 -7.59
C PHE C 68 27.16 14.96 -8.64
N THR C 69 28.47 14.97 -8.41
CA THR C 69 29.37 14.14 -9.20
C THR C 69 29.98 13.05 -8.33
N THR C 70 29.79 13.17 -7.02
CA THR C 70 30.15 12.09 -6.09
C THR C 70 28.91 11.23 -5.88
N ARG C 71 29.09 9.92 -5.83
CA ARG C 71 27.96 9.02 -5.61
C ARG C 71 27.45 9.19 -4.19
N ILE C 72 26.13 9.14 -4.03
CA ILE C 72 25.51 9.25 -2.72
C ILE C 72 24.22 8.43 -2.66
N TYR C 73 24.01 7.73 -1.55
CA TYR C 73 22.84 6.87 -1.36
C TYR C 73 21.71 7.65 -0.68
N HIS C 74 20.65 7.95 -1.44
CA HIS C 74 19.59 8.83 -0.96
C HIS C 74 18.31 8.66 -1.78
N PRO C 75 17.14 8.76 -1.13
CA PRO C 75 15.84 8.64 -1.81
C PRO C 75 15.58 9.72 -2.88
N ASN C 76 16.15 10.91 -2.72
CA ASN C 76 15.86 12.04 -3.62
C ASN C 76 17.04 12.45 -4.49
N ILE C 77 18.07 11.62 -4.52
CA ILE C 77 19.25 11.85 -5.35
C ILE C 77 19.58 10.54 -6.05
N ASN C 78 19.69 10.56 -7.38
CA ASN C 78 19.92 9.31 -8.11
C ASN C 78 21.36 9.10 -8.58
N SER C 79 21.59 8.01 -9.30
CA SER C 79 22.93 7.64 -9.73
C SER C 79 23.49 8.54 -10.85
N ASN C 80 22.64 9.40 -11.42
CA ASN C 80 23.09 10.43 -12.34
C ASN C 80 23.64 11.66 -11.60
N GLY C 81 23.43 11.69 -10.28
CA GLY C 81 23.77 12.87 -9.50
C GLY C 81 22.65 13.88 -9.44
N SER C 82 21.53 13.55 -10.09
CA SER C 82 20.39 14.44 -10.18
C SER C 82 19.69 14.59 -8.83
N ILE C 83 19.31 15.82 -8.48
CA ILE C 83 18.70 16.12 -7.19
C ILE C 83 17.26 16.59 -7.39
N LYS C 84 16.29 15.80 -6.95
CA LYS C 84 14.91 16.25 -7.05
C LYS C 84 14.53 16.99 -5.77
N LEU C 85 14.45 18.31 -5.87
CA LEU C 85 14.31 19.19 -4.72
C LEU C 85 13.57 20.43 -5.17
N ASP C 86 12.53 20.82 -4.42
CA ASP C 86 11.61 21.84 -4.89
C ASP C 86 12.22 23.24 -5.10
N ILE C 87 13.19 23.63 -4.26
CA ILE C 87 13.82 24.94 -4.45
C ILE C 87 14.70 24.99 -5.70
N LEU C 88 14.99 23.83 -6.27
CA LEU C 88 15.76 23.81 -7.52
C LEU C 88 14.83 23.88 -8.73
N ARG C 89 13.54 23.99 -8.48
CA ARG C 89 12.56 24.08 -9.55
C ARG C 89 11.40 25.02 -9.20
N SER C 90 10.25 24.45 -8.83
CA SER C 90 9.03 25.25 -8.65
C SER C 90 9.06 26.21 -7.45
N GLN C 91 9.80 25.84 -6.42
CA GLN C 91 9.86 26.68 -5.22
C GLN C 91 11.13 27.52 -5.18
N TRP C 92 11.78 27.67 -6.33
CA TRP C 92 12.96 28.54 -6.42
C TRP C 92 12.61 29.95 -5.96
N SER C 93 13.60 30.65 -5.39
CA SER C 93 13.48 32.06 -5.09
C SER C 93 14.76 32.80 -5.50
N PRO C 94 14.60 34.00 -6.12
CA PRO C 94 15.76 34.78 -6.58
C PRO C 94 16.71 35.18 -5.45
N ALA C 95 16.23 35.18 -4.21
CA ALA C 95 17.03 35.60 -3.07
C ALA C 95 18.05 34.55 -2.61
N LEU C 96 17.88 33.30 -3.06
CA LEU C 96 18.75 32.20 -2.64
C LEU C 96 20.11 32.25 -3.32
N THR C 97 21.16 32.44 -2.54
CA THR C 97 22.52 32.42 -3.08
C THR C 97 23.02 30.98 -3.16
N ILE C 98 24.09 30.75 -3.90
CA ILE C 98 24.59 29.39 -4.11
C ILE C 98 24.96 28.71 -2.79
N SER C 99 25.46 29.50 -1.84
CA SER C 99 25.84 29.00 -0.53
C SER C 99 24.62 28.53 0.26
N LYS C 100 23.53 29.27 0.16
CA LYS C 100 22.29 28.89 0.84
C LYS C 100 21.70 27.64 0.17
N VAL C 101 21.83 27.55 -1.14
CA VAL C 101 21.38 26.37 -1.87
C VAL C 101 22.15 25.12 -1.45
N LEU C 102 23.47 25.26 -1.32
CA LEU C 102 24.31 24.14 -0.91
C LEU C 102 24.02 23.69 0.52
N LEU C 103 23.80 24.64 1.41
CA LEU C 103 23.37 24.32 2.78
C LEU C 103 22.02 23.60 2.76
N SER C 104 21.13 24.05 1.89
CA SER C 104 19.79 23.47 1.77
C SER C 104 19.90 22.01 1.35
N ILE C 105 20.71 21.77 0.33
CA ILE C 105 20.97 20.43 -0.17
C ILE C 105 21.60 19.57 0.91
N CYS C 106 22.50 20.15 1.69
CA CYS C 106 23.10 19.44 2.82
C CYS C 106 22.05 18.99 3.84
N SER C 107 21.15 19.89 4.22
CA SER C 107 20.09 19.58 5.17
C SER C 107 19.09 18.57 4.61
N LEU C 108 19.07 18.41 3.29
CA LEU C 108 18.21 17.40 2.66
C LEU C 108 18.72 15.97 2.93
N LEU C 109 20.03 15.84 3.10
CA LEU C 109 20.65 14.54 3.28
C LEU C 109 20.08 13.76 4.47
N CYS C 110 19.80 14.44 5.56
CA CYS C 110 19.22 13.77 6.73
C CYS C 110 17.73 14.06 6.91
N ASP C 111 17.12 14.65 5.88
CA ASP C 111 15.69 14.94 5.90
C ASP C 111 15.10 14.61 4.53
N PRO C 112 15.17 13.33 4.13
CA PRO C 112 14.67 13.00 2.79
C PRO C 112 13.15 12.93 2.75
N ASN C 113 12.60 12.91 1.54
CA ASN C 113 11.18 12.63 1.36
C ASN C 113 11.01 11.30 0.64
N PRO C 114 10.80 10.22 1.42
CA PRO C 114 10.62 8.87 0.87
C PRO C 114 9.22 8.63 0.31
N ASP C 115 8.28 9.50 0.62
CA ASP C 115 6.89 9.35 0.18
C ASP C 115 6.70 9.83 -1.27
N ASP C 116 7.60 10.69 -1.72
CA ASP C 116 7.63 11.13 -3.11
C ASP C 116 9.07 11.10 -3.56
N PRO C 117 9.57 9.90 -3.91
CA PRO C 117 11.01 9.71 -4.12
C PRO C 117 11.47 9.86 -5.56
N LEU C 118 12.76 10.12 -5.73
CA LEU C 118 13.41 10.03 -7.03
C LEU C 118 13.86 8.59 -7.26
N VAL C 119 14.29 7.93 -6.19
CA VAL C 119 14.73 6.54 -6.29
C VAL C 119 13.84 5.64 -5.41
N PRO C 120 12.81 5.02 -6.01
CA PRO C 120 11.84 4.21 -5.25
C PRO C 120 12.47 3.09 -4.43
N GLU C 121 13.44 2.39 -5.00
CA GLU C 121 14.12 1.30 -4.29
C GLU C 121 14.72 1.76 -2.97
N ILE C 122 15.40 2.91 -3.00
CA ILE C 122 16.02 3.45 -1.79
C ILE C 122 14.98 3.94 -0.79
N ALA C 123 13.93 4.58 -1.30
CA ALA C 123 12.82 5.01 -0.44
C ALA C 123 12.20 3.84 0.33
N ARG C 124 11.91 2.75 -0.39
CA ARG C 124 11.33 1.55 0.23
C ARG C 124 12.18 1.03 1.37
N ILE C 125 13.50 0.96 1.15
CA ILE C 125 14.42 0.52 2.19
C ILE C 125 14.39 1.47 3.38
N TYR C 126 14.45 2.77 3.11
CA TYR C 126 14.39 3.80 4.16
C TYR C 126 13.18 3.61 5.07
N LYS C 127 12.01 3.37 4.48
CA LYS C 127 10.78 3.24 5.25
C LYS C 127 10.66 1.90 5.98
N THR C 128 11.18 0.83 5.38
CA THR C 128 10.99 -0.52 5.94
C THR C 128 12.14 -1.01 6.81
N ASP C 129 13.38 -0.69 6.45
CA ASP C 129 14.54 -1.18 7.19
C ASP C 129 15.60 -0.08 7.32
N ARG C 130 15.43 0.78 8.32
CA ARG C 130 16.30 1.95 8.48
C ARG C 130 17.75 1.58 8.80
N GLU C 131 17.95 0.57 9.65
CA GLU C 131 19.31 0.12 9.98
C GLU C 131 20.06 -0.28 8.71
N LYS C 132 19.35 -0.90 7.77
CA LYS C 132 19.93 -1.29 6.50
C LYS C 132 20.22 -0.08 5.62
N TYR C 133 19.28 0.87 5.62
CA TYR C 133 19.48 2.11 4.89
C TYR C 133 20.74 2.81 5.37
N ASN C 134 20.85 2.95 6.69
CA ASN C 134 22.03 3.55 7.30
C ASN C 134 23.31 2.78 6.96
N ARG C 135 23.25 1.45 7.03
CA ARG C 135 24.39 0.60 6.70
C ARG C 135 24.92 0.86 5.28
N ILE C 136 24.02 0.78 4.30
CA ILE C 136 24.39 1.00 2.90
C ILE C 136 24.86 2.44 2.63
N ALA C 137 24.22 3.42 3.26
CA ALA C 137 24.63 4.81 3.07
C ALA C 137 26.04 5.04 3.63
N ARG C 138 26.36 4.39 4.74
CA ARG C 138 27.72 4.43 5.30
C ARG C 138 28.72 3.78 4.35
N GLU C 139 28.37 2.59 3.87
CA GLU C 139 29.21 1.86 2.92
C GLU C 139 29.53 2.69 1.68
N TRP C 140 28.49 3.33 1.13
CA TRP C 140 28.70 4.21 -0.02
C TRP C 140 29.55 5.42 0.36
N THR C 141 29.38 5.92 1.58
CA THR C 141 30.14 7.09 2.01
C THR C 141 31.61 6.76 2.14
N GLN C 142 31.90 5.60 2.72
CA GLN C 142 33.26 5.13 2.88
C GLN C 142 33.91 4.89 1.52
N LYS C 143 33.16 4.26 0.62
CA LYS C 143 33.71 3.82 -0.66
C LYS C 143 33.91 4.95 -1.68
N TYR C 144 32.94 5.86 -1.79
CA TYR C 144 32.93 6.83 -2.89
C TYR C 144 33.23 8.27 -2.47
N ALA C 145 33.01 8.60 -1.20
CA ALA C 145 33.09 9.99 -0.78
C ALA C 145 34.22 10.24 0.22
N MET C 146 35.10 9.27 0.40
CA MET C 146 36.27 9.43 1.25
C MET C 146 37.50 8.92 0.50
N SER D 5 20.02 32.11 30.18
CA SER D 5 19.99 33.29 29.33
C SER D 5 21.33 33.47 28.61
N MET D 6 21.25 33.77 27.31
CA MET D 6 22.43 33.84 26.47
C MET D 6 22.07 34.42 25.11
N GLN D 7 23.08 34.71 24.29
CA GLN D 7 22.81 35.15 22.93
C GLN D 7 23.36 34.20 21.86
N ILE D 8 22.66 34.13 20.74
CA ILE D 8 23.11 33.36 19.58
C ILE D 8 22.97 34.24 18.35
N PHE D 9 23.58 33.82 17.25
CA PHE D 9 23.48 34.58 16.01
C PHE D 9 22.74 33.80 14.92
N VAL D 10 22.08 34.52 14.03
CA VAL D 10 21.42 33.89 12.89
C VAL D 10 21.88 34.54 11.60
N LYS D 11 22.37 33.73 10.67
CA LYS D 11 22.72 34.21 9.34
C LYS D 11 21.48 34.23 8.48
N THR D 12 20.95 35.42 8.23
CA THR D 12 19.72 35.57 7.47
C THR D 12 19.95 35.24 6.01
N LEU D 13 18.87 35.31 5.23
CA LEU D 13 18.87 34.94 3.83
C LEU D 13 19.90 35.71 3.00
N THR D 14 20.03 36.99 3.28
CA THR D 14 20.96 37.86 2.54
C THR D 14 22.35 37.90 3.17
N GLY D 15 22.63 36.97 4.08
CA GLY D 15 23.94 36.89 4.70
C GLY D 15 24.15 37.82 5.88
N LYS D 16 23.17 38.68 6.13
CA LYS D 16 23.20 39.59 7.27
C LYS D 16 23.12 38.80 8.57
N THR D 17 23.91 39.19 9.58
CA THR D 17 23.93 38.50 10.87
C THR D 17 23.15 39.26 11.95
N ILE D 18 22.12 38.63 12.50
CA ILE D 18 21.36 39.22 13.60
C ILE D 18 21.63 38.47 14.91
N THR D 19 21.43 39.15 16.03
CA THR D 19 21.69 38.57 17.34
C THR D 19 20.39 38.32 18.09
N LEU D 20 20.24 37.14 18.66
CA LEU D 20 19.01 36.80 19.39
C LEU D 20 19.30 36.53 20.87
N GLU D 21 18.57 37.20 21.74
CA GLU D 21 18.62 36.91 23.17
C GLU D 21 17.75 35.69 23.45
N VAL D 22 18.37 34.59 23.86
CA VAL D 22 17.65 33.35 24.10
C VAL D 22 18.08 32.69 25.40
N GLU D 23 17.57 31.50 25.64
CA GLU D 23 18.03 30.64 26.72
C GLU D 23 17.88 29.19 26.28
N PRO D 24 18.71 28.28 26.84
CA PRO D 24 18.75 26.88 26.42
C PRO D 24 17.39 26.20 26.36
N SER D 25 16.44 26.66 27.17
CA SER D 25 15.13 26.04 27.23
C SER D 25 14.24 26.37 26.03
N ASP D 26 14.57 27.43 25.30
CA ASP D 26 13.76 27.88 24.16
C ASP D 26 13.62 26.86 23.05
N THR D 27 12.38 26.61 22.64
CA THR D 27 12.11 25.73 21.51
C THR D 27 12.51 26.43 20.21
N ILE D 28 12.65 25.64 19.16
CA ILE D 28 12.98 26.17 17.83
C ILE D 28 11.86 27.08 17.33
N GLU D 29 10.62 26.75 17.70
CA GLU D 29 9.46 27.60 17.40
C GLU D 29 9.66 29.00 17.97
N ASN D 30 10.06 29.08 19.23
CA ASN D 30 10.35 30.36 19.88
C ASN D 30 11.41 31.14 19.13
N VAL D 31 12.47 30.45 18.70
CA VAL D 31 13.55 31.09 17.96
C VAL D 31 13.04 31.64 16.64
N LYS D 32 12.23 30.86 15.93
CA LYS D 32 11.66 31.31 14.67
C LYS D 32 10.72 32.51 14.86
N ALA D 33 10.06 32.57 16.01
CA ALA D 33 9.19 33.69 16.33
C ALA D 33 10.00 34.96 16.56
N LYS D 34 11.17 34.80 17.17
CA LYS D 34 12.08 35.91 17.38
C LYS D 34 12.64 36.41 16.04
N ILE D 35 12.99 35.48 15.16
CA ILE D 35 13.44 35.81 13.82
C ILE D 35 12.35 36.56 13.03
N GLN D 36 11.10 36.14 13.19
CA GLN D 36 10.00 36.80 12.51
C GLN D 36 9.89 38.26 12.92
N ASP D 37 10.08 38.53 14.21
CA ASP D 37 9.97 39.88 14.74
C ASP D 37 11.04 40.83 14.21
N LYS D 38 12.19 40.27 13.84
CA LYS D 38 13.29 41.08 13.33
C LYS D 38 13.36 41.15 11.81
N GLU D 39 13.05 40.05 11.14
CA GLU D 39 13.23 39.97 9.69
C GLU D 39 11.94 39.92 8.88
N GLY D 40 10.81 39.69 9.57
CA GLY D 40 9.52 39.70 8.91
C GLY D 40 9.28 38.50 8.00
N ILE D 41 9.89 37.37 8.34
CA ILE D 41 9.61 36.13 7.64
C ILE D 41 8.87 35.15 8.55
N PRO D 42 7.73 34.62 8.08
CA PRO D 42 6.91 33.73 8.91
C PRO D 42 7.62 32.41 9.24
N PRO D 43 7.41 31.91 10.47
CA PRO D 43 8.03 30.66 10.96
C PRO D 43 7.93 29.49 9.98
N ASP D 44 6.79 29.31 9.33
CA ASP D 44 6.63 28.17 8.41
C ASP D 44 7.44 28.31 7.11
N GLN D 45 7.98 29.49 6.86
CA GLN D 45 8.90 29.67 5.73
C GLN D 45 10.36 29.58 6.17
N GLN D 46 10.57 29.45 7.48
CA GLN D 46 11.92 29.37 8.00
C GLN D 46 12.40 27.93 8.10
N ARG D 47 13.61 27.70 7.62
CA ARG D 47 14.31 26.44 7.84
C ARG D 47 15.68 26.76 8.42
N LEU D 48 15.83 26.48 9.71
CA LEU D 48 17.07 26.77 10.43
C LEU D 48 18.00 25.59 10.37
N ILE D 49 19.28 25.87 10.11
CA ILE D 49 20.28 24.83 9.93
C ILE D 49 21.46 25.00 10.88
N PHE D 50 21.82 23.92 11.55
CA PHE D 50 22.99 23.91 12.43
C PHE D 50 23.72 22.59 12.24
N ALA D 51 25.04 22.68 12.04
CA ALA D 51 25.89 21.50 11.82
C ALA D 51 25.44 20.64 10.63
N GLY D 52 24.94 21.30 9.59
CA GLY D 52 24.56 20.61 8.38
C GLY D 52 23.18 19.98 8.47
N LYS D 53 22.50 20.24 9.59
CA LYS D 53 21.19 19.64 9.82
C LYS D 53 20.09 20.65 10.13
N GLN D 54 18.87 20.32 9.71
CA GLN D 54 17.68 21.10 10.00
C GLN D 54 17.27 20.99 11.47
N LEU D 55 16.84 22.10 12.04
CA LEU D 55 16.35 22.13 13.42
C LEU D 55 14.83 22.05 13.42
N GLU D 56 14.28 21.06 14.12
CA GLU D 56 12.85 20.82 14.10
C GLU D 56 12.09 21.51 15.24
N ASP D 57 10.81 21.79 15.00
CA ASP D 57 10.03 22.72 15.82
C ASP D 57 9.82 22.33 17.28
N GLY D 58 9.69 21.04 17.56
CA GLY D 58 9.39 20.58 18.90
C GLY D 58 10.55 20.64 19.87
N ARG D 59 11.77 20.48 19.36
CA ARG D 59 12.96 20.43 20.19
C ARG D 59 13.36 21.79 20.74
N THR D 60 14.34 21.79 21.63
CA THR D 60 14.87 23.03 22.21
C THR D 60 16.29 23.26 21.74
N LEU D 61 16.84 24.44 22.04
CA LEU D 61 18.22 24.75 21.70
C LEU D 61 19.15 23.81 22.46
N SER D 62 18.71 23.42 23.66
CA SER D 62 19.48 22.51 24.51
C SER D 62 19.55 21.12 23.89
N ASP D 63 18.44 20.67 23.32
CA ASP D 63 18.37 19.34 22.70
C ASP D 63 19.34 19.23 21.51
N TYR D 64 19.66 20.36 20.91
CA TYR D 64 20.57 20.39 19.76
C TYR D 64 21.99 20.79 20.13
N ASN D 65 22.24 20.95 21.43
CA ASN D 65 23.54 21.39 21.94
C ASN D 65 24.00 22.74 21.41
N ILE D 66 23.05 23.61 21.13
CA ILE D 66 23.36 24.97 20.68
C ILE D 66 23.76 25.82 21.89
N GLN D 67 24.97 26.38 21.84
CA GLN D 67 25.52 27.09 22.98
C GLN D 67 25.67 28.58 22.72
N LYS D 68 26.28 29.28 23.67
CA LYS D 68 26.49 30.72 23.58
C LYS D 68 27.27 31.11 22.33
N GLU D 69 26.70 32.05 21.58
CA GLU D 69 27.32 32.59 20.36
C GLU D 69 27.46 31.57 19.23
N SER D 70 26.64 30.53 19.24
CA SER D 70 26.54 29.64 18.09
C SER D 70 25.83 30.37 16.97
N THR D 71 26.10 29.98 15.74
CA THR D 71 25.47 30.62 14.59
C THR D 71 24.53 29.68 13.87
N LEU D 72 23.25 30.04 13.80
CA LEU D 72 22.28 29.26 13.06
C LEU D 72 22.14 29.82 11.66
N HIS D 73 21.88 28.96 10.69
CA HIS D 73 21.76 29.40 9.32
C HIS D 73 20.33 29.28 8.80
N LEU D 74 19.81 30.39 8.30
CA LEU D 74 18.45 30.45 7.81
C LEU D 74 18.39 30.27 6.30
N VAL D 75 17.64 29.25 5.87
CA VAL D 75 17.32 29.11 4.45
C VAL D 75 15.80 29.14 4.30
N LEU D 76 15.30 28.94 3.09
CA LEU D 76 13.85 28.90 2.88
C LEU D 76 13.31 27.48 3.01
N ARG D 77 12.04 27.38 3.39
CA ARG D 77 11.33 26.10 3.47
C ARG D 77 11.55 25.30 2.20
N LEU D 78 11.89 24.02 2.34
CA LEU D 78 12.14 23.16 1.20
C LEU D 78 11.52 21.79 1.41
N ARG D 79 11.49 21.00 0.35
CA ARG D 79 11.06 19.61 0.43
C ARG D 79 11.68 18.78 -0.69
N GLY D 80 12.29 17.65 -0.33
CA GLY D 80 12.75 16.72 -1.34
C GLY D 80 11.57 16.14 -2.10
N GLY D 81 11.85 15.59 -3.27
CA GLY D 81 10.79 15.03 -4.10
C GLY D 81 11.35 14.10 -5.16
N GLN E 5 -32.93 -2.66 -19.47
CA GLN E 5 -32.93 -4.11 -19.43
C GLN E 5 -33.56 -4.62 -18.13
N ALA E 6 -33.20 -5.84 -17.74
CA ALA E 6 -33.72 -6.43 -16.52
C ALA E 6 -33.03 -5.87 -15.29
N ALA E 7 -33.34 -4.63 -14.96
CA ALA E 7 -32.89 -4.03 -13.71
C ALA E 7 -33.85 -4.47 -12.60
N ALA E 8 -34.91 -5.15 -13.01
CA ALA E 8 -35.87 -5.73 -12.08
C ALA E 8 -35.37 -7.09 -11.61
N ASP E 9 -34.39 -7.61 -12.32
CA ASP E 9 -33.73 -8.84 -11.93
C ASP E 9 -32.93 -8.59 -10.65
N ARG E 10 -32.27 -7.45 -10.61
CA ARG E 10 -31.46 -7.05 -9.46
C ARG E 10 -32.32 -6.36 -8.40
N ARG E 11 -33.41 -5.73 -8.82
CA ARG E 11 -34.31 -5.06 -7.91
C ARG E 11 -34.96 -6.05 -6.94
N THR E 12 -35.24 -7.24 -7.44
CA THR E 12 -35.84 -8.27 -6.61
C THR E 12 -34.89 -8.70 -5.48
N VAL E 13 -33.62 -8.88 -5.82
CA VAL E 13 -32.60 -9.22 -4.83
C VAL E 13 -32.43 -8.09 -3.80
N GLU E 14 -32.45 -6.86 -4.28
CA GLU E 14 -32.23 -5.71 -3.40
C GLU E 14 -33.38 -5.48 -2.44
N LYS E 15 -34.60 -5.72 -2.91
CA LYS E 15 -35.76 -5.66 -2.03
C LYS E 15 -35.63 -6.70 -0.91
N THR E 16 -35.04 -7.85 -1.24
CA THR E 16 -34.82 -8.89 -0.23
C THR E 16 -33.87 -8.39 0.86
N TRP E 17 -32.84 -7.66 0.45
CA TRP E 17 -31.88 -7.06 1.38
C TRP E 17 -32.53 -6.10 2.36
N LYS E 18 -33.43 -5.27 1.85
CA LYS E 18 -34.15 -4.31 2.69
C LYS E 18 -35.00 -5.03 3.74
N LEU E 19 -35.72 -6.06 3.31
CA LEU E 19 -36.56 -6.83 4.22
C LEU E 19 -35.73 -7.53 5.30
N MET E 20 -34.61 -8.14 4.91
CA MET E 20 -33.73 -8.80 5.86
C MET E 20 -33.16 -7.84 6.89
N ASP E 21 -32.80 -6.64 6.43
CA ASP E 21 -32.20 -5.66 7.32
C ASP E 21 -33.24 -5.19 8.35
N LYS E 22 -34.51 -5.16 7.93
CA LYS E 22 -35.60 -4.87 8.84
C LYS E 22 -35.77 -5.95 9.90
N VAL E 23 -35.66 -7.22 9.48
CA VAL E 23 -35.77 -8.31 10.43
C VAL E 23 -34.63 -8.23 11.47
N VAL E 24 -33.42 -7.98 10.99
CA VAL E 24 -32.28 -7.85 11.88
C VAL E 24 -32.52 -6.73 12.89
N ARG E 25 -33.03 -5.59 12.43
CA ARG E 25 -33.27 -4.48 13.33
C ARG E 25 -34.33 -4.79 14.37
N LEU E 26 -35.42 -5.41 13.93
CA LEU E 26 -36.44 -5.89 14.86
C LEU E 26 -35.83 -6.82 15.90
N CYS E 27 -34.91 -7.69 15.46
CA CYS E 27 -34.27 -8.64 16.36
C CYS E 27 -33.14 -8.05 17.22
N GLN E 28 -32.79 -6.79 16.96
CA GLN E 28 -31.76 -6.13 17.76
C GLN E 28 -32.37 -5.33 18.90
N ASN E 29 -33.69 -5.44 19.03
CA ASN E 29 -34.40 -4.93 20.20
C ASN E 29 -33.85 -5.60 21.45
N PRO E 30 -33.24 -4.81 22.35
CA PRO E 30 -32.61 -5.35 23.56
C PRO E 30 -33.53 -6.21 24.42
N LYS E 31 -34.83 -5.94 24.38
CA LYS E 31 -35.80 -6.67 25.18
C LYS E 31 -35.87 -8.17 24.86
N LEU E 32 -35.47 -8.54 23.65
CA LEU E 32 -35.49 -9.94 23.23
C LEU E 32 -34.51 -10.79 24.03
N GLN E 33 -33.35 -10.22 24.35
CA GLN E 33 -32.33 -10.94 25.10
C GLN E 33 -32.03 -12.30 24.49
N LEU E 34 -31.77 -12.31 23.19
CA LEU E 34 -31.51 -13.56 22.49
C LEU E 34 -30.18 -14.15 22.92
N LYS E 35 -30.14 -15.47 23.03
CA LYS E 35 -28.88 -16.15 23.30
C LYS E 35 -28.00 -16.17 22.05
N ASN E 36 -26.71 -15.93 22.24
CA ASN E 36 -25.73 -16.05 21.17
C ASN E 36 -25.31 -17.51 21.04
N SER E 37 -26.25 -18.34 20.58
CA SER E 37 -25.99 -19.74 20.29
C SER E 37 -26.72 -20.09 19.01
N PRO E 38 -26.20 -21.04 18.23
CA PRO E 38 -26.88 -21.39 16.98
C PRO E 38 -28.22 -22.08 17.23
N PRO E 39 -29.26 -21.72 16.46
CA PRO E 39 -29.29 -20.69 15.42
C PRO E 39 -29.45 -19.29 16.01
N TYR E 40 -28.59 -18.39 15.57
CA TYR E 40 -28.55 -17.04 16.09
C TYR E 40 -28.86 -16.11 14.92
N ILE E 41 -30.05 -15.54 14.95
CA ILE E 41 -30.57 -14.75 13.84
C ILE E 41 -29.66 -13.58 13.52
N LEU E 42 -28.97 -13.06 14.54
CA LEU E 42 -28.09 -11.91 14.35
C LEU E 42 -26.75 -12.25 13.69
N ASP E 43 -26.47 -13.54 13.51
CA ASP E 43 -25.33 -13.97 12.69
C ASP E 43 -25.84 -14.36 11.30
N ILE E 44 -26.95 -15.07 11.28
CA ILE E 44 -27.43 -15.74 10.07
C ILE E 44 -27.85 -14.79 8.94
N LEU E 45 -28.62 -13.76 9.27
CA LEU E 45 -29.09 -12.84 8.24
C LEU E 45 -27.99 -11.90 7.71
N PRO E 46 -27.12 -11.36 8.58
CA PRO E 46 -25.99 -10.65 7.98
C PRO E 46 -25.11 -11.57 7.13
N ASP E 47 -24.91 -12.82 7.56
CA ASP E 47 -24.11 -13.76 6.76
C ASP E 47 -24.81 -14.06 5.43
N THR E 48 -26.13 -14.18 5.48
CA THR E 48 -26.93 -14.49 4.30
C THR E 48 -26.78 -13.33 3.32
N TYR E 49 -26.90 -12.12 3.86
CA TYR E 49 -26.72 -10.91 3.06
C TYR E 49 -25.35 -10.89 2.39
N GLN E 50 -24.31 -11.24 3.15
CA GLN E 50 -22.95 -11.26 2.59
C GLN E 50 -22.80 -12.30 1.47
N HIS E 51 -23.44 -13.45 1.61
CA HIS E 51 -23.32 -14.47 0.58
C HIS E 51 -24.06 -14.08 -0.71
N LEU E 52 -25.24 -13.48 -0.57
CA LEU E 52 -25.97 -12.97 -1.71
C LEU E 52 -25.20 -11.85 -2.43
N ARG E 53 -24.50 -11.02 -1.65
CA ARG E 53 -23.63 -9.99 -2.23
C ARG E 53 -22.50 -10.65 -3.01
N LEU E 54 -21.88 -11.67 -2.42
CA LEU E 54 -20.87 -12.47 -3.12
C LEU E 54 -21.40 -13.00 -4.46
N ILE E 55 -22.61 -13.56 -4.43
CA ILE E 55 -23.22 -14.14 -5.64
C ILE E 55 -23.40 -13.12 -6.75
N LEU E 56 -23.95 -11.97 -6.41
CA LEU E 56 -24.13 -10.92 -7.41
C LEU E 56 -22.83 -10.42 -7.98
N SER E 57 -21.77 -10.41 -7.15
CA SER E 57 -20.45 -10.00 -7.61
C SER E 57 -19.90 -10.96 -8.65
N LYS E 58 -20.40 -12.19 -8.66
CA LYS E 58 -19.96 -13.20 -9.63
C LYS E 58 -20.77 -13.12 -10.93
N TYR E 59 -21.96 -12.57 -10.84
CA TYR E 59 -22.82 -12.42 -12.01
C TYR E 59 -22.96 -10.94 -12.34
N ASP E 60 -21.90 -10.37 -12.90
CA ASP E 60 -21.70 -8.92 -12.89
C ASP E 60 -22.02 -8.15 -14.19
N ASP E 61 -22.50 -8.83 -15.22
CA ASP E 61 -22.98 -8.12 -16.40
C ASP E 61 -24.43 -8.47 -16.72
N ASN E 62 -25.02 -7.76 -17.66
CA ASN E 62 -26.43 -7.96 -18.02
C ASN E 62 -26.75 -9.41 -18.35
N GLN E 63 -25.85 -10.03 -19.11
CA GLN E 63 -26.04 -11.38 -19.60
C GLN E 63 -25.97 -12.42 -18.47
N LYS E 64 -25.02 -12.24 -17.56
CA LYS E 64 -24.87 -13.15 -16.43
C LYS E 64 -25.98 -12.93 -15.41
N LEU E 65 -26.42 -11.69 -15.30
CA LEU E 65 -27.48 -11.34 -14.36
C LEU E 65 -28.79 -12.00 -14.79
N ALA E 66 -29.04 -12.00 -16.09
CA ALA E 66 -30.24 -12.62 -16.65
C ALA E 66 -30.19 -14.13 -16.45
N GLN E 67 -29.02 -14.71 -16.72
CA GLN E 67 -28.79 -16.14 -16.52
C GLN E 67 -29.06 -16.54 -15.06
N LEU E 68 -28.56 -15.74 -14.13
CA LEU E 68 -28.78 -15.96 -12.71
C LEU E 68 -30.26 -15.86 -12.38
N SER E 69 -30.90 -14.85 -12.95
CA SER E 69 -32.30 -14.55 -12.67
C SER E 69 -33.24 -15.64 -13.17
N GLU E 70 -32.78 -16.44 -14.12
CA GLU E 70 -33.59 -17.53 -14.66
C GLU E 70 -33.25 -18.88 -14.00
N ASN E 71 -32.23 -18.89 -13.14
CA ASN E 71 -31.85 -20.10 -12.41
C ASN E 71 -32.98 -20.52 -11.48
N GLU E 72 -33.50 -21.73 -11.70
CA GLU E 72 -34.66 -22.22 -10.95
C GLU E 72 -34.49 -22.18 -9.44
N TYR E 73 -33.37 -22.71 -8.96
CA TYR E 73 -33.10 -22.69 -7.52
C TYR E 73 -33.06 -21.26 -6.96
N PHE E 74 -32.36 -20.36 -7.65
CA PHE E 74 -32.18 -18.99 -7.17
C PHE E 74 -33.51 -18.21 -7.13
N LYS E 75 -34.35 -18.41 -8.15
CA LYS E 75 -35.69 -17.83 -8.17
C LYS E 75 -36.50 -18.25 -6.95
N ILE E 76 -36.47 -19.54 -6.64
CA ILE E 76 -37.20 -20.09 -5.51
C ILE E 76 -36.61 -19.61 -4.20
N TYR E 77 -35.28 -19.57 -4.15
CA TYR E 77 -34.58 -19.13 -2.96
C TYR E 77 -34.89 -17.67 -2.60
N ILE E 78 -34.81 -16.78 -3.59
CA ILE E 78 -35.10 -15.37 -3.37
C ILE E 78 -36.55 -15.15 -2.91
N ASP E 79 -37.49 -15.82 -3.58
CA ASP E 79 -38.89 -15.72 -3.19
C ASP E 79 -39.09 -16.26 -1.78
N SER E 80 -38.40 -17.35 -1.45
CA SER E 80 -38.45 -17.92 -0.11
C SER E 80 -37.93 -16.94 0.93
N LEU E 81 -36.77 -16.36 0.66
CA LEU E 81 -36.19 -15.34 1.55
C LEU E 81 -37.15 -14.20 1.79
N MET E 82 -37.80 -13.72 0.73
CA MET E 82 -38.76 -12.63 0.86
C MET E 82 -39.96 -13.04 1.71
N LYS E 83 -40.46 -14.25 1.50
CA LYS E 83 -41.62 -14.73 2.25
C LYS E 83 -41.31 -14.88 3.74
N LYS E 84 -40.19 -15.52 4.05
CA LYS E 84 -39.80 -15.75 5.44
C LYS E 84 -39.49 -14.43 6.17
N SER E 85 -38.86 -13.50 5.48
CA SER E 85 -38.59 -12.17 6.04
C SER E 85 -39.89 -11.42 6.35
N LYS E 86 -40.82 -11.44 5.39
CA LYS E 86 -42.12 -10.81 5.61
C LYS E 86 -42.87 -11.48 6.77
N ARG E 87 -42.68 -12.79 6.91
CA ARG E 87 -43.31 -13.54 8.00
C ARG E 87 -42.74 -13.12 9.36
N ALA E 88 -41.43 -12.94 9.42
CA ALA E 88 -40.77 -12.51 10.64
C ALA E 88 -41.21 -11.10 11.03
N ILE E 89 -41.27 -10.21 10.04
CA ILE E 89 -41.76 -8.84 10.25
C ILE E 89 -43.19 -8.88 10.79
N ARG E 90 -44.05 -9.66 10.14
CA ARG E 90 -45.44 -9.77 10.57
C ARG E 90 -45.55 -10.41 11.96
N LEU E 91 -44.58 -11.24 12.31
CA LEU E 91 -44.52 -11.85 13.63
C LEU E 91 -44.37 -10.78 14.72
N PHE E 92 -43.46 -9.84 14.52
CA PHE E 92 -43.27 -8.76 15.47
C PHE E 92 -44.48 -7.82 15.51
N LYS E 93 -45.03 -7.54 14.34
CA LYS E 93 -46.18 -6.65 14.24
C LYS E 93 -47.40 -7.18 15.00
N GLU E 94 -47.78 -8.42 14.72
CA GLU E 94 -48.95 -9.02 15.36
C GLU E 94 -48.66 -9.50 16.79
N GLY E 95 -47.40 -9.83 17.06
CA GLY E 95 -47.01 -10.36 18.35
C GLY E 95 -46.89 -9.31 19.44
N LYS E 96 -46.42 -8.13 19.06
CA LYS E 96 -46.30 -7.00 19.98
C LYS E 96 -45.47 -7.35 21.21
N GLU E 97 -46.07 -7.21 22.40
CA GLU E 97 -45.34 -7.41 23.64
C GLU E 97 -45.02 -8.89 23.92
N ARG E 98 -45.68 -9.79 23.21
CA ARG E 98 -45.44 -11.23 23.39
C ARG E 98 -44.06 -11.66 22.85
N MET E 99 -43.49 -10.86 21.94
CA MET E 99 -42.14 -11.14 21.42
C MET E 99 -41.08 -11.06 22.52
N TYR E 100 -41.40 -10.35 23.60
CA TYR E 100 -40.43 -10.12 24.66
C TYR E 100 -40.71 -11.02 25.86
N GLU E 101 -41.69 -11.91 25.70
CA GLU E 101 -41.91 -13.00 26.64
C GLU E 101 -41.27 -14.25 26.06
N GLU E 102 -40.16 -14.66 26.65
CA GLU E 102 -39.34 -15.75 26.11
C GLU E 102 -40.11 -17.06 25.93
N GLN E 103 -41.15 -17.25 26.73
CA GLN E 103 -41.92 -18.50 26.71
C GLN E 103 -43.14 -18.47 25.80
N SER E 104 -43.39 -17.33 25.15
CA SER E 104 -44.56 -17.19 24.30
C SER E 104 -44.46 -18.04 23.04
N GLN E 105 -45.60 -18.38 22.46
CA GLN E 105 -45.65 -19.07 21.18
C GLN E 105 -45.08 -18.21 20.05
N ASP E 106 -45.29 -16.90 20.14
CA ASP E 106 -44.78 -15.98 19.11
C ASP E 106 -43.27 -16.06 19.03
N ARG E 107 -42.66 -16.19 20.19
CA ARG E 107 -41.21 -16.30 20.29
C ARG E 107 -40.76 -17.67 19.77
N ARG E 108 -41.59 -18.70 19.97
CA ARG E 108 -41.30 -20.02 19.41
C ARG E 108 -41.30 -19.94 17.89
N ASN E 109 -42.27 -19.21 17.34
CA ASN E 109 -42.35 -19.02 15.89
C ASN E 109 -41.11 -18.27 15.36
N LEU E 110 -40.54 -17.40 16.18
CA LEU E 110 -39.31 -16.70 15.79
C LEU E 110 -38.16 -17.70 15.73
N THR E 111 -38.04 -18.53 16.76
CA THR E 111 -37.02 -19.57 16.81
C THR E 111 -37.11 -20.48 15.58
N LYS E 112 -38.33 -20.88 15.23
CA LYS E 112 -38.58 -21.71 14.06
C LYS E 112 -38.07 -21.05 12.78
N LEU E 113 -38.40 -19.76 12.60
CA LEU E 113 -37.88 -18.99 11.47
C LEU E 113 -36.36 -18.89 11.47
N SER E 114 -35.77 -18.78 12.66
CA SER E 114 -34.33 -18.70 12.78
C SER E 114 -33.64 -19.98 12.32
N LEU E 115 -34.25 -21.12 12.62
CA LEU E 115 -33.79 -22.41 12.14
C LEU E 115 -33.91 -22.50 10.64
N ILE E 116 -35.05 -22.08 10.10
CA ILE E 116 -35.25 -22.07 8.65
C ILE E 116 -34.18 -21.20 7.95
N PHE E 117 -33.95 -19.99 8.45
CA PHE E 117 -32.90 -19.14 7.90
C PHE E 117 -31.53 -19.82 7.99
N SER E 118 -31.28 -20.52 9.09
CA SER E 118 -30.01 -21.24 9.27
C SER E 118 -29.85 -22.33 8.21
N HIS E 119 -30.90 -23.11 8.01
CA HIS E 119 -30.88 -24.18 7.00
C HIS E 119 -30.74 -23.60 5.59
N MET E 120 -31.43 -22.49 5.33
CA MET E 120 -31.34 -21.82 4.03
C MET E 120 -29.92 -21.30 3.78
N LEU E 121 -29.29 -20.77 4.81
CA LEU E 121 -27.93 -20.27 4.66
C LEU E 121 -26.96 -21.41 4.29
N ALA E 122 -27.07 -22.52 5.00
CA ALA E 122 -26.23 -23.67 4.72
C ALA E 122 -26.49 -24.16 3.31
N GLU E 123 -27.76 -24.11 2.90
CA GLU E 123 -28.13 -24.56 1.57
C GLU E 123 -27.54 -23.68 0.45
N ILE E 124 -27.66 -22.36 0.58
CA ILE E 124 -27.15 -21.46 -0.45
C ILE E 124 -25.62 -21.55 -0.59
N LYS E 125 -24.92 -21.78 0.53
CA LYS E 125 -23.47 -21.94 0.49
C LYS E 125 -23.05 -23.27 -0.15
N ALA E 126 -23.90 -24.27 -0.05
CA ALA E 126 -23.63 -25.56 -0.66
C ALA E 126 -23.93 -25.53 -2.16
N ILE E 127 -24.90 -24.72 -2.55
CA ILE E 127 -25.36 -24.66 -3.93
C ILE E 127 -24.59 -23.62 -4.73
N PHE E 128 -24.30 -22.49 -4.10
CA PHE E 128 -23.45 -21.44 -4.70
C PHE E 128 -22.17 -21.25 -3.91
N PRO E 129 -21.31 -22.28 -3.85
CA PRO E 129 -20.08 -22.07 -3.08
C PRO E 129 -19.23 -20.99 -3.75
N ASN E 130 -18.74 -20.06 -2.93
CA ASN E 130 -18.00 -18.91 -3.42
C ASN E 130 -18.79 -18.07 -4.44
N GLY E 131 -20.11 -18.11 -4.32
CA GLY E 131 -20.98 -17.25 -5.10
C GLY E 131 -21.26 -17.73 -6.51
N GLN E 132 -20.78 -18.91 -6.86
CA GLN E 132 -20.94 -19.44 -8.20
C GLN E 132 -21.80 -20.69 -8.16
N PHE E 133 -22.81 -20.74 -9.04
CA PHE E 133 -23.73 -21.89 -9.07
C PHE E 133 -23.03 -23.22 -9.35
N GLN E 134 -23.19 -24.16 -8.43
CA GLN E 134 -22.66 -25.51 -8.59
C GLN E 134 -23.71 -26.57 -8.26
N GLY E 135 -24.97 -26.15 -8.20
CA GLY E 135 -26.06 -27.04 -7.82
C GLY E 135 -26.17 -28.29 -8.67
N ASP E 136 -25.83 -28.16 -9.95
CA ASP E 136 -25.88 -29.28 -10.88
C ASP E 136 -24.68 -30.21 -10.73
N ASN E 137 -23.77 -29.89 -9.82
CA ASN E 137 -22.60 -30.72 -9.57
C ASN E 137 -22.55 -31.20 -8.12
N PHE E 138 -23.60 -30.92 -7.37
CA PHE E 138 -23.69 -31.35 -5.98
C PHE E 138 -23.58 -32.87 -5.88
N ARG E 139 -22.83 -33.35 -4.90
CA ARG E 139 -22.60 -34.78 -4.76
C ARG E 139 -23.33 -35.33 -3.56
N ILE E 140 -24.36 -36.11 -3.84
CA ILE E 140 -25.14 -36.75 -2.80
C ILE E 140 -24.29 -37.82 -2.11
N THR E 141 -24.37 -37.87 -0.78
CA THR E 141 -23.49 -38.71 0.00
C THR E 141 -23.72 -40.19 -0.27
N LYS E 142 -24.94 -40.64 0.03
CA LYS E 142 -25.28 -42.06 -0.08
C LYS E 142 -25.49 -42.50 -1.54
N ALA E 143 -24.65 -43.44 -1.98
CA ALA E 143 -24.64 -43.90 -3.37
C ALA E 143 -26.02 -44.28 -3.90
N ASP E 144 -26.73 -45.12 -3.16
CA ASP E 144 -28.09 -45.51 -3.54
C ASP E 144 -29.02 -44.31 -3.65
N ALA E 145 -28.92 -43.40 -2.71
CA ALA E 145 -29.72 -42.17 -2.76
C ALA E 145 -29.28 -41.33 -3.95
N ALA E 146 -27.98 -41.28 -4.21
CA ALA E 146 -27.43 -40.53 -5.33
C ALA E 146 -27.96 -41.08 -6.65
N GLU E 147 -28.03 -42.40 -6.74
CA GLU E 147 -28.57 -43.04 -7.94
C GLU E 147 -30.06 -42.72 -8.14
N PHE E 148 -30.81 -42.71 -7.05
CA PHE E 148 -32.24 -42.39 -7.12
C PHE E 148 -32.49 -40.99 -7.67
N TRP E 149 -31.78 -40.00 -7.15
CA TRP E 149 -31.92 -38.63 -7.62
C TRP E 149 -31.51 -38.48 -9.08
N ARG E 150 -30.36 -39.06 -9.43
CA ARG E 150 -29.86 -39.03 -10.80
C ARG E 150 -30.86 -39.66 -11.78
N LYS E 151 -31.46 -40.78 -11.36
CA LYS E 151 -32.40 -41.51 -12.21
C LYS E 151 -33.69 -40.73 -12.50
N PHE E 152 -34.26 -40.13 -11.46
CA PHE E 152 -35.54 -39.46 -11.60
C PHE E 152 -35.45 -37.96 -11.91
N PHE E 153 -34.38 -37.30 -11.44
CA PHE E 153 -34.28 -35.85 -11.58
C PHE E 153 -33.03 -35.37 -12.32
N GLY E 154 -32.14 -36.29 -12.68
CA GLY E 154 -30.90 -35.95 -13.37
C GLY E 154 -29.99 -35.09 -12.50
N ASP E 155 -29.58 -33.94 -13.03
CA ASP E 155 -28.74 -33.01 -12.28
C ASP E 155 -29.49 -31.78 -11.77
N LYS E 156 -30.81 -31.92 -11.63
CA LYS E 156 -31.63 -30.84 -11.09
C LYS E 156 -31.24 -30.53 -9.66
N THR E 157 -31.34 -29.27 -9.29
CA THR E 157 -30.95 -28.81 -7.96
C THR E 157 -32.15 -28.80 -7.03
N ILE E 158 -33.33 -28.61 -7.59
CA ILE E 158 -34.54 -28.45 -6.77
C ILE E 158 -35.77 -28.98 -7.51
N VAL E 159 -36.76 -29.44 -6.74
CA VAL E 159 -37.93 -30.13 -7.28
C VAL E 159 -39.16 -29.84 -6.41
N PRO E 160 -40.32 -29.57 -7.04
CA PRO E 160 -41.56 -29.35 -6.28
C PRO E 160 -41.91 -30.58 -5.45
N TRP E 161 -42.42 -30.38 -4.23
CA TRP E 161 -42.77 -31.51 -3.35
C TRP E 161 -43.65 -32.56 -4.03
N LYS E 162 -44.66 -32.09 -4.77
CA LYS E 162 -45.60 -32.99 -5.43
C LYS E 162 -44.88 -33.97 -6.36
N VAL E 163 -43.86 -33.48 -7.06
CA VAL E 163 -43.06 -34.30 -7.93
C VAL E 163 -42.14 -35.24 -7.14
N PHE E 164 -41.52 -34.72 -6.08
CA PHE E 164 -40.63 -35.55 -5.28
C PHE E 164 -41.39 -36.70 -4.66
N ARG E 165 -42.58 -36.42 -4.13
CA ARG E 165 -43.40 -37.45 -3.51
C ARG E 165 -43.74 -38.59 -4.48
N GLN E 166 -44.14 -38.24 -5.70
CA GLN E 166 -44.60 -39.25 -6.66
C GLN E 166 -43.48 -40.16 -7.16
N CYS E 167 -42.29 -39.59 -7.39
CA CYS E 167 -41.14 -40.39 -7.81
C CYS E 167 -40.64 -41.29 -6.70
N LEU E 168 -40.53 -40.74 -5.49
CA LEU E 168 -40.13 -41.52 -4.33
C LEU E 168 -41.12 -42.67 -4.07
N HIS E 169 -42.41 -42.40 -4.26
CA HIS E 169 -43.46 -43.41 -4.08
C HIS E 169 -43.24 -44.63 -4.99
N GLU E 170 -42.70 -44.40 -6.18
CA GLU E 170 -42.38 -45.49 -7.10
C GLU E 170 -41.34 -46.45 -6.52
N VAL E 171 -40.50 -45.93 -5.62
CA VAL E 171 -39.41 -46.72 -5.06
C VAL E 171 -39.74 -47.17 -3.64
N HIS E 172 -40.08 -46.20 -2.78
CA HIS E 172 -40.52 -46.49 -1.43
C HIS E 172 -41.94 -46.00 -1.22
N GLN E 173 -42.86 -46.93 -1.05
CA GLN E 173 -44.28 -46.59 -0.93
C GLN E 173 -44.62 -45.75 0.28
N ILE E 174 -45.37 -44.68 0.04
CA ILE E 174 -45.94 -43.87 1.10
C ILE E 174 -47.37 -44.36 1.31
N SER E 175 -47.68 -44.77 2.54
CA SER E 175 -48.94 -45.48 2.80
C SER E 175 -50.17 -44.58 2.81
N SER E 176 -50.03 -43.33 3.23
CA SER E 176 -51.19 -42.45 3.28
C SER E 176 -50.84 -40.98 3.03
N GLY E 177 -51.87 -40.18 2.82
CA GLY E 177 -51.71 -38.74 2.69
C GLY E 177 -51.14 -38.17 3.98
N LEU E 178 -51.62 -38.70 5.10
CA LEU E 178 -51.15 -38.28 6.41
C LEU E 178 -49.66 -38.54 6.60
N GLU E 179 -49.20 -39.72 6.18
CA GLU E 179 -47.78 -40.03 6.26
C GLU E 179 -46.97 -39.15 5.33
N ALA E 180 -47.52 -38.88 4.14
CA ALA E 180 -46.86 -38.02 3.17
C ALA E 180 -46.59 -36.64 3.79
N MET E 181 -47.60 -36.10 4.47
CA MET E 181 -47.45 -34.79 5.09
C MET E 181 -46.45 -34.80 6.22
N ALA E 182 -46.42 -35.90 6.99
CA ALA E 182 -45.44 -36.05 8.05
C ALA E 182 -44.04 -36.15 7.46
N LEU E 183 -43.95 -36.79 6.31
CA LEU E 183 -42.68 -36.95 5.61
C LEU E 183 -42.17 -35.61 5.08
N LYS E 184 -43.07 -34.87 4.43
CA LYS E 184 -42.75 -33.55 3.91
C LYS E 184 -42.22 -32.67 5.04
N SER E 185 -42.92 -32.70 6.17
CA SER E 185 -42.51 -31.97 7.36
C SER E 185 -41.06 -32.26 7.78
N THR E 186 -40.62 -33.50 7.54
CA THR E 186 -39.27 -33.90 7.91
C THR E 186 -38.22 -33.48 6.88
N ILE E 187 -38.51 -33.69 5.60
CA ILE E 187 -37.54 -33.44 4.54
C ILE E 187 -37.45 -31.95 4.17
N ASP E 188 -38.59 -31.27 4.16
CA ASP E 188 -38.64 -29.87 3.74
C ASP E 188 -38.09 -28.96 4.84
N LEU E 189 -36.77 -28.98 5.00
CA LEU E 189 -36.13 -28.22 6.07
C LEU E 189 -36.31 -26.72 5.95
N THR E 190 -36.28 -26.22 4.71
CA THR E 190 -36.40 -24.78 4.48
C THR E 190 -37.86 -24.35 4.43
N CYS E 191 -38.77 -25.31 4.54
CA CYS E 191 -40.22 -25.04 4.58
C CYS E 191 -40.74 -24.21 3.43
N ASN E 192 -40.43 -24.61 2.19
CA ASN E 192 -40.89 -23.84 1.04
C ASN E 192 -41.60 -24.69 -0.02
N ASP E 193 -42.01 -25.90 0.37
CA ASP E 193 -42.73 -26.83 -0.50
C ASP E 193 -41.90 -27.33 -1.70
N TYR E 194 -40.58 -27.20 -1.60
CA TYR E 194 -39.67 -27.74 -2.59
C TYR E 194 -38.67 -28.64 -1.90
N ILE E 195 -38.09 -29.56 -2.64
CA ILE E 195 -37.02 -30.38 -2.10
C ILE E 195 -35.76 -30.13 -2.92
N SER E 196 -34.77 -29.49 -2.31
CA SER E 196 -33.49 -29.29 -2.97
C SER E 196 -32.64 -30.55 -2.84
N VAL E 197 -31.64 -30.70 -3.71
CA VAL E 197 -30.75 -31.85 -3.67
C VAL E 197 -29.99 -31.88 -2.33
N PHE E 198 -29.86 -30.69 -1.74
CA PHE E 198 -29.20 -30.51 -0.44
C PHE E 198 -30.05 -31.08 0.69
N GLU E 199 -31.34 -30.74 0.68
CA GLU E 199 -32.29 -31.28 1.65
C GLU E 199 -32.35 -32.79 1.54
N PHE E 200 -32.37 -33.29 0.31
CA PHE E 200 -32.38 -34.72 0.04
C PHE E 200 -31.13 -35.37 0.63
N ASP E 201 -29.99 -34.74 0.43
CA ASP E 201 -28.74 -35.25 0.98
C ASP E 201 -28.84 -35.38 2.50
N ILE E 202 -29.33 -34.33 3.16
CA ILE E 202 -29.48 -34.33 4.61
C ILE E 202 -30.38 -35.48 5.09
N PHE E 203 -31.56 -35.59 4.50
CA PHE E 203 -32.52 -36.63 4.85
C PHE E 203 -31.96 -38.05 4.70
N THR E 204 -31.32 -38.32 3.58
CA THR E 204 -30.78 -39.65 3.32
C THR E 204 -29.55 -39.99 4.16
N ARG E 205 -28.87 -38.97 4.65
CA ARG E 205 -27.80 -39.17 5.63
C ARG E 205 -28.38 -39.50 6.99
N LEU E 206 -29.43 -38.78 7.38
CA LEU E 206 -30.05 -38.97 8.70
C LEU E 206 -30.75 -40.30 8.86
N PHE E 207 -31.39 -40.78 7.80
CA PHE E 207 -32.26 -41.96 7.90
C PHE E 207 -31.79 -43.15 7.06
N GLN E 208 -30.51 -43.14 6.70
CA GLN E 208 -29.86 -44.28 6.06
C GLN E 208 -30.05 -45.53 6.92
N PRO E 209 -30.00 -46.73 6.31
CA PRO E 209 -29.73 -47.03 4.89
C PRO E 209 -30.91 -46.71 3.97
N TRP E 210 -30.57 -46.33 2.74
CA TRP E 210 -31.56 -45.98 1.72
C TRP E 210 -32.57 -47.10 1.44
N GLY E 211 -32.10 -48.35 1.49
CA GLY E 211 -32.92 -49.49 1.13
C GLY E 211 -34.20 -49.64 1.93
N SER E 212 -34.20 -49.10 3.15
CA SER E 212 -35.35 -49.19 4.04
C SER E 212 -35.64 -47.83 4.67
N ILE E 213 -35.40 -46.77 3.92
CA ILE E 213 -35.38 -45.41 4.48
C ILE E 213 -36.69 -44.96 5.15
N LEU E 214 -37.83 -45.27 4.53
CA LEU E 214 -39.11 -44.87 5.12
C LEU E 214 -39.44 -45.67 6.39
N ARG E 215 -38.97 -46.91 6.45
CA ARG E 215 -39.15 -47.70 7.67
C ARG E 215 -38.25 -47.16 8.78
N ASN E 216 -37.02 -46.78 8.42
CA ASN E 216 -36.10 -46.15 9.35
C ASN E 216 -36.68 -44.86 9.90
N TRP E 217 -37.23 -44.06 9.01
CA TRP E 217 -37.82 -42.78 9.38
C TRP E 217 -39.03 -42.98 10.29
N ASN E 218 -39.79 -44.06 10.06
CA ASN E 218 -40.89 -44.42 10.95
C ASN E 218 -40.40 -44.81 12.34
N PHE E 219 -39.44 -45.74 12.38
CA PHE E 219 -38.88 -46.24 13.65
C PHE E 219 -38.19 -45.13 14.46
N LEU E 220 -37.52 -44.22 13.77
CA LEU E 220 -36.67 -43.23 14.44
C LEU E 220 -37.35 -41.91 14.74
N ALA E 221 -38.22 -41.46 13.84
CA ALA E 221 -38.83 -40.15 13.99
C ALA E 221 -40.31 -40.23 14.32
N VAL E 222 -41.05 -41.03 13.55
CA VAL E 222 -42.49 -41.06 13.65
C VAL E 222 -43.02 -41.67 14.95
N THR E 223 -42.56 -42.87 15.27
CA THR E 223 -43.08 -43.58 16.43
C THR E 223 -42.18 -43.49 17.65
N HIS E 224 -41.04 -42.82 17.52
CA HIS E 224 -40.12 -42.72 18.65
C HIS E 224 -40.35 -41.41 19.43
N PRO E 225 -40.75 -41.53 20.70
CA PRO E 225 -41.07 -40.37 21.55
C PRO E 225 -39.86 -39.46 21.77
N GLY E 226 -38.66 -39.99 21.61
CA GLY E 226 -37.44 -39.23 21.79
C GLY E 226 -37.19 -38.19 20.70
N TYR E 227 -37.79 -38.40 19.54
CA TYR E 227 -37.54 -37.52 18.40
C TYR E 227 -38.21 -36.15 18.52
N MET E 228 -37.47 -35.10 18.16
CA MET E 228 -37.98 -33.73 18.24
C MET E 228 -37.72 -32.99 16.94
N ALA E 229 -38.78 -32.47 16.33
CA ALA E 229 -38.67 -31.70 15.09
C ALA E 229 -38.32 -30.23 15.39
N PHE E 230 -37.44 -29.65 14.57
CA PHE E 230 -37.13 -28.21 14.64
C PHE E 230 -36.90 -27.70 16.06
N LEU E 231 -36.05 -28.38 16.80
CA LEU E 231 -35.70 -27.96 18.15
C LEU E 231 -34.25 -27.50 18.14
N THR E 232 -33.94 -26.48 18.92
CA THR E 232 -32.57 -25.98 19.02
C THR E 232 -31.85 -26.63 20.20
N TYR E 233 -30.54 -26.41 20.28
CA TYR E 233 -29.75 -26.84 21.44
C TYR E 233 -30.38 -26.33 22.73
N ASP E 234 -30.68 -25.04 22.79
CA ASP E 234 -31.23 -24.45 23.99
C ASP E 234 -32.64 -24.97 24.36
N GLU E 235 -33.44 -25.31 23.36
CA GLU E 235 -34.78 -25.85 23.60
C GLU E 235 -34.74 -27.28 24.13
N VAL E 236 -33.80 -28.07 23.63
CA VAL E 236 -33.60 -29.42 24.14
C VAL E 236 -33.26 -29.33 25.63
N LYS E 237 -32.33 -28.43 25.94
CA LYS E 237 -31.90 -28.21 27.32
C LYS E 237 -33.04 -27.76 28.23
N ALA E 238 -33.93 -26.91 27.70
CA ALA E 238 -35.09 -26.43 28.46
C ALA E 238 -36.11 -27.54 28.71
N ARG E 239 -36.32 -28.37 27.70
CA ARG E 239 -37.28 -29.47 27.81
C ARG E 239 -36.77 -30.57 28.74
N LEU E 240 -35.49 -30.91 28.64
CA LEU E 240 -34.90 -31.95 29.48
C LEU E 240 -34.67 -31.50 30.92
N GLN E 241 -34.60 -30.19 31.12
CA GLN E 241 -34.41 -29.64 32.46
C GLN E 241 -35.57 -30.01 33.39
N LYS E 242 -36.74 -30.24 32.81
CA LYS E 242 -37.92 -30.66 33.57
C LYS E 242 -37.76 -32.08 34.14
N TYR E 243 -36.74 -32.79 33.69
CA TYR E 243 -36.48 -34.17 34.15
C TYR E 243 -35.09 -34.29 34.77
N SER E 244 -34.56 -33.20 35.32
CA SER E 244 -33.24 -33.24 35.93
C SER E 244 -33.21 -34.25 37.07
N THR E 245 -34.37 -34.47 37.70
CA THR E 245 -34.50 -35.44 38.78
C THR E 245 -34.83 -36.83 38.26
N LYS E 246 -34.65 -37.05 36.96
CA LYS E 246 -34.91 -38.36 36.37
C LYS E 246 -33.82 -38.72 35.37
N PRO E 247 -32.66 -39.17 35.87
CA PRO E 247 -31.54 -39.57 35.01
C PRO E 247 -31.93 -40.67 34.03
N GLY E 248 -31.45 -40.58 32.80
CA GLY E 248 -31.84 -41.53 31.77
C GLY E 248 -32.79 -40.90 30.76
N SER E 249 -33.37 -39.76 31.12
CA SER E 249 -34.26 -39.03 30.24
C SER E 249 -33.48 -38.46 29.07
N TYR E 250 -34.00 -38.63 27.86
CA TYR E 250 -33.27 -38.21 26.68
C TYR E 250 -34.18 -37.86 25.50
N ILE E 251 -33.66 -37.02 24.61
CA ILE E 251 -34.31 -36.71 23.34
C ILE E 251 -33.23 -36.53 22.28
N PHE E 252 -33.64 -36.59 21.01
CA PHE E 252 -32.68 -36.42 19.93
C PHE E 252 -33.31 -35.68 18.76
N ARG E 253 -32.47 -35.02 17.98
CA ARG E 253 -32.95 -34.16 16.89
C ARG E 253 -31.84 -33.84 15.90
N LEU E 254 -32.18 -33.11 14.85
CA LEU E 254 -31.20 -32.68 13.87
C LEU E 254 -30.26 -31.65 14.49
N SER E 255 -28.97 -31.87 14.33
CA SER E 255 -27.99 -30.84 14.64
C SER E 255 -28.19 -29.67 13.69
N CYS E 256 -28.13 -28.46 14.23
CA CYS E 256 -28.23 -27.25 13.43
C CYS E 256 -26.89 -26.91 12.76
N THR E 257 -25.80 -27.07 13.50
CA THR E 257 -24.48 -26.68 12.99
C THR E 257 -23.81 -27.75 12.14
N ARG E 258 -24.24 -28.99 12.28
CA ARG E 258 -23.70 -30.07 11.46
C ARG E 258 -24.84 -30.80 10.77
N LEU E 259 -25.35 -30.21 9.71
CA LEU E 259 -26.51 -30.77 9.00
C LEU E 259 -26.20 -32.14 8.43
N GLY E 260 -27.13 -33.06 8.64
CA GLY E 260 -26.94 -34.45 8.27
C GLY E 260 -26.57 -35.29 9.48
N GLN E 261 -26.43 -34.65 10.64
CA GLN E 261 -26.04 -35.35 11.87
C GLN E 261 -27.07 -35.22 12.98
N TRP E 262 -27.13 -36.25 13.82
CA TRP E 262 -28.02 -36.27 14.97
C TRP E 262 -27.38 -35.69 16.22
N ALA E 263 -28.16 -35.00 17.04
CA ALA E 263 -27.69 -34.53 18.33
C ALA E 263 -28.56 -35.17 19.41
N ILE E 264 -27.93 -35.82 20.39
CA ILE E 264 -28.68 -36.49 21.45
C ILE E 264 -28.49 -35.79 22.79
N GLY E 265 -29.60 -35.34 23.39
CA GLY E 265 -29.55 -34.76 24.71
C GLY E 265 -29.96 -35.78 25.76
N TYR E 266 -29.33 -35.73 26.93
CA TYR E 266 -29.65 -36.66 28.00
C TYR E 266 -29.33 -36.11 29.38
N VAL E 267 -30.01 -36.66 30.39
CA VAL E 267 -29.82 -36.27 31.78
C VAL E 267 -28.87 -37.25 32.47
N THR E 268 -27.81 -36.72 33.07
CA THR E 268 -26.84 -37.56 33.76
C THR E 268 -27.34 -37.93 35.14
N GLY E 269 -26.59 -38.81 35.82
CA GLY E 269 -26.96 -39.28 37.14
C GLY E 269 -26.97 -38.20 38.21
N ASP E 270 -26.30 -37.07 37.93
CA ASP E 270 -26.25 -35.97 38.87
C ASP E 270 -27.12 -34.78 38.45
N GLY E 271 -28.06 -35.01 37.54
CA GLY E 271 -29.06 -34.02 37.19
C GLY E 271 -28.66 -33.00 36.15
N ASN E 272 -27.49 -33.17 35.54
CA ASN E 272 -27.05 -32.25 34.50
C ASN E 272 -27.49 -32.67 33.10
N ILE E 273 -27.54 -31.71 32.18
CA ILE E 273 -27.91 -32.00 30.80
C ILE E 273 -26.71 -31.94 29.86
N LEU E 274 -26.43 -33.04 29.18
CA LEU E 274 -25.38 -33.09 28.18
C LEU E 274 -25.95 -33.40 26.80
N GLN E 275 -25.30 -32.89 25.75
CA GLN E 275 -25.70 -33.18 24.38
C GLN E 275 -24.51 -33.68 23.57
N THR E 276 -24.75 -34.68 22.71
CA THR E 276 -23.67 -35.35 22.00
C THR E 276 -24.04 -35.64 20.54
N ILE E 277 -23.03 -35.69 19.68
CA ILE E 277 -23.23 -36.02 18.27
C ILE E 277 -22.43 -37.25 17.88
N PRO E 278 -23.13 -38.34 17.52
CA PRO E 278 -22.43 -39.54 17.03
C PRO E 278 -22.02 -39.33 15.57
N HIS E 279 -20.91 -38.62 15.38
CA HIS E 279 -20.49 -38.12 14.07
C HIS E 279 -20.36 -39.18 12.98
N ASN E 280 -21.33 -39.18 12.06
CA ASN E 280 -21.39 -40.14 10.96
C ASN E 280 -21.54 -41.61 11.40
N LYS E 281 -22.10 -41.82 12.59
CA LYS E 281 -22.37 -43.16 13.09
C LYS E 281 -23.88 -43.40 13.14
N PRO E 282 -24.32 -44.66 12.99
CA PRO E 282 -25.75 -44.94 12.94
C PRO E 282 -26.46 -44.53 14.23
N LEU E 283 -27.52 -43.74 14.12
CA LEU E 283 -28.29 -43.34 15.28
C LEU E 283 -28.82 -44.56 16.06
N PHE E 284 -29.32 -45.57 15.34
CA PHE E 284 -29.96 -46.71 15.99
C PHE E 284 -28.99 -47.42 16.94
N GLN E 285 -27.73 -47.53 16.51
CA GLN E 285 -26.71 -48.18 17.34
C GLN E 285 -26.37 -47.34 18.56
N ALA E 286 -26.28 -46.03 18.38
CA ALA E 286 -26.03 -45.12 19.50
C ALA E 286 -27.14 -45.21 20.54
N LEU E 287 -28.38 -45.36 20.07
CA LEU E 287 -29.51 -45.46 20.97
C LEU E 287 -29.53 -46.80 21.72
N ILE E 288 -29.15 -47.86 21.03
CA ILE E 288 -29.07 -49.18 21.65
C ILE E 288 -27.98 -49.19 22.72
N ASP E 289 -26.80 -48.69 22.36
CA ASP E 289 -25.66 -48.64 23.28
C ASP E 289 -25.96 -47.83 24.54
N GLY E 290 -26.44 -46.62 24.35
CA GLY E 290 -26.80 -45.75 25.46
C GLY E 290 -27.90 -46.30 26.34
N SER E 291 -28.84 -47.00 25.73
CA SER E 291 -29.91 -47.67 26.46
C SER E 291 -29.35 -48.82 27.30
N ARG E 292 -28.49 -49.64 26.70
CA ARG E 292 -27.87 -50.75 27.38
C ARG E 292 -27.00 -50.27 28.56
N GLU E 293 -26.46 -49.06 28.44
CA GLU E 293 -25.57 -48.53 29.47
C GLU E 293 -26.27 -47.57 30.42
N GLY E 294 -27.59 -47.47 30.30
CA GLY E 294 -28.38 -46.68 31.24
C GLY E 294 -28.35 -45.17 31.04
N PHE E 295 -27.85 -44.73 29.89
CA PHE E 295 -27.79 -43.31 29.60
C PHE E 295 -29.07 -42.83 28.92
N TYR E 296 -29.57 -43.62 27.97
CA TYR E 296 -30.75 -43.27 27.21
C TYR E 296 -31.88 -44.22 27.59
N LEU E 297 -32.64 -43.87 28.62
CA LEU E 297 -33.66 -44.77 29.17
C LEU E 297 -35.10 -44.28 29.02
N TYR E 298 -35.30 -42.97 29.13
CA TYR E 298 -36.66 -42.44 29.13
C TYR E 298 -36.85 -41.35 28.09
N PRO E 299 -37.34 -41.75 26.89
CA PRO E 299 -37.46 -40.85 25.74
C PRO E 299 -38.47 -39.75 26.04
N ASP E 300 -38.00 -38.50 26.07
CA ASP E 300 -38.82 -37.37 26.48
C ASP E 300 -39.47 -37.65 27.84
N GLY E 301 -38.72 -38.29 28.73
CA GLY E 301 -39.16 -38.56 30.08
C GLY E 301 -40.18 -39.68 30.21
N ARG E 302 -40.58 -40.28 29.10
CA ARG E 302 -41.62 -41.31 29.13
C ARG E 302 -41.11 -42.64 29.67
N SER E 303 -42.02 -43.44 30.20
CA SER E 303 -41.64 -44.68 30.86
C SER E 303 -41.29 -45.80 29.88
N TYR E 304 -41.84 -45.74 28.68
CA TYR E 304 -41.55 -46.77 27.69
C TYR E 304 -40.48 -46.34 26.69
N ASN E 305 -39.48 -47.20 26.52
CA ASN E 305 -38.35 -46.94 25.63
C ASN E 305 -38.29 -47.98 24.52
N PRO E 306 -38.50 -47.56 23.26
CA PRO E 306 -38.52 -48.48 22.11
C PRO E 306 -37.24 -49.29 21.98
N ASP E 307 -37.36 -50.57 21.64
CA ASP E 307 -36.21 -51.42 21.41
C ASP E 307 -35.93 -51.50 19.91
N LEU E 308 -34.83 -50.87 19.49
CA LEU E 308 -34.50 -50.77 18.07
C LEU E 308 -33.54 -51.87 17.59
N THR E 309 -33.36 -52.90 18.41
CA THR E 309 -32.45 -53.99 18.07
C THR E 309 -32.88 -54.68 16.78
N GLY E 310 -31.94 -54.82 15.85
CA GLY E 310 -32.18 -55.53 14.60
C GLY E 310 -33.19 -54.88 13.68
N LEU E 311 -33.39 -53.57 13.81
CA LEU E 311 -34.38 -52.85 13.01
C LEU E 311 -33.80 -52.12 11.80
N CYS E 312 -32.80 -51.26 12.03
CA CYS E 312 -32.31 -50.37 10.98
C CYS E 312 -30.98 -50.82 10.37
N GLU E 313 -30.77 -52.12 10.25
CA GLU E 313 -29.51 -52.66 9.76
C GLU E 313 -29.40 -52.63 8.23
N PRO E 314 -28.29 -52.08 7.71
CA PRO E 314 -27.98 -52.25 6.29
C PRO E 314 -27.48 -53.66 6.02
N THR E 315 -27.85 -54.21 4.86
CA THR E 315 -27.24 -55.45 4.42
C THR E 315 -25.81 -55.14 4.00
N PRO E 316 -24.86 -56.02 4.40
CA PRO E 316 -23.44 -55.84 4.09
C PRO E 316 -23.21 -55.54 2.61
N HIS E 317 -22.41 -54.51 2.35
CA HIS E 317 -22.04 -54.12 1.01
C HIS E 317 -21.42 -55.30 0.27
N ASP E 318 -21.75 -55.45 -1.01
CA ASP E 318 -21.17 -56.50 -1.83
C ASP E 318 -19.66 -56.36 -1.83
N HIS E 319 -18.97 -57.50 -1.78
CA HIS E 319 -17.51 -57.50 -1.70
C HIS E 319 -16.86 -56.87 -2.92
N ILE E 320 -15.79 -56.13 -2.67
CA ILE E 320 -15.04 -55.50 -3.74
C ILE E 320 -13.98 -56.48 -4.25
N LYS E 321 -14.09 -56.88 -5.50
CA LYS E 321 -13.12 -57.78 -6.11
C LYS E 321 -12.04 -56.99 -6.83
N VAL E 322 -10.78 -57.31 -6.56
CA VAL E 322 -9.69 -56.70 -7.32
C VAL E 322 -9.47 -57.48 -8.61
N THR E 323 -9.52 -56.75 -9.71
CA THR E 323 -9.33 -57.33 -11.04
C THR E 323 -7.91 -57.87 -11.19
N GLN E 324 -7.70 -58.73 -12.18
CA GLN E 324 -6.36 -59.22 -12.46
C GLN E 324 -5.45 -58.06 -12.85
N GLU E 325 -6.01 -57.11 -13.59
CA GLU E 325 -5.28 -55.91 -14.00
C GLU E 325 -4.78 -55.15 -12.78
N GLN E 326 -5.67 -54.93 -11.82
CA GLN E 326 -5.31 -54.23 -10.58
C GLN E 326 -4.22 -55.00 -9.83
N PHE E 327 -4.38 -56.32 -9.75
CA PHE E 327 -3.43 -57.16 -9.05
C PHE E 327 -2.02 -56.99 -9.59
N GLU E 328 -1.87 -57.16 -10.90
CA GLU E 328 -0.56 -57.05 -11.55
C GLU E 328 -0.03 -55.62 -11.52
N LEU E 329 -0.92 -54.64 -11.53
CA LEU E 329 -0.52 -53.24 -11.49
C LEU E 329 0.15 -52.91 -10.16
N CYS E 331 1.27 -55.08 -8.15
CA CYS E 331 2.39 -56.02 -8.03
C CYS E 331 3.64 -55.39 -8.64
N GLU E 332 3.45 -54.68 -9.76
CA GLU E 332 4.53 -53.95 -10.41
C GLU E 332 5.11 -52.90 -9.46
N MET E 333 4.26 -52.38 -8.58
CA MET E 333 4.69 -51.42 -7.57
C MET E 333 5.13 -52.11 -6.27
N GLY E 334 5.26 -53.43 -6.31
CA GLY E 334 5.62 -54.20 -5.14
C GLY E 334 4.64 -54.03 -4.00
N SER E 335 3.35 -54.07 -4.33
CA SER E 335 2.31 -53.81 -3.34
C SER E 335 1.04 -54.55 -3.72
N THR E 336 -0.05 -54.31 -2.99
CA THR E 336 -1.35 -54.88 -3.32
C THR E 336 -2.43 -53.82 -3.31
N PHE E 337 -3.50 -54.04 -4.08
CA PHE E 337 -4.62 -53.12 -4.11
C PHE E 337 -5.28 -52.99 -2.74
N GLN E 338 -5.48 -54.11 -2.05
CA GLN E 338 -6.24 -54.10 -0.81
C GLN E 338 -5.56 -53.32 0.32
N LEU E 339 -4.24 -53.15 0.23
CA LEU E 339 -3.50 -52.47 1.28
C LEU E 339 -3.95 -51.02 1.45
N CYS E 340 -4.25 -50.65 2.69
CA CYS E 340 -4.50 -49.25 3.01
C CYS E 340 -3.24 -48.44 2.73
N LYS E 341 -3.31 -47.48 1.81
CA LYS E 341 -2.13 -46.73 1.42
C LYS E 341 -1.85 -45.54 2.35
N ILE E 342 -2.57 -45.46 3.45
CA ILE E 342 -2.23 -44.51 4.49
C ILE E 342 -1.24 -45.14 5.49
N CYS E 343 -1.64 -46.24 6.12
CA CYS E 343 -0.76 -46.91 7.10
C CYS E 343 0.20 -47.91 6.49
N ALA E 344 -0.16 -48.42 5.31
CA ALA E 344 0.61 -49.48 4.65
C ALA E 344 0.68 -50.74 5.52
N GLU E 345 -0.32 -50.92 6.36
CA GLU E 345 -0.33 -52.05 7.30
C GLU E 345 -1.61 -52.87 7.19
N ASN E 346 -2.75 -52.25 7.54
CA ASN E 346 -4.04 -52.93 7.43
C ASN E 346 -4.56 -52.91 5.99
N ASP E 347 -5.62 -53.66 5.73
CA ASP E 347 -6.29 -53.59 4.43
C ASP E 347 -7.40 -52.55 4.47
N LYS E 348 -7.77 -52.06 3.29
CA LYS E 348 -8.89 -51.14 3.14
C LYS E 348 -10.17 -51.80 3.63
N ASP E 349 -10.91 -51.14 4.53
CA ASP E 349 -12.16 -51.70 5.03
C ASP E 349 -13.30 -50.67 5.13
N VAL E 350 -13.05 -49.46 4.67
CA VAL E 350 -14.08 -48.41 4.67
C VAL E 350 -14.03 -47.60 3.38
N LYS E 351 -15.20 -47.21 2.87
CA LYS E 351 -15.31 -46.35 1.71
C LYS E 351 -15.78 -44.96 2.13
N ILE E 352 -15.04 -43.94 1.74
CA ILE E 352 -15.43 -42.56 2.06
C ILE E 352 -16.49 -42.07 1.07
N GLU E 353 -17.50 -41.38 1.59
CA GLU E 353 -18.55 -40.81 0.75
C GLU E 353 -18.60 -39.29 0.85
N PRO E 354 -18.88 -38.61 -0.28
CA PRO E 354 -19.28 -39.18 -1.57
C PRO E 354 -18.12 -39.50 -2.53
N CYS E 355 -16.89 -39.13 -2.18
CA CYS E 355 -15.77 -39.22 -3.13
C CYS E 355 -15.45 -40.65 -3.58
N GLY E 356 -15.74 -41.63 -2.72
CA GLY E 356 -15.56 -43.03 -3.08
C GLY E 356 -14.19 -43.63 -2.79
N HIS E 357 -13.26 -42.84 -2.26
CA HIS E 357 -11.90 -43.35 -2.02
C HIS E 357 -11.84 -44.30 -0.82
N LEU E 358 -10.85 -45.21 -0.85
CA LEU E 358 -10.76 -46.32 0.10
C LEU E 358 -9.55 -46.23 1.03
N MET E 359 -9.76 -46.61 2.29
CA MET E 359 -8.69 -46.69 3.29
C MET E 359 -9.18 -47.59 4.42
N CYS E 360 -8.38 -47.71 5.49
CA CYS E 360 -8.83 -48.51 6.63
C CYS E 360 -9.46 -47.62 7.69
N THR E 361 -10.32 -48.21 8.51
CA THR E 361 -11.08 -47.47 9.52
C THR E 361 -10.18 -46.91 10.63
N SER E 362 -9.19 -47.70 11.03
CA SER E 362 -8.22 -47.25 12.02
C SER E 362 -7.56 -45.92 11.62
N CYS E 363 -7.19 -45.80 10.35
CA CYS E 363 -6.57 -44.57 9.86
C CYS E 363 -7.55 -43.41 9.75
N LEU E 364 -8.77 -43.70 9.27
CA LEU E 364 -9.79 -42.66 9.12
C LEU E 364 -10.08 -42.04 10.48
N THR E 365 -10.16 -42.89 11.49
CA THR E 365 -10.39 -42.44 12.85
C THR E 365 -9.23 -41.62 13.38
N ALA E 366 -8.02 -42.13 13.22
CA ALA E 366 -6.81 -41.41 13.61
C ALA E 366 -6.72 -40.04 12.94
N TRP E 367 -7.03 -39.99 11.65
CA TRP E 367 -6.98 -38.72 10.89
C TRP E 367 -7.97 -37.72 11.45
N GLN E 368 -9.23 -38.14 11.61
CA GLN E 368 -10.25 -37.27 12.18
C GLN E 368 -10.00 -36.89 13.64
N GLU E 369 -9.42 -37.81 14.41
CA GLU E 369 -9.07 -37.54 15.81
C GLU E 369 -7.91 -36.55 15.95
N SER E 370 -7.06 -36.47 14.93
CA SER E 370 -5.96 -35.52 14.95
C SER E 370 -6.41 -34.15 14.41
N ASP E 371 -7.72 -33.97 14.35
CA ASP E 371 -8.35 -32.75 13.82
C ASP E 371 -8.11 -32.56 12.33
N GLY E 372 -7.81 -33.65 11.63
CA GLY E 372 -7.66 -33.61 10.20
C GLY E 372 -9.02 -33.53 9.52
N GLN E 373 -9.05 -32.98 8.31
CA GLN E 373 -10.30 -32.81 7.60
C GLN E 373 -10.26 -33.29 6.15
N GLY E 374 -11.37 -33.86 5.71
CA GLY E 374 -11.52 -34.26 4.32
C GLY E 374 -10.79 -35.54 4.01
N CYS E 375 -11.15 -36.11 2.86
CA CYS E 375 -10.50 -37.29 2.34
C CYS E 375 -9.02 -37.00 2.14
N PRO E 376 -8.15 -37.88 2.63
CA PRO E 376 -6.71 -37.70 2.43
C PRO E 376 -6.31 -37.61 0.95
N PHE E 377 -7.05 -38.28 0.09
CA PHE E 377 -6.65 -38.36 -1.31
C PHE E 377 -7.19 -37.23 -2.20
N CYS E 378 -8.35 -36.69 -1.86
CA CYS E 378 -8.95 -35.64 -2.68
C CYS E 378 -9.45 -34.42 -1.91
N ARG E 379 -9.33 -34.48 -0.58
CA ARG E 379 -9.73 -33.38 0.31
C ARG E 379 -11.24 -33.08 0.39
N CYS E 380 -12.06 -33.80 -0.38
CA CYS E 380 -13.50 -33.56 -0.32
CA CYS E 380 -13.51 -33.61 -0.33
C CYS E 380 -14.05 -33.91 1.07
N GLU E 381 -15.09 -33.18 1.46
CA GLU E 381 -15.67 -33.37 2.79
C GLU E 381 -16.10 -34.81 2.99
N ILE E 382 -15.85 -35.33 4.20
CA ILE E 382 -16.28 -36.68 4.56
C ILE E 382 -17.71 -36.60 5.08
N LYS E 383 -18.67 -36.81 4.20
CA LYS E 383 -20.07 -36.67 4.58
C LYS E 383 -20.71 -37.99 4.99
N GLY E 384 -19.99 -39.08 4.75
CA GLY E 384 -20.47 -40.41 5.10
C GLY E 384 -19.42 -41.47 4.81
N THR E 385 -19.68 -42.69 5.27
CA THR E 385 -18.79 -43.82 5.02
C THR E 385 -19.60 -45.09 4.89
N GLU E 386 -19.03 -46.09 4.22
CA GLU E 386 -19.59 -47.44 4.26
C GLU E 386 -18.47 -48.43 4.55
N PRO E 387 -18.75 -49.42 5.40
CA PRO E 387 -17.80 -50.51 5.60
C PRO E 387 -17.75 -51.37 4.34
N ILE E 388 -16.57 -51.69 3.87
CA ILE E 388 -16.46 -52.58 2.72
C ILE E 388 -15.44 -53.67 3.01
N ILE E 389 -15.40 -54.67 2.14
CA ILE E 389 -14.39 -55.71 2.23
C ILE E 389 -13.82 -55.96 0.85
N VAL E 390 -12.49 -55.94 0.75
CA VAL E 390 -11.85 -56.14 -0.54
C VAL E 390 -11.38 -57.59 -0.65
N ASP E 391 -11.74 -58.23 -1.75
CA ASP E 391 -11.35 -59.61 -2.00
C ASP E 391 -10.14 -59.70 -2.90
N PRO E 392 -8.98 -60.06 -2.33
CA PRO E 392 -7.69 -60.15 -3.03
C PRO E 392 -7.77 -61.07 -4.24
N PHE E 393 -6.89 -60.86 -5.21
CA PHE E 393 -6.80 -61.75 -6.35
C PHE E 393 -6.16 -63.06 -5.91
N ASP E 394 -5.45 -62.98 -4.79
CA ASP E 394 -4.79 -64.12 -4.15
C ASP E 394 -3.95 -64.94 -5.13
N ASP F 5 -18.57 -26.01 21.47
CA ASP F 5 -19.84 -25.72 20.81
C ASP F 5 -21.04 -26.28 21.58
N GLY F 6 -20.75 -26.90 22.73
CA GLY F 6 -21.79 -27.44 23.59
C GLY F 6 -21.96 -28.95 23.48
N THR F 8 -20.52 -32.76 23.71
CA THR F 8 -19.52 -33.53 24.44
C THR F 8 -19.43 -34.97 23.90
N PRO F 9 -18.37 -35.71 24.27
CA PRO F 9 -18.26 -37.08 23.77
C PRO F 9 -19.44 -37.97 24.16
N GLU F 10 -19.74 -38.97 23.33
CA GLU F 10 -20.79 -39.94 23.63
C GLU F 10 -20.53 -40.59 24.98
N PRO F 11 -21.59 -40.76 25.78
CA PRO F 11 -21.44 -41.35 27.12
C PRO F 11 -20.97 -42.80 27.02
N ALA F 12 -20.20 -43.25 28.01
CA ALA F 12 -19.64 -44.59 28.00
C ALA F 12 -19.35 -45.07 29.42
N ALA G 1 3.66 -45.88 12.39
CA ALA G 1 4.42 -44.98 11.54
C ALA G 1 5.50 -45.75 10.77
N LEU G 2 6.14 -46.68 11.48
CA LEU G 2 7.31 -47.38 10.97
C LEU G 2 7.07 -48.13 9.67
N LYS G 3 5.91 -48.78 9.54
CA LYS G 3 5.61 -49.56 8.34
C LYS G 3 5.32 -48.66 7.15
N ARG G 4 4.69 -47.53 7.41
CA ARG G 4 4.48 -46.50 6.39
C ARG G 4 5.82 -45.94 5.91
N ILE G 5 6.68 -45.57 6.85
CA ILE G 5 7.97 -44.98 6.51
C ILE G 5 8.86 -45.96 5.73
N HIS G 6 8.85 -47.22 6.15
CA HIS G 6 9.59 -48.25 5.43
C HIS G 6 9.09 -48.44 4.00
N LYS G 7 7.77 -48.43 3.81
CA LYS G 7 7.23 -48.62 2.46
C LYS G 7 7.62 -47.46 1.55
N GLU G 8 7.62 -46.24 2.11
CA GLU G 8 8.09 -45.07 1.36
C GLU G 8 9.53 -45.24 0.92
N LEU G 9 10.38 -45.71 1.84
CA LEU G 9 11.78 -45.93 1.55
C LEU G 9 11.95 -47.03 0.51
N ASN G 10 11.18 -48.10 0.67
CA ASN G 10 11.25 -49.21 -0.28
C ASN G 10 10.78 -48.79 -1.67
N ASP G 11 9.75 -47.96 -1.73
CA ASP G 11 9.25 -47.46 -3.01
C ASP G 11 10.24 -46.53 -3.71
N LEU G 12 11.03 -45.79 -2.94
CA LEU G 12 12.04 -44.90 -3.51
C LEU G 12 13.19 -45.68 -4.12
N ALA G 13 13.60 -46.75 -3.44
CA ALA G 13 14.68 -47.61 -3.93
C ALA G 13 14.25 -48.34 -5.20
N ARG G 14 12.97 -48.65 -5.30
CA ARG G 14 12.44 -49.35 -6.47
C ARG G 14 12.31 -48.43 -7.66
N ASP G 15 11.93 -47.18 -7.40
CA ASP G 15 11.64 -46.20 -8.46
C ASP G 15 12.21 -44.85 -8.05
N PRO G 16 13.54 -44.66 -8.23
CA PRO G 16 14.19 -43.38 -7.87
C PRO G 16 13.66 -42.20 -8.69
N PRO G 17 13.12 -41.18 -8.01
CA PRO G 17 12.61 -39.97 -8.67
C PRO G 17 13.71 -39.23 -9.41
N ALA G 18 13.33 -38.42 -10.39
CA ALA G 18 14.32 -37.71 -11.20
C ALA G 18 14.67 -36.36 -10.59
N GLN G 19 13.68 -35.72 -9.98
CA GLN G 19 13.85 -34.35 -9.50
C GLN G 19 14.41 -34.30 -8.07
N CYS G 20 14.17 -35.37 -7.31
CA CYS G 20 14.58 -35.38 -5.91
C CYS G 20 15.02 -36.76 -5.43
N ARG G 21 15.73 -36.77 -4.31
CA ARG G 21 16.17 -38.01 -3.68
C ARG G 21 16.06 -37.86 -2.17
N ALA G 22 15.89 -38.98 -1.46
CA ALA G 22 15.82 -38.95 0.00
C ALA G 22 16.10 -40.33 0.60
N GLY G 23 16.62 -40.33 1.82
CA GLY G 23 16.91 -41.57 2.52
C GLY G 23 17.30 -41.28 3.96
N PRO G 24 17.25 -42.32 4.81
CA PRO G 24 17.54 -42.20 6.25
C PRO G 24 18.98 -41.76 6.52
N VAL G 25 19.18 -40.99 7.58
CA VAL G 25 20.51 -40.67 8.08
C VAL G 25 20.94 -41.76 9.07
N GLY G 26 21.95 -42.53 8.73
CA GLY G 26 22.33 -43.66 9.53
C GLY G 26 21.22 -44.70 9.58
N ASP G 27 20.83 -45.09 10.79
CA ASP G 27 19.81 -46.12 10.96
C ASP G 27 18.52 -45.58 11.56
N ASP G 28 18.45 -44.26 11.74
CA ASP G 28 17.25 -43.62 12.26
C ASP G 28 16.24 -43.45 11.14
N MET G 29 15.19 -44.26 11.16
CA MET G 29 14.17 -44.19 10.13
C MET G 29 13.40 -42.88 10.20
N PHE G 30 13.47 -42.21 11.34
CA PHE G 30 12.70 -40.98 11.54
C PHE G 30 13.50 -39.72 11.21
N HIS G 31 14.72 -39.90 10.70
CA HIS G 31 15.58 -38.80 10.31
C HIS G 31 16.15 -39.03 8.92
N TRP G 32 15.68 -38.26 7.94
CA TRP G 32 16.16 -38.40 6.57
C TRP G 32 16.91 -37.17 6.07
N GLN G 33 17.72 -37.37 5.05
CA GLN G 33 18.29 -36.26 4.30
C GLN G 33 17.83 -36.38 2.86
N ALA G 34 17.56 -35.24 2.24
CA ALA G 34 17.01 -35.21 0.88
C ALA G 34 17.69 -34.17 0.02
N THR G 35 17.65 -34.36 -1.29
CA THR G 35 18.11 -33.35 -2.23
C THR G 35 17.00 -32.96 -3.20
N ILE G 36 16.94 -31.69 -3.54
CA ILE G 36 16.10 -31.20 -4.61
C ILE G 36 16.98 -30.52 -5.64
N MET G 37 16.92 -30.94 -6.89
CA MET G 37 17.67 -30.25 -7.93
C MET G 37 16.83 -29.11 -8.49
N GLY G 38 17.45 -27.94 -8.61
CA GLY G 38 16.75 -26.74 -9.03
C GLY G 38 16.06 -26.93 -10.36
N PRO G 39 14.83 -26.39 -10.49
CA PRO G 39 14.10 -26.52 -11.75
C PRO G 39 14.84 -25.85 -12.89
N ASN G 40 14.86 -26.53 -14.03
CA ASN G 40 15.49 -25.96 -15.19
C ASN G 40 14.68 -24.77 -15.69
N ASP G 41 15.33 -23.87 -16.40
CA ASP G 41 14.72 -22.61 -16.83
C ASP G 41 14.13 -21.89 -15.63
N SER G 42 14.98 -21.66 -14.64
CA SER G 42 14.59 -20.98 -13.41
C SER G 42 15.87 -20.39 -12.79
N PRO G 43 15.73 -19.41 -11.89
CA PRO G 43 16.91 -18.83 -11.23
C PRO G 43 17.71 -19.85 -10.42
N TYR G 44 17.13 -21.03 -10.20
CA TYR G 44 17.77 -22.05 -9.38
C TYR G 44 18.37 -23.19 -10.19
N GLN G 45 18.40 -23.05 -11.51
CA GLN G 45 18.88 -24.13 -12.37
C GLN G 45 20.37 -24.42 -12.13
N GLY G 46 20.73 -25.70 -12.20
CA GLY G 46 22.08 -26.13 -11.94
C GLY G 46 22.32 -26.39 -10.46
N GLY G 47 21.42 -25.88 -9.63
CA GLY G 47 21.58 -25.97 -8.20
C GLY G 47 21.12 -27.28 -7.60
N VAL G 48 21.80 -27.71 -6.54
CA VAL G 48 21.41 -28.90 -5.81
C VAL G 48 21.17 -28.52 -4.35
N PHE G 49 19.93 -28.67 -3.90
CA PHE G 49 19.53 -28.20 -2.58
C PHE G 49 19.25 -29.34 -1.61
N PHE G 50 19.97 -29.37 -0.49
CA PHE G 50 19.79 -30.38 0.54
C PHE G 50 18.77 -29.97 1.59
N LEU G 51 18.07 -30.95 2.13
CA LEU G 51 17.04 -30.74 3.14
C LEU G 51 17.13 -31.79 4.24
N THR G 52 16.79 -31.37 5.46
CA THR G 52 16.71 -32.30 6.58
C THR G 52 15.25 -32.56 6.92
N ILE G 53 14.92 -33.84 7.10
CA ILE G 53 13.54 -34.27 7.34
C ILE G 53 13.44 -35.08 8.63
N HIS G 54 12.46 -34.74 9.46
CA HIS G 54 12.14 -35.53 10.65
C HIS G 54 10.66 -35.94 10.66
N PHE G 55 10.42 -37.25 10.65
CA PHE G 55 9.05 -37.72 10.79
C PHE G 55 8.69 -37.78 12.26
N PRO G 56 7.55 -37.18 12.65
CA PRO G 56 7.06 -37.22 14.03
C PRO G 56 6.56 -38.61 14.38
N THR G 57 6.42 -38.91 15.67
CA THR G 57 6.01 -40.24 16.11
C THR G 57 4.65 -40.65 15.57
N ASP G 58 3.78 -39.67 15.33
CA ASP G 58 2.45 -39.95 14.83
C ASP G 58 2.27 -39.67 13.33
N TYR G 59 3.37 -39.70 12.59
CA TYR G 59 3.33 -39.68 11.12
C TYR G 59 2.59 -40.96 10.75
N PRO G 60 1.77 -40.92 9.68
CA PRO G 60 1.55 -39.83 8.73
C PRO G 60 0.36 -38.92 9.05
N PHE G 61 -0.11 -38.94 10.30
CA PHE G 61 -1.28 -38.14 10.65
C PHE G 61 -0.88 -36.71 11.01
N LYS G 62 0.42 -36.53 11.24
CA LYS G 62 1.03 -35.21 11.34
C LYS G 62 2.11 -35.12 10.27
N PRO G 63 2.40 -33.90 9.79
CA PRO G 63 3.39 -33.72 8.71
C PRO G 63 4.82 -33.90 9.17
N PRO G 64 5.73 -34.26 8.26
CA PRO G 64 7.16 -34.27 8.57
C PRO G 64 7.63 -32.85 8.80
N LYS G 65 8.64 -32.67 9.64
CA LYS G 65 9.28 -31.37 9.77
C LYS G 65 10.40 -31.30 8.72
N VAL G 66 10.28 -30.37 7.79
CA VAL G 66 11.23 -30.27 6.66
C VAL G 66 11.88 -28.88 6.60
N ALA G 67 13.20 -28.87 6.49
CA ALA G 67 13.95 -27.61 6.40
C ALA G 67 15.14 -27.74 5.46
N PHE G 68 15.37 -26.68 4.67
CA PHE G 68 16.55 -26.60 3.81
C PHE G 68 17.81 -26.44 4.66
N THR G 69 18.88 -27.12 4.26
CA THR G 69 20.19 -26.87 4.88
C THR G 69 21.08 -26.13 3.90
N THR G 70 20.69 -26.14 2.63
CA THR G 70 21.36 -25.34 1.62
C THR G 70 20.69 -23.97 1.59
N ARG G 71 21.48 -22.90 1.48
CA ARG G 71 20.90 -21.56 1.39
C ARG G 71 20.12 -21.43 0.09
N ILE G 72 19.03 -20.68 0.14
CA ILE G 72 18.20 -20.44 -1.04
C ILE G 72 17.44 -19.13 -0.90
N TYR G 73 17.36 -18.38 -2.01
CA TYR G 73 16.74 -17.06 -2.00
C TYR G 73 15.29 -17.17 -2.47
N HIS G 74 14.35 -16.88 -1.57
CA HIS G 74 12.93 -17.13 -1.84
C HIS G 74 12.04 -16.43 -0.81
N PRO G 75 10.87 -15.92 -1.25
CA PRO G 75 9.94 -15.22 -0.36
C PRO G 75 9.33 -16.09 0.74
N ASN G 76 9.31 -17.39 0.55
CA ASN G 76 8.65 -18.29 1.51
C ASN G 76 9.60 -19.23 2.22
N ILE G 77 10.90 -18.99 2.07
CA ILE G 77 11.93 -19.81 2.72
C ILE G 77 13.00 -18.88 3.28
N ASN G 78 13.26 -18.97 4.58
CA ASN G 78 14.20 -18.03 5.21
C ASN G 78 15.62 -18.55 5.39
N SER G 79 16.43 -17.79 6.13
CA SER G 79 17.85 -18.10 6.28
C SER G 79 18.12 -19.19 7.32
N ASN G 80 17.09 -19.57 8.05
CA ASN G 80 17.15 -20.74 8.93
C ASN G 80 16.87 -22.01 8.14
N GLY G 81 16.44 -21.85 6.89
CA GLY G 81 16.04 -22.96 6.04
C GLY G 81 14.57 -23.31 6.23
N SER G 82 13.89 -22.55 7.07
CA SER G 82 12.50 -22.82 7.39
C SER G 82 11.59 -22.55 6.19
N ILE G 83 10.61 -23.41 5.99
CA ILE G 83 9.72 -23.33 4.83
C ILE G 83 8.28 -23.08 5.26
N LYS G 84 7.72 -21.94 4.87
CA LYS G 84 6.32 -21.68 5.21
C LYS G 84 5.44 -22.04 4.03
N LEU G 85 4.80 -23.21 4.15
CA LEU G 85 4.03 -23.81 3.08
C LEU G 85 2.87 -24.61 3.67
N ASP G 86 1.66 -24.35 3.19
CA ASP G 86 0.45 -24.85 3.86
C ASP G 86 0.36 -26.37 4.02
N ILE G 87 0.88 -27.13 3.06
CA ILE G 87 0.79 -28.59 3.17
C ILE G 87 1.75 -29.14 4.23
N LEU G 88 2.67 -28.29 4.70
CA LEU G 88 3.55 -28.67 5.81
C LEU G 88 2.91 -28.32 7.14
N ARG G 89 1.73 -27.70 7.09
CA ARG G 89 1.02 -27.30 8.30
C ARG G 89 -0.48 -27.58 8.20
N SER G 90 -1.30 -26.53 8.06
CA SER G 90 -2.75 -26.68 8.11
C SER G 90 -3.36 -27.50 6.97
N GLN G 91 -2.69 -27.53 5.83
CA GLN G 91 -3.24 -28.24 4.67
C GLN G 91 -2.58 -29.61 4.43
N TRP G 92 -1.85 -30.09 5.44
CA TRP G 92 -1.28 -31.44 5.40
C TRP G 92 -2.32 -32.52 5.08
N SER G 93 -1.87 -33.57 4.41
CA SER G 93 -2.67 -34.77 4.18
C SER G 93 -1.84 -36.03 4.42
N PRO G 94 -2.43 -37.04 5.09
CA PRO G 94 -1.72 -38.30 5.37
C PRO G 94 -1.34 -39.06 4.12
N ALA G 95 -1.90 -38.69 2.97
CA ALA G 95 -1.62 -39.40 1.73
C ALA G 95 -0.34 -38.92 1.06
N LEU G 96 0.17 -37.78 1.49
CA LEU G 96 1.39 -37.22 0.90
C LEU G 96 2.63 -37.98 1.37
N THR G 97 3.29 -38.63 0.44
CA THR G 97 4.56 -39.28 0.74
C THR G 97 5.66 -38.24 0.65
N ILE G 98 6.84 -38.61 1.16
CA ILE G 98 7.93 -37.66 1.25
C ILE G 98 8.36 -37.18 -0.13
N SER G 99 8.34 -38.07 -1.13
CA SER G 99 8.73 -37.67 -2.46
C SER G 99 7.73 -36.69 -3.07
N LYS G 100 6.44 -36.90 -2.79
CA LYS G 100 5.40 -35.96 -3.19
C LYS G 100 5.60 -34.61 -2.50
N VAL G 101 6.03 -34.65 -1.24
CA VAL G 101 6.28 -33.44 -0.47
C VAL G 101 7.46 -32.66 -1.06
N LEU G 102 8.51 -33.38 -1.42
CA LEU G 102 9.71 -32.79 -2.01
C LEU G 102 9.42 -32.18 -3.39
N LEU G 103 8.61 -32.85 -4.18
CA LEU G 103 8.20 -32.35 -5.48
C LEU G 103 7.34 -31.10 -5.32
N SER G 104 6.51 -31.10 -4.28
CA SER G 104 5.67 -29.97 -3.93
C SER G 104 6.52 -28.75 -3.63
N ILE G 105 7.48 -28.94 -2.74
CA ILE G 105 8.45 -27.90 -2.37
C ILE G 105 9.18 -27.37 -3.60
N CYS G 106 9.63 -28.28 -4.47
CA CYS G 106 10.30 -27.90 -5.71
C CYS G 106 9.44 -27.02 -6.62
N SER G 107 8.12 -27.26 -6.63
CA SER G 107 7.21 -26.48 -7.47
C SER G 107 6.93 -25.13 -6.83
N LEU G 108 7.14 -25.03 -5.53
CA LEU G 108 6.97 -23.77 -4.82
C LEU G 108 8.05 -22.76 -5.26
N LEU G 109 9.22 -23.28 -5.60
CA LEU G 109 10.37 -22.44 -5.93
C LEU G 109 10.04 -21.40 -7.02
N CYS G 110 9.29 -21.81 -8.04
CA CYS G 110 8.95 -20.89 -9.12
C CYS G 110 7.49 -20.43 -9.01
N ASP G 111 6.86 -20.80 -7.91
CA ASP G 111 5.49 -20.37 -7.62
C ASP G 111 5.39 -19.82 -6.21
N PRO G 112 6.11 -18.73 -5.91
CA PRO G 112 6.08 -18.23 -4.53
C PRO G 112 4.82 -17.43 -4.23
N ASN G 113 4.56 -17.21 -2.95
CA ASN G 113 3.47 -16.35 -2.51
C ASN G 113 4.05 -15.11 -1.82
N PRO G 114 4.30 -14.05 -2.59
CA PRO G 114 4.90 -12.84 -2.03
C PRO G 114 3.90 -11.98 -1.26
N ASP G 115 2.61 -12.29 -1.40
CA ASP G 115 1.55 -11.53 -0.75
C ASP G 115 1.37 -11.92 0.72
N ASP G 116 1.87 -13.10 1.06
CA ASP G 116 1.88 -13.57 2.44
C ASP G 116 3.21 -14.28 2.68
N PRO G 117 4.28 -13.50 2.88
CA PRO G 117 5.64 -14.05 2.81
C PRO G 117 6.26 -14.37 4.17
N LEU G 118 7.24 -15.26 4.16
CA LEU G 118 8.05 -15.53 5.34
C LEU G 118 9.18 -14.50 5.41
N VAL G 119 9.73 -14.13 4.26
CA VAL G 119 10.77 -13.10 4.19
C VAL G 119 10.29 -11.87 3.41
N PRO G 120 9.78 -10.85 4.12
CA PRO G 120 9.19 -9.65 3.53
C PRO G 120 10.12 -8.89 2.59
N GLU G 121 11.41 -8.84 2.92
CA GLU G 121 12.38 -8.14 2.08
C GLU G 121 12.45 -8.75 0.69
N ILE G 122 12.56 -10.07 0.63
CA ILE G 122 12.64 -10.77 -0.63
C ILE G 122 11.34 -10.62 -1.44
N ALA G 123 10.22 -10.64 -0.72
CA ALA G 123 8.91 -10.49 -1.36
C ALA G 123 8.79 -9.13 -2.06
N ARG G 124 9.18 -8.06 -1.38
CA ARG G 124 9.14 -6.72 -1.96
C ARG G 124 9.90 -6.66 -3.28
N ILE G 125 11.13 -7.17 -3.27
CA ILE G 125 11.95 -7.20 -4.47
C ILE G 125 11.29 -8.03 -5.57
N TYR G 126 10.74 -9.19 -5.21
CA TYR G 126 10.02 -10.02 -6.16
C TYR G 126 8.87 -9.24 -6.79
N LYS G 127 8.19 -8.42 -6.01
CA LYS G 127 7.04 -7.67 -6.50
C LYS G 127 7.40 -6.38 -7.25
N THR G 128 8.55 -5.80 -6.95
CA THR G 128 8.91 -4.48 -7.51
C THR G 128 10.03 -4.51 -8.54
N ASP G 129 10.88 -5.53 -8.48
CA ASP G 129 12.02 -5.62 -9.39
C ASP G 129 12.34 -7.08 -9.67
N ARG G 130 11.57 -7.69 -10.57
CA ARG G 130 11.66 -9.13 -10.81
C ARG G 130 13.03 -9.59 -11.30
N GLU G 131 13.78 -8.67 -11.88
CA GLU G 131 15.02 -9.02 -12.55
C GLU G 131 16.21 -8.88 -11.64
N LYS G 132 16.04 -8.06 -10.61
CA LYS G 132 16.93 -8.05 -9.47
C LYS G 132 16.71 -9.32 -8.66
N TYR G 133 15.44 -9.65 -8.40
CA TYR G 133 15.09 -10.88 -7.71
C TYR G 133 15.74 -12.08 -8.37
N ASN G 134 15.55 -12.20 -9.68
CA ASN G 134 16.11 -13.32 -10.43
C ASN G 134 17.62 -13.40 -10.35
N ARG G 135 18.29 -12.27 -10.57
CA ARG G 135 19.74 -12.24 -10.54
C ARG G 135 20.30 -12.63 -9.17
N ILE G 136 19.71 -12.10 -8.11
CA ILE G 136 20.15 -12.44 -6.75
C ILE G 136 19.90 -13.92 -6.43
N ALA G 137 18.76 -14.45 -6.84
CA ALA G 137 18.48 -15.87 -6.64
C ALA G 137 19.46 -16.72 -7.46
N ARG G 138 19.83 -16.20 -8.63
CA ARG G 138 20.85 -16.83 -9.48
C ARG G 138 22.22 -16.78 -8.82
N GLU G 139 22.53 -15.65 -8.20
CA GLU G 139 23.80 -15.50 -7.49
C GLU G 139 23.89 -16.49 -6.33
N TRP G 140 22.85 -16.54 -5.50
CA TRP G 140 22.81 -17.46 -4.37
C TRP G 140 22.93 -18.92 -4.80
N THR G 141 22.29 -19.26 -5.91
CA THR G 141 22.36 -20.62 -6.44
C THR G 141 23.79 -20.99 -6.81
N GLN G 142 24.45 -20.13 -7.59
CA GLN G 142 25.81 -20.39 -8.03
C GLN G 142 26.80 -20.47 -6.86
N LYS G 143 26.54 -19.70 -5.83
CA LYS G 143 27.44 -19.65 -4.67
C LYS G 143 27.18 -20.78 -3.67
N TYR G 144 25.92 -21.02 -3.35
CA TYR G 144 25.59 -21.91 -2.24
C TYR G 144 25.08 -23.29 -2.65
N ALA G 145 24.71 -23.44 -3.91
CA ALA G 145 23.99 -24.64 -4.34
C ALA G 145 24.64 -25.41 -5.48
N MET G 146 25.89 -25.07 -5.81
CA MET G 146 26.59 -25.76 -6.87
C MET G 146 27.85 -26.44 -6.37
N SER H 5 -2.13 -36.52 -31.82
CA SER H 5 -2.92 -37.28 -30.86
C SER H 5 -2.06 -38.38 -30.24
N MET H 6 -1.75 -38.22 -28.95
CA MET H 6 -0.73 -39.06 -28.31
C MET H 6 -1.13 -39.47 -26.89
N GLN H 7 -0.22 -40.17 -26.23
CA GLN H 7 -0.45 -40.62 -24.85
C GLN H 7 0.66 -40.22 -23.90
N ILE H 8 0.26 -39.71 -22.73
CA ILE H 8 1.20 -39.33 -21.68
C ILE H 8 0.88 -40.10 -20.41
N PHE H 9 1.83 -40.14 -19.49
CA PHE H 9 1.62 -40.83 -18.22
C PHE H 9 1.43 -39.82 -17.09
N VAL H 10 0.55 -40.14 -16.15
CA VAL H 10 0.39 -39.33 -14.96
C VAL H 10 0.68 -40.17 -13.75
N LYS H 11 1.61 -39.71 -12.92
CA LYS H 11 1.93 -40.44 -11.69
C LYS H 11 1.05 -39.91 -10.56
N THR H 12 0.14 -40.77 -10.11
CA THR H 12 -0.90 -40.35 -9.17
C THR H 12 -0.37 -40.21 -7.75
N LEU H 13 -1.23 -39.73 -6.86
CA LEU H 13 -0.86 -39.42 -5.48
C LEU H 13 -0.28 -40.61 -4.73
N THR H 14 -0.83 -41.81 -4.96
CA THR H 14 -0.31 -43.00 -4.31
C THR H 14 0.76 -43.68 -5.16
N GLY H 15 1.25 -42.96 -6.17
CA GLY H 15 2.40 -43.41 -6.94
C GLY H 15 2.15 -44.40 -8.06
N LYS H 16 0.89 -44.68 -8.39
CA LYS H 16 0.63 -45.52 -9.54
C LYS H 16 0.61 -44.72 -10.83
N THR H 17 0.91 -45.38 -11.94
CA THR H 17 1.06 -44.70 -13.22
C THR H 17 -0.12 -45.02 -14.14
N ILE H 18 -0.94 -44.01 -14.41
CA ILE H 18 -2.04 -44.19 -15.36
C ILE H 18 -1.65 -43.60 -16.70
N THR H 19 -2.33 -44.03 -17.76
CA THR H 19 -2.06 -43.53 -19.10
C THR H 19 -3.23 -42.68 -19.58
N LEU H 20 -2.93 -41.49 -20.09
CA LEU H 20 -3.96 -40.61 -20.63
C LEU H 20 -3.82 -40.49 -22.13
N GLU H 21 -4.94 -40.25 -22.81
CA GLU H 21 -4.92 -40.02 -24.25
C GLU H 21 -5.22 -38.56 -24.56
N VAL H 22 -4.24 -37.88 -25.13
CA VAL H 22 -4.33 -36.43 -25.34
C VAL H 22 -3.82 -36.00 -26.71
N GLU H 23 -3.95 -34.72 -26.99
CA GLU H 23 -3.35 -34.08 -28.16
C GLU H 23 -2.54 -32.89 -27.66
N PRO H 24 -1.42 -32.57 -28.34
CA PRO H 24 -0.55 -31.47 -27.93
C PRO H 24 -1.29 -30.14 -27.74
N SER H 25 -2.44 -29.99 -28.37
CA SER H 25 -3.24 -28.77 -28.23
C SER H 25 -4.18 -28.79 -27.02
N ASP H 26 -4.12 -29.86 -26.24
CA ASP H 26 -4.96 -29.98 -25.04
C ASP H 26 -4.50 -29.04 -23.92
N THR H 27 -5.46 -28.48 -23.20
CA THR H 27 -5.16 -27.59 -22.08
C THR H 27 -5.00 -28.40 -20.80
N ILE H 28 -4.32 -27.80 -19.84
CA ILE H 28 -4.10 -28.41 -18.53
C ILE H 28 -5.44 -28.67 -17.85
N GLU H 29 -6.41 -27.80 -18.10
CA GLU H 29 -7.76 -27.98 -17.60
C GLU H 29 -8.38 -29.26 -18.14
N ASN H 30 -8.18 -29.49 -19.44
CA ASN H 30 -8.67 -30.71 -20.08
C ASN H 30 -7.98 -31.96 -19.53
N VAL H 31 -6.69 -31.85 -19.27
CA VAL H 31 -5.92 -32.97 -18.72
C VAL H 31 -6.41 -33.32 -17.32
N LYS H 32 -6.63 -32.29 -16.50
CA LYS H 32 -7.13 -32.48 -15.14
C LYS H 32 -8.52 -33.06 -15.13
N ALA H 33 -9.31 -32.76 -16.16
CA ALA H 33 -10.65 -33.32 -16.30
C ALA H 33 -10.58 -34.82 -16.52
N LYS H 34 -9.59 -35.24 -17.31
CA LYS H 34 -9.38 -36.66 -17.60
C LYS H 34 -8.85 -37.41 -16.39
N ILE H 35 -8.04 -36.74 -15.58
CA ILE H 35 -7.51 -37.33 -14.35
C ILE H 35 -8.66 -37.58 -13.36
N GLN H 36 -9.59 -36.63 -13.31
CA GLN H 36 -10.76 -36.74 -12.45
C GLN H 36 -11.59 -37.96 -12.78
N ASP H 37 -11.78 -38.24 -14.07
CA ASP H 37 -12.55 -39.39 -14.51
C ASP H 37 -11.94 -40.70 -14.03
N LYS H 38 -10.62 -40.78 -14.02
CA LYS H 38 -9.91 -42.00 -13.65
C LYS H 38 -9.68 -42.13 -12.14
N GLU H 39 -9.42 -41.02 -11.47
CA GLU H 39 -8.96 -41.06 -10.08
C GLU H 39 -9.92 -40.43 -9.06
N GLY H 40 -10.93 -39.73 -9.56
CA GLY H 40 -11.93 -39.13 -8.69
C GLY H 40 -11.44 -37.98 -7.82
N ILE H 41 -10.47 -37.21 -8.30
CA ILE H 41 -10.04 -35.99 -7.61
C ILE H 41 -10.37 -34.76 -8.45
N PRO H 42 -11.01 -33.75 -7.84
CA PRO H 42 -11.40 -32.55 -8.57
C PRO H 42 -10.20 -31.78 -9.09
N PRO H 43 -10.36 -31.10 -10.24
CA PRO H 43 -9.31 -30.29 -10.85
C PRO H 43 -8.68 -29.26 -9.89
N ASP H 44 -9.50 -28.59 -9.09
CA ASP H 44 -8.95 -27.55 -8.21
C ASP H 44 -8.09 -28.11 -7.08
N GLN H 45 -8.15 -29.42 -6.87
CA GLN H 45 -7.26 -30.06 -5.91
C GLN H 45 -6.02 -30.66 -6.59
N GLN H 46 -6.04 -30.72 -7.91
CA GLN H 46 -4.90 -31.25 -8.66
C GLN H 46 -3.81 -30.20 -8.87
N ARG H 47 -2.58 -30.57 -8.59
CA ARG H 47 -1.43 -29.77 -8.96
C ARG H 47 -0.49 -30.65 -9.78
N LEU H 48 -0.40 -30.38 -11.07
CA LEU H 48 0.43 -31.19 -11.97
C LEU H 48 1.83 -30.58 -12.09
N ILE H 49 2.83 -31.44 -11.95
CA ILE H 49 4.22 -31.00 -11.96
C ILE H 49 4.98 -31.69 -13.09
N PHE H 50 5.77 -30.90 -13.81
CA PHE H 50 6.62 -31.40 -14.88
C PHE H 50 7.88 -30.55 -14.93
N ALA H 51 9.03 -31.21 -15.01
CA ALA H 51 10.33 -30.53 -14.97
C ALA H 51 10.47 -29.61 -13.75
N GLY H 52 9.80 -29.97 -12.66
CA GLY H 52 9.93 -29.26 -11.41
C GLY H 52 9.00 -28.07 -11.22
N LYS H 53 8.15 -27.81 -12.21
CA LYS H 53 7.22 -26.68 -12.13
C LYS H 53 5.77 -27.12 -12.23
N GLN H 54 4.88 -26.33 -11.64
CA GLN H 54 3.45 -26.56 -11.82
C GLN H 54 3.04 -26.22 -13.25
N LEU H 55 1.96 -26.84 -13.71
CA LEU H 55 1.38 -26.50 -15.00
C LEU H 55 0.10 -25.70 -14.78
N GLU H 56 -0.01 -24.55 -15.43
CA GLU H 56 -1.16 -23.67 -15.20
C GLU H 56 -2.32 -23.95 -16.15
N ASP H 57 -3.54 -23.83 -15.62
CA ASP H 57 -4.75 -24.33 -16.29
C ASP H 57 -5.08 -23.75 -17.66
N GLY H 58 -4.65 -22.52 -17.94
CA GLY H 58 -4.94 -21.89 -19.22
C GLY H 58 -4.11 -22.43 -20.35
N ARG H 59 -2.83 -22.70 -20.07
CA ARG H 59 -1.89 -23.12 -21.09
C ARG H 59 -2.17 -24.51 -21.64
N THR H 60 -1.47 -24.87 -22.71
CA THR H 60 -1.66 -26.18 -23.34
C THR H 60 -0.46 -27.08 -23.07
N LEU H 61 -0.52 -28.32 -23.56
CA LEU H 61 0.58 -29.26 -23.39
C LEU H 61 1.79 -28.83 -24.20
N SER H 62 1.54 -28.32 -25.40
CA SER H 62 2.62 -27.89 -26.28
C SER H 62 3.33 -26.66 -25.73
N ASP H 63 2.59 -25.82 -25.00
CA ASP H 63 3.17 -24.64 -24.38
C ASP H 63 4.26 -25.03 -23.39
N TYR H 64 4.12 -26.20 -22.79
CA TYR H 64 5.08 -26.68 -21.81
C TYR H 64 6.05 -27.67 -22.45
N ASN H 65 5.95 -27.83 -23.77
CA ASN H 65 6.77 -28.76 -24.52
C ASN H 65 6.65 -30.18 -24.00
N ILE H 66 5.44 -30.58 -23.63
CA ILE H 66 5.18 -31.94 -23.15
C ILE H 66 5.03 -32.90 -24.32
N GLN H 67 5.98 -33.81 -24.44
CA GLN H 67 6.09 -34.69 -25.61
C GLN H 67 5.52 -36.08 -25.36
N LYS H 68 5.53 -36.92 -26.40
CA LYS H 68 5.00 -38.27 -26.32
C LYS H 68 5.64 -39.09 -25.20
N GLU H 69 4.81 -39.86 -24.50
CA GLU H 69 5.26 -40.70 -23.38
C GLU H 69 5.99 -39.93 -22.28
N SER H 70 5.60 -38.67 -22.08
CA SER H 70 6.12 -37.89 -20.96
C SER H 70 5.32 -38.22 -19.71
N THR H 71 5.90 -37.96 -18.55
CA THR H 71 5.24 -38.23 -17.29
C THR H 71 5.00 -36.97 -16.47
N LEU H 72 3.73 -36.70 -16.18
CA LEU H 72 3.35 -35.60 -15.30
C LEU H 72 3.17 -36.12 -13.89
N HIS H 73 3.51 -35.29 -12.90
CA HIS H 73 3.42 -35.69 -11.50
C HIS H 73 2.32 -34.96 -10.77
N LEU H 74 1.43 -35.73 -10.15
CA LEU H 74 0.29 -35.16 -9.46
C LEU H 74 0.55 -35.06 -7.97
N VAL H 75 0.41 -33.85 -7.44
CA VAL H 75 0.42 -33.66 -5.99
C VAL H 75 -0.86 -32.90 -5.64
N LEU H 76 -0.99 -32.52 -4.37
CA LEU H 76 -2.17 -31.78 -3.92
C LEU H 76 -2.00 -30.28 -4.05
N ARG H 77 -3.12 -29.58 -4.15
CA ARG H 77 -3.12 -28.12 -4.17
C ARG H 77 -2.37 -27.58 -2.96
N LEU H 78 -1.44 -26.66 -3.21
CA LEU H 78 -0.65 -26.08 -2.15
C LEU H 78 -0.55 -24.57 -2.31
N ARG H 79 -0.08 -23.90 -1.26
CA ARG H 79 0.11 -22.47 -1.30
C ARG H 79 1.24 -22.08 -0.36
N GLY H 80 2.25 -21.39 -0.89
CA GLY H 80 3.30 -20.83 -0.07
C GLY H 80 2.70 -19.80 0.87
N GLY H 81 3.38 -19.56 1.98
CA GLY H 81 2.91 -18.57 2.94
C GLY H 81 4.00 -18.09 3.88
N ALA I 8 25.41 -18.62 -20.76
CA ALA I 8 26.35 -17.67 -20.17
C ALA I 8 26.33 -16.34 -20.91
N ASP I 9 25.23 -16.07 -21.60
CA ASP I 9 25.05 -14.80 -22.29
C ASP I 9 24.89 -13.67 -21.27
N ARG I 10 24.42 -14.03 -20.09
CA ARG I 10 24.28 -13.06 -18.99
C ARG I 10 25.65 -12.68 -18.44
N ARG I 11 26.61 -13.59 -18.53
CA ARG I 11 27.96 -13.33 -18.10
C ARG I 11 28.57 -12.17 -18.88
N THR I 12 28.31 -12.14 -20.18
CA THR I 12 28.83 -11.09 -21.04
C THR I 12 28.22 -9.74 -20.69
N VAL I 13 26.92 -9.74 -20.40
CA VAL I 13 26.19 -8.52 -20.06
C VAL I 13 26.61 -8.01 -18.68
N GLU I 14 26.80 -8.93 -17.74
CA GLU I 14 27.22 -8.58 -16.39
C GLU I 14 28.62 -7.98 -16.40
N LYS I 15 29.51 -8.55 -17.20
CA LYS I 15 30.87 -8.03 -17.34
C LYS I 15 30.84 -6.62 -17.92
N THR I 16 29.85 -6.36 -18.77
CA THR I 16 29.74 -5.06 -19.43
C THR I 16 29.35 -3.98 -18.42
N TRP I 17 28.38 -4.31 -17.56
CA TRP I 17 27.93 -3.37 -16.52
C TRP I 17 29.06 -2.99 -15.58
N LYS I 18 29.89 -3.97 -15.24
CA LYS I 18 31.00 -3.73 -14.33
C LYS I 18 32.01 -2.77 -14.95
N LEU I 19 32.25 -2.93 -16.25
CA LEU I 19 33.17 -2.06 -16.96
C LEU I 19 32.61 -0.66 -17.08
N MET I 20 31.33 -0.56 -17.45
CA MET I 20 30.66 0.73 -17.54
C MET I 20 30.69 1.45 -16.20
N ASP I 21 30.43 0.71 -15.13
CA ASP I 21 30.42 1.30 -13.81
C ASP I 21 31.81 1.79 -13.41
N LYS I 22 32.84 1.13 -13.94
CA LYS I 22 34.21 1.56 -13.69
C LYS I 22 34.48 2.89 -14.41
N VAL I 23 33.99 3.01 -15.63
CA VAL I 23 34.17 4.23 -16.40
C VAL I 23 33.48 5.41 -15.72
N VAL I 24 32.26 5.20 -15.24
CA VAL I 24 31.55 6.21 -14.47
C VAL I 24 32.35 6.65 -13.26
N ARG I 25 32.90 5.70 -12.51
CA ARG I 25 33.66 6.05 -11.31
C ARG I 25 34.89 6.91 -11.64
N LEU I 26 35.61 6.52 -12.68
CA LEU I 26 36.75 7.30 -13.17
C LEU I 26 36.34 8.70 -13.62
N CYS I 27 35.12 8.82 -14.16
CA CYS I 27 34.60 10.11 -14.63
C CYS I 27 34.02 10.95 -13.49
N GLN I 28 33.94 10.35 -12.30
CA GLN I 28 33.45 11.06 -11.14
C GLN I 28 34.60 11.67 -10.33
N ASN I 29 35.81 11.55 -10.86
CA ASN I 29 36.99 12.23 -10.33
C ASN I 29 36.74 13.72 -10.38
N PRO I 30 36.67 14.38 -9.21
CA PRO I 30 36.36 15.81 -9.16
C PRO I 30 37.33 16.71 -9.96
N LYS I 31 38.53 16.20 -10.26
CA LYS I 31 39.52 16.97 -11.00
C LYS I 31 39.16 17.18 -12.47
N LEU I 32 38.28 16.34 -13.00
CA LEU I 32 37.84 16.48 -14.39
C LEU I 32 37.02 17.75 -14.59
N GLN I 33 36.24 18.11 -13.57
CA GLN I 33 35.34 19.26 -13.64
C GLN I 33 34.53 19.28 -14.93
N LEU I 34 33.85 18.18 -15.22
CA LEU I 34 33.04 18.07 -16.43
C LEU I 34 31.88 19.06 -16.37
N LYS I 35 31.51 19.62 -17.50
CA LYS I 35 30.32 20.46 -17.57
C LYS I 35 29.09 19.57 -17.69
N ASN I 36 28.02 19.96 -17.00
CA ASN I 36 26.76 19.23 -17.09
C ASN I 36 25.97 19.70 -18.30
N SER I 37 26.40 19.24 -19.48
CA SER I 37 25.72 19.54 -20.74
C SER I 37 25.96 18.39 -21.72
N PRO I 38 25.02 18.17 -22.65
CA PRO I 38 25.16 17.04 -23.59
C PRO I 38 26.34 17.22 -24.54
N PRO I 39 27.13 16.14 -24.75
CA PRO I 39 26.98 14.84 -24.10
C PRO I 39 27.61 14.81 -22.71
N TYR I 40 26.86 14.31 -21.73
CA TYR I 40 27.32 14.27 -20.34
C TYR I 40 27.46 12.81 -19.90
N ILE I 41 28.70 12.34 -19.84
CA ILE I 41 28.98 10.93 -19.58
C ILE I 41 28.33 10.42 -18.29
N LEU I 42 28.18 11.31 -17.31
CA LEU I 42 27.60 10.92 -16.03
C LEU I 42 26.09 10.76 -16.11
N ASP I 43 25.48 11.22 -17.21
CA ASP I 43 24.08 10.96 -17.50
C ASP I 43 23.99 9.76 -18.43
N ILE I 44 24.88 9.73 -19.41
CA ILE I 44 24.78 8.75 -20.50
C ILE I 44 24.95 7.29 -20.05
N LEU I 45 26.01 7.01 -19.31
CA LEU I 45 26.31 5.62 -18.91
C LEU I 45 25.34 5.04 -17.87
N PRO I 46 24.95 5.82 -16.84
CA PRO I 46 23.88 5.30 -16.00
C PRO I 46 22.58 5.07 -16.79
N ASP I 47 22.26 5.96 -17.72
CA ASP I 47 21.06 5.77 -18.53
C ASP I 47 21.21 4.57 -19.46
N THR I 48 22.42 4.34 -19.95
CA THR I 48 22.66 3.17 -20.78
C THR I 48 22.45 1.91 -19.95
N TYR I 49 22.93 1.93 -18.70
CA TYR I 49 22.77 0.81 -17.78
C TYR I 49 21.30 0.52 -17.50
N GLN I 50 20.54 1.56 -17.23
CA GLN I 50 19.10 1.43 -16.98
C GLN I 50 18.39 0.80 -18.18
N HIS I 51 18.76 1.22 -19.39
CA HIS I 51 18.10 0.68 -20.56
C HIS I 51 18.46 -0.78 -20.82
N LEU I 52 19.67 -1.19 -20.44
CA LEU I 52 20.07 -2.59 -20.57
C LEU I 52 19.33 -3.48 -19.56
N ARG I 53 19.07 -2.94 -18.37
CA ARG I 53 18.24 -3.65 -17.39
C ARG I 53 16.83 -3.84 -17.92
N LEU I 54 16.29 -2.80 -18.53
CA LEU I 54 14.93 -2.85 -19.06
C LEU I 54 14.81 -3.91 -20.15
N ILE I 55 15.81 -3.99 -21.02
CA ILE I 55 15.85 -5.01 -22.06
C ILE I 55 15.86 -6.43 -21.49
N LEU I 56 16.82 -6.70 -20.60
CA LEU I 56 16.95 -8.03 -19.99
C LEU I 56 15.67 -8.41 -19.23
N SER I 57 14.99 -7.39 -18.70
CA SER I 57 13.73 -7.59 -17.99
C SER I 57 12.69 -8.19 -18.91
N LYS I 58 12.72 -7.77 -20.17
CA LYS I 58 11.74 -8.19 -21.17
C LYS I 58 12.07 -9.56 -21.77
N TYR I 59 13.32 -9.99 -21.64
CA TYR I 59 13.74 -11.30 -22.16
C TYR I 59 14.16 -12.23 -21.02
N ASP I 60 13.24 -12.43 -20.08
CA ASP I 60 13.56 -13.13 -18.83
C ASP I 60 13.96 -14.60 -18.96
N ASP I 61 13.14 -15.42 -19.61
CA ASP I 61 13.38 -16.86 -19.63
C ASP I 61 14.55 -17.33 -20.52
N ASN I 62 14.83 -18.62 -20.48
CA ASN I 62 15.91 -19.21 -21.27
C ASN I 62 15.71 -19.07 -22.78
N GLN I 63 14.47 -19.28 -23.25
CA GLN I 63 14.17 -19.22 -24.67
C GLN I 63 14.35 -17.81 -25.25
N LYS I 64 13.81 -16.82 -24.54
CA LYS I 64 13.93 -15.43 -24.96
C LYS I 64 15.37 -14.95 -24.87
N LEU I 65 16.07 -15.37 -23.81
CA LEU I 65 17.44 -14.94 -23.59
C LEU I 65 18.38 -15.49 -24.67
N ALA I 66 18.15 -16.74 -25.06
CA ALA I 66 18.91 -17.35 -26.14
C ALA I 66 18.62 -16.59 -27.43
N GLN I 67 17.35 -16.24 -27.62
CA GLN I 67 16.91 -15.45 -28.75
C GLN I 67 17.56 -14.07 -28.77
N LEU I 68 17.59 -13.43 -27.61
CA LEU I 68 18.21 -12.11 -27.46
C LEU I 68 19.72 -12.20 -27.72
N SER I 69 20.32 -13.31 -27.33
CA SER I 69 21.76 -13.49 -27.48
C SER I 69 22.15 -13.93 -28.89
N GLU I 70 21.16 -14.21 -29.72
CA GLU I 70 21.40 -14.55 -31.12
C GLU I 70 21.12 -13.33 -32.00
N ASN I 71 20.52 -12.31 -31.41
CA ASN I 71 20.19 -11.08 -32.12
C ASN I 71 21.48 -10.41 -32.60
N GLU I 72 21.56 -10.17 -33.90
CA GLU I 72 22.75 -9.59 -34.51
C GLU I 72 23.10 -8.25 -33.86
N TYR I 73 22.11 -7.36 -33.80
CA TYR I 73 22.32 -6.03 -33.28
C TYR I 73 22.79 -6.03 -31.82
N PHE I 74 22.11 -6.80 -30.97
CA PHE I 74 22.44 -6.83 -29.55
C PHE I 74 23.83 -7.41 -29.33
N LYS I 75 24.16 -8.45 -30.09
CA LYS I 75 25.49 -9.05 -30.02
C LYS I 75 26.56 -8.01 -30.33
N ILE I 76 26.31 -7.19 -31.34
CA ILE I 76 27.24 -6.15 -31.75
C ILE I 76 27.30 -5.02 -30.72
N TYR I 77 26.14 -4.63 -30.20
CA TYR I 77 26.04 -3.55 -29.21
C TYR I 77 26.83 -3.88 -27.94
N ILE I 78 26.60 -5.06 -27.38
CA ILE I 78 27.27 -5.47 -26.14
C ILE I 78 28.78 -5.51 -26.33
N ASP I 79 29.21 -6.07 -27.46
CA ASP I 79 30.63 -6.12 -27.77
C ASP I 79 31.23 -4.72 -27.91
N SER I 80 30.52 -3.84 -28.63
CA SER I 80 30.95 -2.46 -28.81
C SER I 80 31.04 -1.73 -27.48
N LEU I 81 29.97 -1.84 -26.69
CA LEU I 81 29.89 -1.23 -25.38
C LEU I 81 31.06 -1.68 -24.50
N MET I 82 31.41 -2.96 -24.62
CA MET I 82 32.52 -3.52 -23.85
C MET I 82 33.85 -2.94 -24.32
N LYS I 83 34.03 -2.87 -25.64
CA LYS I 83 35.28 -2.37 -26.21
C LYS I 83 35.50 -0.90 -25.92
N LYS I 84 34.45 -0.09 -26.06
CA LYS I 84 34.54 1.34 -25.78
C LYS I 84 34.85 1.60 -24.29
N SER I 85 34.25 0.81 -23.42
CA SER I 85 34.47 0.96 -21.97
C SER I 85 35.91 0.64 -21.59
N LYS I 86 36.46 -0.44 -22.16
CA LYS I 86 37.86 -0.79 -21.92
C LYS I 86 38.77 0.34 -22.39
N ARG I 87 38.50 0.83 -23.60
CA ARG I 87 39.22 1.98 -24.15
C ARG I 87 39.19 3.16 -23.19
N ALA I 88 38.01 3.45 -22.63
CA ALA I 88 37.84 4.55 -21.71
C ALA I 88 38.68 4.37 -20.46
N ILE I 89 38.66 3.15 -19.91
CA ILE I 89 39.48 2.79 -18.77
C ILE I 89 40.97 2.96 -19.10
N ARG I 90 41.36 2.52 -20.29
CA ARG I 90 42.74 2.63 -20.77
C ARG I 90 43.19 4.09 -20.93
N LEU I 91 42.28 4.94 -21.42
CA LEU I 91 42.53 6.38 -21.56
C LEU I 91 42.96 7.03 -20.25
N PHE I 92 42.20 6.77 -19.19
CA PHE I 92 42.49 7.30 -17.86
C PHE I 92 43.82 6.76 -17.34
N LYS I 93 44.08 5.48 -17.61
CA LYS I 93 45.29 4.84 -17.12
C LYS I 93 46.54 5.43 -17.76
N GLU I 94 46.50 5.65 -19.08
CA GLU I 94 47.64 6.16 -19.82
C GLU I 94 47.73 7.69 -19.81
N GLY I 95 46.58 8.33 -19.60
CA GLY I 95 46.51 9.78 -19.66
C GLY I 95 47.03 10.48 -18.42
N LYS I 96 46.84 9.85 -17.25
CA LYS I 96 47.29 10.41 -15.98
C LYS I 96 46.74 11.81 -15.75
N GLU I 97 47.63 12.73 -15.36
CA GLU I 97 47.20 14.09 -15.03
C GLU I 97 46.77 14.89 -16.27
N ARG I 98 47.00 14.35 -17.46
CA ARG I 98 46.57 15.02 -18.67
C ARG I 98 45.05 14.98 -18.83
N MET I 99 44.41 14.02 -18.17
CA MET I 99 42.95 13.98 -18.13
C MET I 99 42.39 15.21 -17.43
N TYR I 100 43.24 15.89 -16.65
CA TYR I 100 42.82 17.10 -15.95
C TYR I 100 43.03 18.33 -16.83
N GLU I 101 43.78 18.16 -17.91
CA GLU I 101 44.00 19.24 -18.87
C GLU I 101 42.89 19.24 -19.89
N GLU I 102 41.98 20.19 -19.76
CA GLU I 102 40.78 20.24 -20.57
C GLU I 102 41.08 20.31 -22.07
N GLN I 103 42.27 20.78 -22.41
CA GLN I 103 42.68 20.93 -23.80
C GLN I 103 43.57 19.80 -24.31
N SER I 104 43.88 18.83 -23.44
CA SER I 104 44.75 17.72 -23.83
C SER I 104 44.07 16.85 -24.87
N GLN I 105 44.86 16.11 -25.64
CA GLN I 105 44.31 15.15 -26.59
C GLN I 105 43.65 14.00 -25.85
N ASP I 106 44.08 13.77 -24.61
CA ASP I 106 43.52 12.72 -23.79
C ASP I 106 42.07 13.02 -23.43
N ARG I 107 41.78 14.27 -23.08
CA ARG I 107 40.41 14.70 -22.80
C ARG I 107 39.56 14.64 -24.06
N ARG I 108 40.12 15.09 -25.18
CA ARG I 108 39.41 15.03 -26.46
C ARG I 108 38.94 13.61 -26.77
N ASN I 109 39.80 12.62 -26.53
CA ASN I 109 39.40 11.23 -26.68
C ASN I 109 38.26 10.85 -25.74
N LEU I 110 38.27 11.39 -24.53
CA LEU I 110 37.18 11.18 -23.58
C LEU I 110 35.88 11.80 -24.12
N THR I 111 36.00 12.99 -24.69
CA THR I 111 34.84 13.68 -25.28
C THR I 111 34.28 12.91 -26.47
N LYS I 112 35.18 12.47 -27.34
CA LYS I 112 34.83 11.62 -28.48
C LYS I 112 34.04 10.38 -28.02
N LEU I 113 34.58 9.67 -27.04
CA LEU I 113 33.89 8.52 -26.46
C LEU I 113 32.51 8.89 -25.90
N SER I 114 32.42 10.06 -25.29
CA SER I 114 31.16 10.54 -24.75
C SER I 114 30.10 10.69 -25.84
N LEU I 115 30.51 11.26 -26.98
CA LEU I 115 29.63 11.38 -28.13
C LEU I 115 29.20 10.00 -28.62
N ILE I 116 30.15 9.10 -28.74
CA ILE I 116 29.87 7.73 -29.15
C ILE I 116 28.87 7.06 -28.22
N PHE I 117 29.09 7.16 -26.91
CA PHE I 117 28.17 6.56 -25.95
C PHE I 117 26.79 7.21 -26.07
N SER I 118 26.75 8.49 -26.37
CA SER I 118 25.49 9.21 -26.53
C SER I 118 24.74 8.76 -27.76
N HIS I 119 25.47 8.60 -28.86
CA HIS I 119 24.91 8.09 -30.10
C HIS I 119 24.39 6.66 -29.93
N MET I 120 25.15 5.82 -29.22
CA MET I 120 24.75 4.43 -28.95
C MET I 120 23.49 4.34 -28.11
N LEU I 121 23.33 5.28 -27.18
CA LEU I 121 22.19 5.28 -26.27
C LEU I 121 20.92 5.63 -27.03
N ALA I 122 21.03 6.60 -27.93
CA ALA I 122 19.89 6.98 -28.75
C ALA I 122 19.52 5.84 -29.69
N GLU I 123 20.55 5.16 -30.19
CA GLU I 123 20.36 4.02 -31.08
C GLU I 123 19.66 2.84 -30.40
N ILE I 124 20.11 2.48 -29.20
CA ILE I 124 19.53 1.33 -28.50
C ILE I 124 18.08 1.64 -28.10
N LYS I 125 17.80 2.91 -27.82
CA LYS I 125 16.44 3.32 -27.48
C LYS I 125 15.53 3.31 -28.71
N ALA I 126 16.09 3.54 -29.88
CA ALA I 126 15.31 3.51 -31.10
C ALA I 126 15.09 2.07 -31.59
N ILE I 127 16.06 1.21 -31.32
CA ILE I 127 16.04 -0.16 -31.80
C ILE I 127 15.36 -1.10 -30.80
N PHE I 128 15.54 -0.81 -29.50
CA PHE I 128 14.85 -1.56 -28.45
C PHE I 128 13.96 -0.64 -27.62
N PRO I 129 12.95 -0.01 -28.23
CA PRO I 129 12.09 0.88 -27.44
C PRO I 129 11.36 0.09 -26.36
N ASN I 130 11.38 0.60 -25.14
CA ASN I 130 10.75 -0.05 -24.00
C ASN I 130 11.34 -1.45 -23.73
N GLY I 131 12.58 -1.66 -24.16
CA GLY I 131 13.29 -2.89 -23.90
C GLY I 131 12.96 -4.05 -24.84
N GLN I 132 12.07 -3.82 -25.80
CA GLN I 132 11.69 -4.88 -26.74
C GLN I 132 12.26 -4.60 -28.13
N PHE I 133 12.74 -5.65 -28.80
CA PHE I 133 13.35 -5.48 -30.11
C PHE I 133 12.34 -5.06 -31.17
N GLN I 134 12.62 -3.95 -31.85
CA GLN I 134 11.74 -3.45 -32.90
C GLN I 134 12.55 -2.98 -34.11
N GLY I 135 13.84 -3.32 -34.12
CA GLY I 135 14.74 -2.90 -35.18
C GLY I 135 14.30 -3.34 -36.56
N ASP I 136 13.58 -4.45 -36.62
CA ASP I 136 13.06 -4.94 -37.90
C ASP I 136 11.84 -4.14 -38.36
N ASN I 137 11.32 -3.30 -37.48
CA ASN I 137 10.17 -2.44 -37.79
C ASN I 137 10.54 -0.96 -37.84
N PHE I 138 11.83 -0.66 -37.88
CA PHE I 138 12.28 0.73 -37.93
C PHE I 138 11.83 1.42 -39.22
N ARG I 139 11.37 2.66 -39.09
CA ARG I 139 10.87 3.42 -40.24
C ARG I 139 11.84 4.52 -40.65
N ILE I 140 12.55 4.30 -41.76
CA ILE I 140 13.48 5.29 -42.29
C ILE I 140 12.73 6.53 -42.79
N THR I 141 13.26 7.71 -42.48
CA THR I 141 12.59 8.97 -42.76
C THR I 141 12.34 9.26 -44.24
N LYS I 142 13.40 9.27 -45.06
CA LYS I 142 13.24 9.61 -46.47
C LYS I 142 12.83 8.40 -47.29
N ALA I 143 11.79 8.56 -48.10
CA ALA I 143 11.20 7.46 -48.85
C ALA I 143 12.19 6.78 -49.79
N ASP I 144 12.99 7.59 -50.48
CA ASP I 144 13.99 7.08 -51.41
C ASP I 144 15.06 6.26 -50.69
N ALA I 145 15.48 6.76 -49.54
CA ALA I 145 16.43 6.07 -48.69
C ALA I 145 15.83 4.77 -48.13
N ALA I 146 14.55 4.83 -47.76
CA ALA I 146 13.87 3.67 -47.20
C ALA I 146 13.77 2.51 -48.21
N GLU I 147 13.53 2.86 -49.47
CA GLU I 147 13.41 1.84 -50.50
C GLU I 147 14.76 1.16 -50.76
N PHE I 148 15.82 1.95 -50.72
CA PHE I 148 17.18 1.42 -50.90
C PHE I 148 17.50 0.37 -49.86
N TRP I 149 17.24 0.68 -48.59
CA TRP I 149 17.52 -0.26 -47.50
C TRP I 149 16.64 -1.50 -47.61
N ARG I 150 15.37 -1.31 -47.96
CA ARG I 150 14.42 -2.41 -48.12
C ARG I 150 14.88 -3.35 -49.23
N LYS I 151 15.28 -2.76 -50.35
CA LYS I 151 15.72 -3.52 -51.52
C LYS I 151 16.95 -4.39 -51.25
N PHE I 152 17.93 -3.82 -50.55
CA PHE I 152 19.21 -4.50 -50.37
C PHE I 152 19.31 -5.30 -49.07
N PHE I 153 18.67 -4.82 -48.01
CA PHE I 153 18.89 -5.38 -46.68
C PHE I 153 17.60 -5.90 -46.03
N GLY I 154 16.47 -5.64 -46.68
CA GLY I 154 15.19 -6.08 -46.17
C GLY I 154 14.86 -5.43 -44.84
N ASP I 155 14.47 -6.24 -43.86
CA ASP I 155 14.11 -5.71 -42.55
C ASP I 155 15.29 -5.77 -41.57
N LYS I 156 16.47 -6.09 -42.09
CA LYS I 156 17.67 -6.16 -41.26
C LYS I 156 17.91 -4.86 -40.51
N THR I 157 18.51 -4.97 -39.33
CA THR I 157 18.73 -3.83 -38.45
C THR I 157 20.13 -3.25 -38.61
N ILE I 158 21.10 -4.14 -38.78
CA ILE I 158 22.50 -3.72 -38.81
C ILE I 158 23.26 -4.47 -39.89
N VAL I 159 24.24 -3.80 -40.50
CA VAL I 159 24.94 -4.35 -41.64
C VAL I 159 26.43 -4.00 -41.58
N PRO I 160 27.30 -4.99 -41.83
CA PRO I 160 28.75 -4.75 -41.85
C PRO I 160 29.08 -3.66 -42.86
N TRP I 161 30.06 -2.83 -42.55
CA TRP I 161 30.42 -1.73 -43.45
C TRP I 161 30.75 -2.21 -44.86
N LYS I 162 31.50 -3.31 -44.95
CA LYS I 162 31.87 -3.88 -46.24
C LYS I 162 30.65 -4.10 -47.12
N VAL I 163 29.63 -4.72 -46.54
CA VAL I 163 28.39 -5.04 -47.25
C VAL I 163 27.64 -3.79 -47.65
N PHE I 164 27.48 -2.87 -46.71
CA PHE I 164 26.81 -1.60 -46.98
C PHE I 164 27.51 -0.79 -48.06
N ARG I 165 28.84 -0.80 -48.03
CA ARG I 165 29.64 -0.07 -49.01
C ARG I 165 29.39 -0.55 -50.43
N GLN I 166 29.39 -1.86 -50.62
CA GLN I 166 29.16 -2.46 -51.94
C GLN I 166 27.76 -2.15 -52.46
N CYS I 167 26.76 -2.39 -51.62
CA CYS I 167 25.38 -2.15 -52.00
C CYS I 167 25.14 -0.68 -52.34
N LEU I 168 25.75 0.21 -51.58
CA LEU I 168 25.63 1.64 -51.87
C LEU I 168 26.32 2.00 -53.18
N HIS I 169 27.51 1.44 -53.39
CA HIS I 169 28.30 1.68 -54.59
C HIS I 169 27.53 1.32 -55.86
N GLU I 170 26.53 0.46 -55.72
CA GLU I 170 25.73 -0.03 -56.83
C GLU I 170 24.67 1.00 -57.25
N VAL I 171 24.31 1.88 -56.32
CA VAL I 171 23.32 2.92 -56.60
C VAL I 171 23.99 4.29 -56.76
N HIS I 172 24.83 4.65 -55.79
CA HIS I 172 25.63 5.87 -55.87
C HIS I 172 27.11 5.50 -55.88
N GLN I 173 27.80 5.89 -56.94
CA GLN I 173 29.17 5.44 -57.16
C GLN I 173 30.20 6.08 -56.24
N ILE I 174 30.91 5.23 -55.49
CA ILE I 174 32.01 5.64 -54.64
C ILE I 174 33.32 5.56 -55.43
N SER I 175 33.91 6.73 -55.69
CA SER I 175 35.05 6.85 -56.61
C SER I 175 36.27 5.99 -56.25
N SER I 176 36.70 6.05 -55.00
CA SER I 176 37.91 5.35 -54.59
C SER I 176 37.74 4.63 -53.24
N GLY I 177 38.67 3.74 -52.93
CA GLY I 177 38.70 3.10 -51.63
C GLY I 177 38.90 4.11 -50.51
N LEU I 178 39.50 5.24 -50.86
CA LEU I 178 39.77 6.31 -49.91
C LEU I 178 38.50 7.07 -49.56
N GLU I 179 37.70 7.41 -50.57
CA GLU I 179 36.42 8.06 -50.34
C GLU I 179 35.50 7.17 -49.51
N ALA I 180 35.62 5.85 -49.75
CA ALA I 180 34.85 4.88 -48.97
C ALA I 180 35.18 5.02 -47.48
N MET I 181 36.45 5.19 -47.16
CA MET I 181 36.86 5.34 -45.77
C MET I 181 36.36 6.66 -45.17
N ALA I 182 36.35 7.72 -45.96
CA ALA I 182 35.83 9.01 -45.52
C ALA I 182 34.33 8.93 -45.29
N LEU I 183 33.64 8.18 -46.16
CA LEU I 183 32.20 7.98 -46.04
C LEU I 183 31.86 7.20 -44.76
N LYS I 184 32.56 6.09 -44.55
CA LYS I 184 32.42 5.29 -43.34
C LYS I 184 32.57 6.15 -42.09
N SER I 185 33.51 7.08 -42.12
CA SER I 185 33.81 7.92 -40.97
C SER I 185 32.63 8.81 -40.60
N THR I 186 31.87 9.21 -41.61
CA THR I 186 30.73 10.09 -41.39
C THR I 186 29.49 9.34 -40.90
N ILE I 187 29.21 8.20 -41.53
CA ILE I 187 27.96 7.49 -41.26
C ILE I 187 28.06 6.53 -40.07
N ASP I 188 29.24 6.00 -39.80
CA ASP I 188 29.46 5.11 -38.67
C ASP I 188 29.58 5.93 -37.38
N LEU I 189 28.45 6.46 -36.92
CA LEU I 189 28.43 7.33 -35.75
C LEU I 189 28.85 6.62 -34.48
N THR I 190 28.60 5.31 -34.41
CA THR I 190 28.91 4.55 -33.21
C THR I 190 30.32 3.93 -33.26
N CYS I 191 31.00 4.11 -34.38
CA CYS I 191 32.39 3.67 -34.55
C CYS I 191 32.60 2.20 -34.22
N ASN I 192 31.80 1.33 -34.83
CA ASN I 192 31.91 -0.10 -34.58
C ASN I 192 32.06 -0.91 -35.86
N ASP I 193 32.33 -0.21 -36.95
CA ASP I 193 32.52 -0.83 -38.27
C ASP I 193 31.24 -1.47 -38.82
N TYR I 194 30.11 -1.13 -38.24
CA TYR I 194 28.81 -1.60 -38.72
C TYR I 194 27.89 -0.42 -39.02
N ILE I 195 26.98 -0.60 -39.97
CA ILE I 195 25.97 0.43 -40.23
C ILE I 195 24.59 -0.05 -39.80
N SER I 196 24.02 0.57 -38.77
CA SER I 196 22.67 0.23 -38.35
C SER I 196 21.67 1.03 -39.19
N VAL I 197 20.42 0.57 -39.20
CA VAL I 197 19.36 1.26 -39.92
C VAL I 197 19.14 2.67 -39.34
N PHE I 198 19.50 2.82 -38.06
CA PHE I 198 19.40 4.08 -37.33
C PHE I 198 20.45 5.09 -37.83
N GLU I 199 21.68 4.64 -38.00
CA GLU I 199 22.74 5.51 -38.51
C GLU I 199 22.44 5.91 -39.95
N PHE I 200 21.93 4.95 -40.72
CA PHE I 200 21.54 5.20 -42.11
C PHE I 200 20.45 6.28 -42.17
N ASP I 201 19.51 6.22 -41.23
CA ASP I 201 18.41 7.17 -41.17
C ASP I 201 18.94 8.59 -40.92
N ILE I 202 19.86 8.70 -39.98
CA ILE I 202 20.47 9.99 -39.63
C ILE I 202 21.25 10.57 -40.81
N PHE I 203 22.07 9.73 -41.43
CA PHE I 203 22.87 10.14 -42.56
C PHE I 203 22.01 10.65 -43.72
N THR I 204 20.95 9.90 -44.02
CA THR I 204 20.10 10.24 -45.16
C THR I 204 19.20 11.44 -44.87
N ARG I 205 18.99 11.73 -43.59
CA ARG I 205 18.31 12.96 -43.19
C ARG I 205 19.23 14.17 -43.35
N LEU I 206 20.47 14.02 -42.89
CA LEU I 206 21.43 15.12 -42.91
C LEU I 206 21.86 15.56 -44.31
N PHE I 207 21.94 14.60 -45.22
CA PHE I 207 22.52 14.85 -46.54
C PHE I 207 21.54 14.67 -47.69
N GLN I 208 20.24 14.63 -47.36
CA GLN I 208 19.17 14.62 -48.36
C GLN I 208 19.32 15.80 -49.33
N PRO I 209 18.77 15.68 -50.55
CA PRO I 209 17.98 14.57 -51.12
C PRO I 209 18.81 13.36 -51.48
N TRP I 210 18.17 12.19 -51.43
CA TRP I 210 18.84 10.91 -51.69
C TRP I 210 19.49 10.81 -53.07
N GLY I 211 18.83 11.35 -54.09
CA GLY I 211 19.25 11.20 -55.46
C GLY I 211 20.66 11.70 -55.77
N SER I 212 21.16 12.60 -54.94
CA SER I 212 22.51 13.14 -55.12
C SER I 212 23.24 13.14 -53.79
N ILE I 213 22.95 12.14 -52.96
CA ILE I 213 23.42 12.13 -51.58
C ILE I 213 24.94 12.21 -51.41
N LEU I 214 25.68 11.47 -52.22
CA LEU I 214 27.14 11.47 -52.08
C LEU I 214 27.75 12.81 -52.53
N ARG I 215 27.14 13.42 -53.54
CA ARG I 215 27.54 14.76 -53.95
C ARG I 215 27.26 15.76 -52.82
N ASN I 216 26.10 15.64 -52.21
CA ASN I 216 25.71 16.48 -51.07
C ASN I 216 26.67 16.35 -49.91
N TRP I 217 27.00 15.10 -49.58
CA TRP I 217 27.94 14.79 -48.53
C TRP I 217 29.32 15.34 -48.86
N ASN I 218 29.78 15.14 -50.10
CA ASN I 218 31.08 15.64 -50.52
C ASN I 218 31.20 17.15 -50.39
N PHE I 219 30.13 17.86 -50.75
CA PHE I 219 30.14 19.32 -50.80
C PHE I 219 29.90 19.97 -49.43
N LEU I 220 29.17 19.28 -48.56
CA LEU I 220 28.82 19.80 -47.25
C LEU I 220 29.80 19.36 -46.17
N ALA I 221 30.41 18.20 -46.36
CA ALA I 221 31.22 17.60 -45.31
C ALA I 221 32.68 17.41 -45.72
N VAL I 222 32.92 16.71 -46.82
CA VAL I 222 34.29 16.39 -47.24
C VAL I 222 35.10 17.62 -47.64
N THR I 223 34.52 18.52 -48.41
CA THR I 223 35.27 19.65 -48.97
C THR I 223 34.90 21.00 -48.37
N HIS I 224 34.02 21.01 -47.38
CA HIS I 224 33.60 22.26 -46.77
C HIS I 224 34.37 22.50 -45.48
N PRO I 225 35.10 23.62 -45.41
CA PRO I 225 35.94 23.91 -44.24
C PRO I 225 35.12 24.25 -42.99
N GLY I 226 33.81 24.41 -43.16
CA GLY I 226 32.93 24.72 -42.04
C GLY I 226 32.46 23.51 -41.26
N TYR I 227 32.56 22.33 -41.87
CA TYR I 227 32.12 21.09 -41.25
C TYR I 227 33.06 20.58 -40.15
N MET I 228 32.50 20.31 -38.97
CA MET I 228 33.27 19.79 -37.84
C MET I 228 32.73 18.41 -37.47
N ALA I 229 33.55 17.38 -37.66
CA ALA I 229 33.13 16.02 -37.36
C ALA I 229 33.27 15.74 -35.86
N PHE I 230 32.25 15.10 -35.28
CA PHE I 230 32.28 14.71 -33.87
C PHE I 230 32.66 15.85 -32.93
N LEU I 231 31.98 16.98 -33.07
CA LEU I 231 32.19 18.08 -32.13
C LEU I 231 30.93 18.32 -31.29
N THR I 232 31.14 18.70 -30.04
CA THR I 232 30.05 19.00 -29.14
C THR I 232 29.74 20.49 -29.14
N TYR I 233 28.66 20.85 -28.45
CA TYR I 233 28.24 22.23 -28.27
C TYR I 233 29.35 23.07 -27.66
N ASP I 234 29.94 22.58 -26.58
CA ASP I 234 30.96 23.32 -25.86
C ASP I 234 32.24 23.51 -26.68
N GLU I 235 32.60 22.49 -27.47
CA GLU I 235 33.78 22.58 -28.32
C GLU I 235 33.60 23.58 -29.45
N VAL I 236 32.39 23.65 -30.00
CA VAL I 236 32.05 24.62 -31.03
C VAL I 236 32.18 26.03 -30.48
N LYS I 237 31.69 26.23 -29.26
CA LYS I 237 31.77 27.52 -28.60
C LYS I 237 33.21 27.94 -28.38
N ALA I 238 34.03 26.98 -27.94
CA ALA I 238 35.44 27.21 -27.63
C ALA I 238 36.23 27.58 -28.89
N ARG I 239 35.95 26.88 -29.99
CA ARG I 239 36.67 27.14 -31.23
C ARG I 239 36.28 28.49 -31.82
N LEU I 240 34.98 28.78 -31.86
CA LEU I 240 34.47 30.03 -32.43
C LEU I 240 34.88 31.25 -31.62
N GLN I 241 35.13 31.06 -30.32
CA GLN I 241 35.56 32.15 -29.45
C GLN I 241 36.92 32.70 -29.89
N LYS I 242 37.69 31.87 -30.58
CA LYS I 242 38.97 32.32 -31.13
C LYS I 242 38.77 33.28 -32.28
N TYR I 243 37.60 33.24 -32.89
CA TYR I 243 37.29 34.13 -33.99
C TYR I 243 36.26 35.17 -33.58
N SER I 244 36.22 35.51 -32.29
CA SER I 244 35.25 36.48 -31.79
C SER I 244 35.44 37.88 -32.37
N THR I 245 36.66 38.18 -32.82
CA THR I 245 36.95 39.48 -33.40
C THR I 245 36.49 39.57 -34.86
N LYS I 246 36.07 38.43 -35.42
CA LYS I 246 35.60 38.39 -36.80
C LYS I 246 34.17 37.87 -36.88
N PRO I 247 33.18 38.78 -36.73
CA PRO I 247 31.77 38.44 -36.86
C PRO I 247 31.51 37.78 -38.21
N GLY I 248 30.60 36.81 -38.25
CA GLY I 248 30.30 36.11 -39.48
C GLY I 248 31.07 34.81 -39.62
N SER I 249 31.98 34.57 -38.68
CA SER I 249 32.67 33.28 -38.62
C SER I 249 31.71 32.22 -38.12
N TYR I 250 31.69 31.06 -38.78
CA TYR I 250 30.69 30.04 -38.48
C TYR I 250 31.22 28.63 -38.74
N ILE I 251 30.70 27.68 -37.96
CA ILE I 251 30.95 26.27 -38.19
C ILE I 251 29.65 25.49 -37.98
N PHE I 252 29.55 24.34 -38.63
CA PHE I 252 28.36 23.52 -38.48
C PHE I 252 28.71 22.06 -38.21
N ARG I 253 27.80 21.35 -37.55
CA ARG I 253 28.04 19.99 -37.12
C ARG I 253 26.74 19.29 -36.77
N LEU I 254 26.82 17.97 -36.55
CA LEU I 254 25.66 17.22 -36.10
C LEU I 254 25.25 17.66 -34.71
N SER I 255 23.98 17.94 -34.53
CA SER I 255 23.43 18.12 -33.21
C SER I 255 23.49 16.80 -32.45
N CYS I 256 23.84 16.86 -31.17
CA CYS I 256 23.92 15.69 -30.31
C CYS I 256 22.56 15.31 -29.71
N THR I 257 21.76 16.31 -29.36
CA THR I 257 20.48 16.04 -28.72
C THR I 257 19.35 15.77 -29.71
N ARG I 258 19.47 16.28 -30.93
CA ARG I 258 18.49 16.03 -31.98
C ARG I 258 19.15 15.39 -33.19
N LEU I 259 19.43 14.09 -33.08
CA LEU I 259 20.14 13.38 -34.14
C LEU I 259 19.42 13.47 -35.48
N GLY I 260 20.18 13.74 -36.52
CA GLY I 260 19.62 13.91 -37.85
C GLY I 260 19.40 15.37 -38.16
N GLN I 261 19.78 16.25 -37.23
CA GLN I 261 19.68 17.68 -37.44
C GLN I 261 21.03 18.37 -37.33
N TRP I 262 21.17 19.48 -38.05
CA TRP I 262 22.40 20.27 -38.03
C TRP I 262 22.36 21.35 -36.96
N ALA I 263 23.49 21.56 -36.29
CA ALA I 263 23.64 22.68 -35.38
C ALA I 263 24.67 23.64 -35.98
N ILE I 264 24.27 24.89 -36.18
CA ILE I 264 25.16 25.90 -36.75
C ILE I 264 25.55 26.92 -35.68
N GLY I 265 26.84 27.04 -35.43
CA GLY I 265 27.33 28.05 -34.51
C GLY I 265 27.89 29.23 -35.28
N TYR I 266 27.71 30.44 -34.76
CA TYR I 266 28.19 31.63 -35.45
C TYR I 266 28.54 32.79 -34.52
N VAL I 267 29.45 33.64 -34.97
CA VAL I 267 29.89 34.80 -34.22
C VAL I 267 29.06 35.99 -34.65
N THR I 268 28.36 36.62 -33.70
CA THR I 268 27.52 37.77 -34.01
C THR I 268 28.37 39.03 -34.12
N GLY I 269 27.71 40.15 -34.43
CA GLY I 269 28.40 41.42 -34.58
C GLY I 269 28.87 42.01 -33.26
N ASP I 270 28.42 41.45 -32.16
CA ASP I 270 28.81 41.93 -30.83
C ASP I 270 29.88 41.05 -30.20
N GLY I 271 30.43 40.14 -30.99
CA GLY I 271 31.51 39.27 -30.52
C GLY I 271 31.03 38.07 -29.74
N ASN I 272 29.72 37.82 -29.74
CA ASN I 272 29.17 36.67 -29.03
C ASN I 272 28.93 35.46 -29.92
N ILE I 273 28.73 34.30 -29.31
CA ILE I 273 28.53 33.06 -30.05
C ILE I 273 27.12 32.52 -29.84
N LEU I 274 26.42 32.30 -30.95
CA LEU I 274 25.11 31.65 -30.89
C LEU I 274 25.16 30.33 -31.66
N GLN I 275 24.32 29.38 -31.25
CA GLN I 275 24.15 28.15 -32.00
C GLN I 275 22.67 27.93 -32.28
N THR I 276 22.36 27.55 -33.51
CA THR I 276 20.98 27.37 -33.93
C THR I 276 20.79 26.05 -34.65
N ILE I 277 19.57 25.53 -34.60
CA ILE I 277 19.22 24.34 -35.35
C ILE I 277 18.12 24.68 -36.34
N PRO I 278 18.38 24.50 -37.64
CA PRO I 278 17.31 24.62 -38.64
C PRO I 278 16.45 23.35 -38.65
N HIS I 279 15.46 23.30 -37.77
CA HIS I 279 14.62 22.11 -37.59
C HIS I 279 14.00 21.61 -38.90
N ASN I 280 14.47 20.44 -39.34
CA ASN I 280 13.98 19.79 -40.56
C ASN I 280 13.98 20.68 -41.82
N LYS I 281 15.04 21.47 -41.97
CA LYS I 281 15.21 22.30 -43.15
C LYS I 281 16.54 21.94 -43.80
N PRO I 282 16.65 22.10 -45.13
CA PRO I 282 17.88 21.70 -45.81
C PRO I 282 19.06 22.58 -45.40
N LEU I 283 20.19 21.94 -45.10
CA LEU I 283 21.38 22.68 -44.69
C LEU I 283 21.84 23.60 -45.82
N PHE I 284 21.68 23.14 -47.06
CA PHE I 284 22.08 23.90 -48.23
C PHE I 284 21.44 25.28 -48.21
N GLN I 285 20.13 25.31 -48.00
CA GLN I 285 19.39 26.56 -48.01
C GLN I 285 19.79 27.45 -46.83
N ALA I 286 19.99 26.84 -45.68
CA ALA I 286 20.38 27.56 -44.48
C ALA I 286 21.68 28.36 -44.67
N LEU I 287 22.69 27.73 -45.27
CA LEU I 287 23.97 28.38 -45.50
C LEU I 287 23.86 29.46 -46.58
N ILE I 288 23.19 29.13 -47.68
CA ILE I 288 22.96 30.12 -48.73
C ILE I 288 22.26 31.35 -48.18
N ASP I 289 21.18 31.15 -47.43
CA ASP I 289 20.45 32.25 -46.82
C ASP I 289 21.30 33.01 -45.80
N GLY I 290 22.02 32.27 -44.96
CA GLY I 290 22.85 32.88 -43.94
C GLY I 290 24.03 33.63 -44.52
N SER I 291 24.52 33.14 -45.66
CA SER I 291 25.61 33.80 -46.37
C SER I 291 25.16 35.12 -47.00
N ARG I 292 23.88 35.22 -47.33
CA ARG I 292 23.37 36.42 -47.99
C ARG I 292 23.05 37.53 -46.99
N GLU I 293 22.59 37.14 -45.81
CA GLU I 293 22.22 38.13 -44.80
C GLU I 293 23.42 38.53 -43.94
N GLY I 294 24.56 37.89 -44.18
CA GLY I 294 25.79 38.28 -43.52
C GLY I 294 26.13 37.56 -42.23
N PHE I 295 25.41 36.48 -41.93
CA PHE I 295 25.65 35.75 -40.69
C PHE I 295 26.70 34.65 -40.87
N TYR I 296 26.67 34.00 -42.04
CA TYR I 296 27.56 32.89 -42.31
C TYR I 296 28.51 33.25 -43.44
N LEU I 297 29.64 33.85 -43.10
CA LEU I 297 30.56 34.39 -44.10
C LEU I 297 31.92 33.68 -44.10
N TYR I 298 32.42 33.34 -42.91
CA TYR I 298 33.77 32.83 -42.79
C TYR I 298 33.80 31.46 -42.10
N PRO I 299 33.80 30.40 -42.90
CA PRO I 299 33.75 29.03 -42.36
C PRO I 299 35.03 28.72 -41.61
N ASP I 300 34.88 28.43 -40.32
CA ASP I 300 36.01 28.20 -39.42
C ASP I 300 36.98 29.38 -39.46
N GLY I 301 36.45 30.58 -39.62
CA GLY I 301 37.26 31.78 -39.63
C GLY I 301 38.23 31.87 -40.80
N ARG I 302 37.87 31.26 -41.92
CA ARG I 302 38.66 31.34 -43.14
C ARG I 302 37.97 32.25 -44.17
N SER I 303 38.69 32.62 -45.23
CA SER I 303 38.17 33.58 -46.21
C SER I 303 37.44 32.97 -47.43
N TYR I 304 37.88 31.80 -47.89
CA TYR I 304 37.19 31.14 -49.00
C TYR I 304 35.90 30.44 -48.54
N ASN I 305 34.77 31.07 -48.79
CA ASN I 305 33.47 30.48 -48.46
C ASN I 305 32.83 29.84 -49.69
N PRO I 306 32.66 28.50 -49.67
CA PRO I 306 32.11 27.78 -50.82
C PRO I 306 30.75 28.33 -51.26
N ASP I 307 30.60 28.62 -52.55
CA ASP I 307 29.33 29.11 -53.09
C ASP I 307 28.44 27.95 -53.51
N LEU I 308 27.41 27.68 -52.72
CA LEU I 308 26.57 26.49 -52.90
C LEU I 308 25.28 26.76 -53.68
N THR I 309 25.15 27.97 -54.24
CA THR I 309 23.97 28.32 -55.03
C THR I 309 23.84 27.43 -56.25
N GLY I 310 22.68 26.80 -56.41
CA GLY I 310 22.40 25.97 -57.55
C GLY I 310 22.67 24.49 -57.31
N LEU I 311 23.58 24.20 -56.38
CA LEU I 311 23.94 22.83 -56.04
C LEU I 311 22.77 22.13 -55.35
N CYS I 312 21.91 22.92 -54.73
CA CYS I 312 20.74 22.40 -54.03
C CYS I 312 19.79 21.67 -54.99
N GLU I 313 19.32 22.39 -55.99
CA GLU I 313 18.37 21.88 -57.00
C GLU I 313 17.17 21.16 -56.37
N PRO I 314 16.24 21.94 -55.76
CA PRO I 314 14.99 21.45 -55.13
C PRO I 314 14.29 20.47 -56.07
N THR I 315 13.97 19.28 -55.56
CA THR I 315 13.33 18.24 -56.35
C THR I 315 11.93 18.64 -56.81
N PRO I 316 11.51 18.17 -58.01
CA PRO I 316 10.16 18.41 -58.51
C PRO I 316 9.11 17.84 -57.55
N HIS I 317 8.21 18.70 -57.07
CA HIS I 317 7.15 18.29 -56.16
C HIS I 317 6.38 17.14 -56.76
N ASP I 318 6.39 15.99 -56.10
CA ASP I 318 5.60 14.85 -56.56
C ASP I 318 4.13 15.25 -56.52
N HIS I 319 3.36 14.86 -57.54
CA HIS I 319 1.93 15.18 -57.54
C HIS I 319 1.13 14.01 -56.97
N ILE I 320 0.10 14.35 -56.19
CA ILE I 320 -0.83 13.36 -55.70
C ILE I 320 -2.01 13.31 -56.67
N LYS I 321 -2.21 12.15 -57.29
CA LYS I 321 -3.32 11.96 -58.20
C LYS I 321 -4.47 11.28 -57.47
N VAL I 322 -5.47 12.06 -57.09
CA VAL I 322 -6.64 11.52 -56.40
C VAL I 322 -7.45 10.61 -57.33
N THR I 323 -7.69 9.39 -56.89
CA THR I 323 -8.43 8.42 -57.69
C THR I 323 -9.91 8.81 -57.79
N GLN I 324 -10.65 8.11 -58.65
CA GLN I 324 -12.11 8.24 -58.69
C GLN I 324 -12.70 7.63 -57.44
N GLU I 325 -12.08 6.55 -56.98
CA GLU I 325 -12.46 5.88 -55.74
C GLU I 325 -12.49 6.85 -54.56
N GLN I 326 -11.38 7.55 -54.35
CA GLN I 326 -11.24 8.54 -53.29
C GLN I 326 -12.26 9.66 -53.43
N PHE I 327 -12.46 10.12 -54.66
CA PHE I 327 -13.41 11.20 -54.94
C PHE I 327 -14.79 10.88 -54.40
N GLU I 328 -15.30 9.70 -54.77
CA GLU I 328 -16.61 9.25 -54.33
C GLU I 328 -16.68 9.07 -52.81
N LEU I 329 -15.58 8.62 -52.21
CA LEU I 329 -15.52 8.38 -50.78
C LEU I 329 -15.73 9.66 -49.99
N CYS I 331 -16.78 12.57 -51.27
CA CYS I 331 -17.98 13.23 -51.76
C CYS I 331 -19.20 12.77 -50.96
N GLU I 332 -19.18 11.50 -50.54
CA GLU I 332 -20.23 10.95 -49.70
C GLU I 332 -20.27 11.66 -48.35
N MET I 333 -19.12 12.20 -47.94
CA MET I 333 -19.00 12.89 -46.66
C MET I 333 -19.15 14.40 -46.83
N GLY I 334 -19.47 14.85 -48.04
CA GLY I 334 -19.65 16.26 -48.32
C GLY I 334 -18.35 17.05 -48.30
N SER I 335 -17.25 16.39 -48.66
CA SER I 335 -15.95 17.02 -48.61
C SER I 335 -15.07 16.57 -49.79
N THR I 336 -13.80 16.95 -49.76
CA THR I 336 -12.84 16.57 -50.78
C THR I 336 -11.61 15.93 -50.15
N PHE I 337 -10.90 15.12 -50.93
CA PHE I 337 -9.64 14.53 -50.48
C PHE I 337 -8.59 15.59 -50.21
N GLN I 338 -8.45 16.53 -51.14
CA GLN I 338 -7.35 17.49 -51.10
C GLN I 338 -7.42 18.49 -49.95
N LEU I 339 -8.62 18.68 -49.38
CA LEU I 339 -8.76 19.64 -48.28
C LEU I 339 -7.99 19.18 -47.04
N CYS I 340 -7.27 20.12 -46.44
CA CYS I 340 -6.56 19.85 -45.18
C CYS I 340 -7.58 19.57 -44.07
N LYS I 341 -7.48 18.40 -43.45
CA LYS I 341 -8.48 17.99 -42.48
C LYS I 341 -8.17 18.51 -41.07
N ILE I 342 -7.17 19.38 -40.96
CA ILE I 342 -6.89 20.03 -39.68
C ILE I 342 -7.61 21.37 -39.61
N CYS I 343 -7.34 22.25 -40.58
CA CYS I 343 -7.97 23.56 -40.61
C CYS I 343 -9.28 23.60 -41.39
N ALA I 344 -9.46 22.62 -42.28
CA ALA I 344 -10.61 22.60 -43.19
C ALA I 344 -10.74 23.91 -43.97
N GLU I 345 -9.60 24.44 -44.42
CA GLU I 345 -9.58 25.70 -45.15
C GLU I 345 -8.62 25.64 -46.34
N ASN I 346 -7.39 25.21 -46.07
CA ASN I 346 -6.39 25.09 -47.12
C ASN I 346 -6.35 23.68 -47.69
N ASP I 347 -5.65 23.52 -48.79
CA ASP I 347 -5.42 22.21 -49.38
C ASP I 347 -4.16 21.59 -48.80
N LYS I 348 -4.10 20.25 -48.82
CA LYS I 348 -2.91 19.53 -48.37
C LYS I 348 -1.73 19.93 -49.25
N ASP I 349 -0.63 20.36 -48.64
CA ASP I 349 0.56 20.71 -49.41
C ASP I 349 1.84 20.14 -48.82
N VAL I 350 1.73 19.48 -47.67
CA VAL I 350 2.91 18.87 -47.05
C VAL I 350 2.67 17.43 -46.62
N LYS I 351 3.68 16.59 -46.84
CA LYS I 351 3.62 15.20 -46.44
C LYS I 351 4.62 14.94 -45.31
N ILE I 352 4.13 14.37 -44.22
CA ILE I 352 4.96 14.08 -43.05
C ILE I 352 5.71 12.77 -43.22
N GLU I 353 7.00 12.77 -42.92
CA GLU I 353 7.79 11.55 -42.92
C GLU I 353 8.13 11.13 -41.49
N PRO I 354 8.17 9.82 -41.22
CA PRO I 354 7.99 8.72 -42.19
C PRO I 354 6.57 8.20 -42.33
N CYS I 355 5.60 8.78 -41.63
CA CYS I 355 4.27 8.19 -41.59
C CYS I 355 3.47 8.40 -42.87
N GLY I 356 3.75 9.49 -43.57
CA GLY I 356 3.15 9.72 -44.88
C GLY I 356 1.79 10.40 -44.89
N HIS I 357 1.33 10.87 -43.74
CA HIS I 357 0.05 11.56 -43.68
C HIS I 357 0.16 13.00 -44.20
N LEU I 358 -0.94 13.52 -44.75
CA LEU I 358 -0.94 14.80 -45.43
C LEU I 358 -1.71 15.88 -44.66
N MET I 359 -1.28 17.13 -44.82
CA MET I 359 -1.98 18.30 -44.30
C MET I 359 -1.34 19.53 -44.93
N CYS I 360 -1.74 20.72 -44.50
CA CYS I 360 -1.13 21.94 -45.03
C CYS I 360 0.04 22.38 -44.16
N THR I 361 0.96 23.12 -44.76
CA THR I 361 2.19 23.55 -44.07
C THR I 361 1.87 24.52 -42.94
N SER I 362 0.82 25.31 -43.10
CA SER I 362 0.45 26.28 -42.09
C SER I 362 -0.01 25.60 -40.79
N CYS I 363 -0.79 24.54 -40.92
CA CYS I 363 -1.24 23.80 -39.75
C CYS I 363 -0.09 23.07 -39.06
N LEU I 364 0.75 22.41 -39.86
CA LEU I 364 1.91 21.70 -39.34
C LEU I 364 2.82 22.67 -38.58
N THR I 365 2.95 23.88 -39.11
CA THR I 365 3.79 24.89 -38.47
C THR I 365 3.17 25.34 -37.16
N ALA I 366 1.89 25.72 -37.21
CA ALA I 366 1.15 26.12 -36.01
C ALA I 366 1.12 25.03 -34.94
N TRP I 367 1.00 23.78 -35.36
CA TRP I 367 1.00 22.66 -34.42
C TRP I 367 2.32 22.61 -33.67
N GLN I 368 3.42 22.67 -34.40
CA GLN I 368 4.74 22.54 -33.78
C GLN I 368 5.10 23.75 -32.93
N GLU I 369 4.62 24.93 -33.31
CA GLU I 369 4.89 26.15 -32.56
C GLU I 369 4.06 26.26 -31.27
N SER I 370 3.02 25.43 -31.16
CA SER I 370 2.19 25.39 -29.96
C SER I 370 2.70 24.33 -28.99
N ASP I 371 3.94 23.91 -29.23
CA ASP I 371 4.58 22.82 -28.49
C ASP I 371 3.87 21.49 -28.67
N GLY I 372 3.21 21.32 -29.82
CA GLY I 372 2.58 20.06 -30.19
C GLY I 372 3.58 19.12 -30.83
N GLN I 373 3.43 17.83 -30.57
CA GLN I 373 4.38 16.83 -31.06
C GLN I 373 3.72 15.76 -31.90
N GLY I 374 4.44 15.29 -32.91
CA GLY I 374 4.01 14.15 -33.68
C GLY I 374 2.90 14.44 -34.68
N CYS I 375 2.76 13.54 -35.64
CA CYS I 375 1.67 13.60 -36.59
C CYS I 375 0.35 13.70 -35.82
N PRO I 376 -0.50 14.66 -36.20
CA PRO I 376 -1.82 14.78 -35.59
C PRO I 376 -2.65 13.49 -35.77
N PHE I 377 -2.34 12.73 -36.82
CA PHE I 377 -3.17 11.60 -37.18
C PHE I 377 -2.73 10.27 -36.57
N CYS I 378 -1.42 10.10 -36.36
CA CYS I 378 -0.93 8.84 -35.83
C CYS I 378 0.04 8.98 -34.65
N ARG I 379 0.37 10.22 -34.30
CA ARG I 379 1.30 10.54 -33.21
C ARG I 379 2.76 10.12 -33.44
N CYS I 380 3.07 9.63 -34.64
CA CYS I 380 4.44 9.27 -34.99
CA CYS I 380 4.44 9.27 -34.94
C CYS I 380 5.32 10.51 -35.02
N GLU I 381 6.57 10.38 -34.60
CA GLU I 381 7.51 11.49 -34.60
C GLU I 381 7.65 12.08 -36.00
N ILE I 382 7.60 13.40 -36.09
CA ILE I 382 7.82 14.09 -37.36
C ILE I 382 9.31 14.23 -37.58
N LYS I 383 9.90 13.26 -38.29
CA LYS I 383 11.33 13.23 -38.48
C LYS I 383 11.74 13.93 -39.77
N GLY I 384 10.74 14.28 -40.57
CA GLY I 384 10.99 14.96 -41.83
C GLY I 384 9.72 15.29 -42.57
N THR I 385 9.82 16.21 -43.51
CA THR I 385 8.69 16.57 -44.35
C THR I 385 9.11 16.58 -45.82
N GLU I 386 8.12 16.72 -46.70
CA GLU I 386 8.37 16.75 -48.14
C GLU I 386 7.20 17.42 -48.84
N PRO I 387 7.45 18.58 -49.46
CA PRO I 387 6.41 19.35 -50.14
C PRO I 387 5.67 18.53 -51.19
N ILE I 388 4.34 18.58 -51.18
CA ILE I 388 3.54 17.84 -52.16
C ILE I 388 2.43 18.70 -52.77
N ILE I 389 1.97 18.33 -53.95
CA ILE I 389 0.83 18.98 -54.60
C ILE I 389 -0.26 17.96 -54.89
N VAL I 390 -1.47 18.23 -54.41
CA VAL I 390 -2.60 17.34 -54.71
C VAL I 390 -3.47 17.95 -55.80
N ASP I 391 -3.48 17.30 -56.96
CA ASP I 391 -4.32 17.74 -58.07
C ASP I 391 -5.70 17.14 -57.95
N PRO I 392 -6.74 17.99 -57.88
CA PRO I 392 -8.13 17.55 -57.72
C PRO I 392 -8.61 16.61 -58.82
N PHE I 393 -9.74 15.94 -58.59
CA PHE I 393 -10.31 15.03 -59.57
C PHE I 393 -11.15 15.76 -60.61
N ASP J 5 18.29 24.69 -23.64
CA ASP J 5 19.18 23.70 -24.22
C ASP J 5 20.39 24.34 -24.92
N GLY J 6 20.40 25.67 -24.99
CA GLY J 6 21.51 26.42 -25.56
C GLY J 6 21.29 26.84 -26.99
N THR J 8 19.28 28.80 -30.03
CA THR J 8 18.49 30.01 -30.27
C THR J 8 17.89 30.01 -31.68
N PRO J 9 16.82 30.81 -31.89
CA PRO J 9 16.19 30.90 -33.22
C PRO J 9 17.18 31.28 -34.32
N GLU J 10 16.96 30.78 -35.53
CA GLU J 10 17.84 31.05 -36.66
C GLU J 10 17.96 32.55 -36.91
N PRO J 11 19.15 33.00 -37.34
CA PRO J 11 19.37 34.43 -37.58
C PRO J 11 18.71 34.90 -38.87
N ALA J 12 18.16 36.11 -38.84
CA ALA J 12 17.50 36.67 -40.03
C ALA J 12 17.50 38.20 -40.01
N ALA K 1 -10.11 28.94 -37.08
CA ALA K 1 -10.82 28.07 -36.15
C ALA K 1 -12.28 27.88 -36.56
N LEU K 2 -12.89 28.96 -37.05
CA LEU K 2 -14.31 28.97 -37.35
C LEU K 2 -14.65 28.05 -38.52
N LYS K 3 -13.76 27.97 -39.50
CA LYS K 3 -13.95 27.07 -40.63
C LYS K 3 -13.92 25.62 -40.17
N ARG K 4 -12.99 25.32 -39.27
CA ARG K 4 -12.88 23.99 -38.68
C ARG K 4 -14.13 23.65 -37.88
N ILE K 5 -14.58 24.57 -37.04
CA ILE K 5 -15.73 24.36 -36.18
C ILE K 5 -17.02 24.19 -37.00
N HIS K 6 -17.15 24.98 -38.05
CA HIS K 6 -18.32 24.90 -38.93
C HIS K 6 -18.36 23.59 -39.73
N LYS K 7 -17.21 23.09 -40.15
CA LYS K 7 -17.17 21.78 -40.80
C LYS K 7 -17.63 20.70 -39.81
N GLU K 8 -17.16 20.79 -38.57
CA GLU K 8 -17.54 19.82 -37.55
C GLU K 8 -19.05 19.82 -37.33
N LEU K 9 -19.64 21.02 -37.30
CA LEU K 9 -21.07 21.16 -37.10
C LEU K 9 -21.85 20.64 -38.31
N ASN K 10 -21.35 20.93 -39.50
CA ASN K 10 -21.97 20.43 -40.72
C ASN K 10 -21.89 18.92 -40.84
N ASP K 11 -20.74 18.36 -40.48
CA ASP K 11 -20.56 16.91 -40.50
C ASP K 11 -21.48 16.20 -39.51
N LEU K 12 -21.71 16.82 -38.36
CA LEU K 12 -22.62 16.25 -37.36
C LEU K 12 -24.06 16.19 -37.84
N ALA K 13 -24.44 17.15 -38.67
CA ALA K 13 -25.79 17.17 -39.25
C ALA K 13 -25.94 16.07 -40.30
N ARG K 14 -24.88 15.85 -41.07
CA ARG K 14 -24.88 14.85 -42.12
C ARG K 14 -24.93 13.43 -41.56
N ASP K 15 -24.10 13.18 -40.55
CA ASP K 15 -24.01 11.85 -39.96
C ASP K 15 -24.11 11.91 -38.44
N PRO K 16 -25.35 12.02 -37.91
CA PRO K 16 -25.60 12.12 -36.47
C PRO K 16 -25.11 10.89 -35.71
N PRO K 17 -24.15 11.08 -34.79
CA PRO K 17 -23.58 9.97 -34.02
C PRO K 17 -24.62 9.27 -33.16
N ALA K 18 -24.41 7.99 -32.88
CA ALA K 18 -25.35 7.22 -32.09
C ALA K 18 -25.16 7.45 -30.58
N GLN K 19 -23.91 7.48 -30.15
CA GLN K 19 -23.61 7.56 -28.72
C GLN K 19 -23.70 9.00 -28.17
N CYS K 20 -23.41 9.97 -29.02
CA CYS K 20 -23.32 11.37 -28.61
C CYS K 20 -23.93 12.37 -29.60
N ARG K 21 -24.24 13.56 -29.09
CA ARG K 21 -24.77 14.66 -29.88
C ARG K 21 -24.19 15.96 -29.31
N ALA K 22 -23.96 16.95 -30.17
CA ALA K 22 -23.42 18.24 -29.73
C ALA K 22 -23.83 19.37 -30.67
N GLY K 23 -23.95 20.58 -30.13
CA GLY K 23 -24.27 21.74 -30.95
C GLY K 23 -24.11 23.05 -30.19
N PRO K 24 -23.92 24.15 -30.93
CA PRO K 24 -23.70 25.49 -30.37
C PRO K 24 -24.82 25.94 -29.43
N VAL K 25 -24.50 26.84 -28.52
CA VAL K 25 -25.50 27.43 -27.63
C VAL K 25 -25.84 28.85 -28.09
N GLY K 26 -27.06 29.02 -28.60
CA GLY K 26 -27.50 30.31 -29.08
C GLY K 26 -26.66 30.86 -30.21
N ASP K 27 -26.17 32.09 -30.04
CA ASP K 27 -25.37 32.76 -31.07
C ASP K 27 -23.88 32.42 -31.00
N ASP K 28 -23.47 31.79 -29.90
CA ASP K 28 -22.05 31.59 -29.63
C ASP K 28 -21.50 30.29 -30.21
N MET K 29 -20.76 30.40 -31.31
CA MET K 29 -20.20 29.24 -32.00
C MET K 29 -19.06 28.57 -31.22
N PHE K 30 -18.54 29.25 -30.21
CA PHE K 30 -17.46 28.71 -29.39
C PHE K 30 -17.98 28.08 -28.09
N HIS K 31 -19.30 28.13 -27.90
CA HIS K 31 -19.93 27.57 -26.71
C HIS K 31 -20.94 26.51 -27.14
N TRP K 32 -20.62 25.25 -26.84
CA TRP K 32 -21.49 24.13 -27.21
C TRP K 32 -22.00 23.37 -26.01
N GLN K 33 -23.15 22.71 -26.18
CA GLN K 33 -23.64 21.76 -25.21
C GLN K 33 -23.74 20.38 -25.88
N ALA K 34 -23.46 19.33 -25.12
CA ALA K 34 -23.46 17.98 -25.68
C ALA K 34 -24.11 16.96 -24.77
N THR K 35 -24.45 15.81 -25.32
CA THR K 35 -24.98 14.69 -24.54
C THR K 35 -24.22 13.41 -24.85
N ILE K 36 -23.91 12.65 -23.82
CA ILE K 36 -23.39 11.30 -23.97
C ILE K 36 -24.39 10.29 -23.40
N MET K 37 -24.68 9.26 -24.19
CA MET K 37 -25.50 8.14 -23.71
C MET K 37 -24.63 7.17 -22.94
N GLY K 38 -25.02 6.85 -21.71
CA GLY K 38 -24.31 5.88 -20.91
C GLY K 38 -24.24 4.55 -21.64
N PRO K 39 -23.06 3.92 -21.66
CA PRO K 39 -22.89 2.67 -22.39
C PRO K 39 -23.78 1.55 -21.85
N ASN K 40 -24.39 0.81 -22.76
CA ASN K 40 -25.16 -0.37 -22.38
CA ASN K 40 -25.17 -0.35 -22.35
C ASN K 40 -24.29 -1.37 -21.64
N ASP K 41 -24.90 -2.17 -20.77
CA ASP K 41 -24.18 -3.17 -19.98
C ASP K 41 -23.06 -2.51 -19.16
N SER K 42 -23.43 -1.43 -18.48
CA SER K 42 -22.52 -0.73 -17.59
C SER K 42 -23.39 -0.12 -16.49
N PRO K 43 -22.77 0.34 -15.40
CA PRO K 43 -23.56 1.02 -14.37
C PRO K 43 -24.21 2.33 -14.83
N TYR K 44 -23.80 2.84 -16.00
CA TYR K 44 -24.33 4.10 -16.49
C TYR K 44 -25.44 3.90 -17.52
N GLN K 45 -25.78 2.65 -17.80
CA GLN K 45 -26.79 2.36 -18.82
C GLN K 45 -28.14 2.98 -18.48
N GLY K 46 -28.82 3.51 -19.49
CA GLY K 46 -30.08 4.19 -19.31
C GLY K 46 -29.90 5.67 -19.05
N GLY K 47 -28.67 6.07 -18.75
CA GLY K 47 -28.40 7.45 -18.39
C GLY K 47 -28.08 8.33 -19.58
N VAL K 48 -28.38 9.62 -19.45
CA VAL K 48 -28.00 10.61 -20.45
C VAL K 48 -27.26 11.75 -19.77
N PHE K 49 -26.02 11.99 -20.19
CA PHE K 49 -25.15 12.93 -19.49
C PHE K 49 -24.85 14.17 -20.33
N PHE K 50 -25.13 15.34 -19.77
CA PHE K 50 -24.88 16.60 -20.47
C PHE K 50 -23.47 17.16 -20.19
N LEU K 51 -22.86 17.76 -21.19
CA LEU K 51 -21.53 18.36 -21.06
C LEU K 51 -21.48 19.76 -21.67
N THR K 52 -20.66 20.63 -21.08
CA THR K 52 -20.44 21.97 -21.61
C THR K 52 -19.08 22.05 -22.30
N ILE K 53 -19.06 22.55 -23.53
CA ILE K 53 -17.84 22.63 -24.32
C ILE K 53 -17.51 24.08 -24.68
N HIS K 54 -16.27 24.47 -24.44
CA HIS K 54 -15.78 25.77 -24.91
C HIS K 54 -14.55 25.60 -25.80
N PHE K 55 -14.66 26.09 -27.03
CA PHE K 55 -13.53 26.04 -27.95
C PHE K 55 -12.65 27.26 -27.75
N PRO K 56 -11.34 27.04 -27.53
CA PRO K 56 -10.43 28.17 -27.37
C PRO K 56 -10.23 28.89 -28.70
N THR K 57 -9.84 30.16 -28.66
CA THR K 57 -9.68 30.94 -29.89
C THR K 57 -8.64 30.35 -30.84
N ASP K 58 -7.71 29.56 -30.31
CA ASP K 58 -6.70 28.92 -31.14
C ASP K 58 -6.98 27.43 -31.47
N TYR K 59 -8.18 26.97 -31.16
CA TYR K 59 -8.66 25.66 -31.62
C TYR K 59 -8.42 25.61 -33.13
N PRO K 60 -7.93 24.47 -33.66
CA PRO K 60 -7.76 23.15 -33.02
C PRO K 60 -6.39 22.87 -32.43
N PHE K 61 -5.52 23.87 -32.33
CA PHE K 61 -4.16 23.62 -31.84
C PHE K 61 -4.09 23.51 -30.31
N LYS K 62 -5.15 23.98 -29.65
CA LYS K 62 -5.33 23.72 -28.23
C LYS K 62 -6.66 23.00 -28.04
N PRO K 63 -6.77 22.18 -26.98
CA PRO K 63 -7.96 21.33 -26.84
C PRO K 63 -9.18 22.11 -26.39
N PRO K 64 -10.38 21.61 -26.70
CA PRO K 64 -11.62 22.19 -26.16
C PRO K 64 -11.66 22.00 -24.64
N LYS K 65 -12.31 22.93 -23.94
CA LYS K 65 -12.53 22.78 -22.52
C LYS K 65 -13.87 22.08 -22.32
N VAL K 66 -13.83 20.85 -21.79
CA VAL K 66 -15.02 20.02 -21.65
C VAL K 66 -15.28 19.67 -20.19
N ALA K 67 -16.52 19.86 -19.75
CA ALA K 67 -16.93 19.52 -18.39
C ALA K 67 -18.36 18.99 -18.33
N PHE K 68 -18.59 18.02 -17.46
CA PHE K 68 -19.93 17.50 -17.22
C PHE K 68 -20.75 18.49 -16.41
N THR K 69 -22.04 18.58 -16.70
CA THR K 69 -22.95 19.34 -15.85
C THR K 69 -23.95 18.39 -15.18
N THR K 70 -24.08 17.19 -15.75
CA THR K 70 -24.81 16.10 -15.12
C THR K 70 -23.86 15.38 -14.16
N ARG K 71 -24.29 15.18 -12.92
CA ARG K 71 -23.46 14.50 -11.94
C ARG K 71 -23.14 13.08 -12.39
N ILE K 72 -21.94 12.61 -12.09
CA ILE K 72 -21.56 11.24 -12.45
C ILE K 72 -20.54 10.66 -11.48
N TYR K 73 -20.65 9.35 -11.23
CA TYR K 73 -19.78 8.68 -10.27
C TYR K 73 -18.63 7.97 -10.99
N HIS K 74 -17.41 8.47 -10.81
CA HIS K 74 -16.26 8.01 -11.59
C HIS K 74 -14.95 8.50 -10.98
N PRO K 75 -13.90 7.67 -11.03
CA PRO K 75 -12.59 8.01 -10.45
C PRO K 75 -11.90 9.21 -11.13
N ASN K 76 -12.23 9.47 -12.39
CA ASN K 76 -11.52 10.49 -13.17
C ASN K 76 -12.40 11.68 -13.52
N ILE K 77 -13.57 11.73 -12.90
CA ILE K 77 -14.49 12.85 -13.05
C ILE K 77 -14.99 13.23 -11.65
N ASN K 78 -14.92 14.52 -11.31
CA ASN K 78 -15.33 14.94 -9.97
C ASN K 78 -16.70 15.63 -9.94
N SER K 79 -17.08 16.13 -8.77
CA SER K 79 -18.38 16.75 -8.57
C SER K 79 -18.50 18.18 -9.13
N ASN K 80 -17.40 18.70 -9.66
CA ASN K 80 -17.44 19.98 -10.38
C ASN K 80 -17.71 19.72 -11.86
N GLY K 81 -17.78 18.44 -12.22
CA GLY K 81 -17.92 18.03 -13.61
C GLY K 81 -16.60 17.93 -14.35
N SER K 82 -15.50 18.18 -13.63
CA SER K 82 -14.18 18.22 -14.23
C SER K 82 -13.70 16.82 -14.64
N ILE K 83 -13.12 16.74 -15.83
CA ILE K 83 -12.68 15.47 -16.40
C ILE K 83 -11.17 15.46 -16.53
N LYS K 84 -10.49 14.69 -15.70
CA LYS K 84 -9.05 14.55 -15.85
C LYS K 84 -8.77 13.49 -16.91
N LEU K 85 -8.39 13.83 -18.14
CA LEU K 85 -8.23 12.97 -19.31
C LEU K 85 -7.09 13.52 -20.18
N ASP K 86 -6.12 12.66 -20.49
CA ASP K 86 -4.90 13.12 -21.14
C ASP K 86 -5.09 13.80 -22.51
N ILE K 87 -6.04 13.34 -23.31
CA ILE K 87 -6.27 13.95 -24.63
C ILE K 87 -6.91 15.33 -24.52
N LEU K 88 -7.40 15.73 -23.36
CA LEU K 88 -7.92 17.07 -23.10
C LEU K 88 -6.80 17.97 -22.62
N ARG K 89 -5.58 17.43 -22.57
CA ARG K 89 -4.44 18.13 -22.02
C ARG K 89 -3.16 17.81 -22.81
N SER K 90 -2.20 17.14 -22.17
CA SER K 90 -0.89 16.89 -22.78
C SER K 90 -0.94 16.00 -24.03
N GLN K 91 -1.94 15.13 -24.14
CA GLN K 91 -2.02 14.22 -25.27
C GLN K 91 -3.01 14.66 -26.34
N TRP K 92 -3.37 15.95 -26.31
CA TRP K 92 -4.26 16.52 -27.32
C TRP K 92 -3.66 16.39 -28.72
N SER K 93 -4.54 16.16 -29.69
CA SER K 93 -4.17 16.23 -31.11
C SER K 93 -5.21 17.05 -31.86
N PRO K 94 -4.77 17.91 -32.79
CA PRO K 94 -5.66 18.80 -33.55
C PRO K 94 -6.60 18.06 -34.48
N ALA K 95 -6.31 16.79 -34.76
CA ALA K 95 -7.14 15.98 -35.65
C ALA K 95 -8.44 15.56 -35.00
N LEU K 96 -8.46 15.54 -33.66
CA LEU K 96 -9.64 15.12 -32.90
C LEU K 96 -10.78 16.11 -33.01
N THR K 97 -11.89 15.67 -33.58
CA THR K 97 -13.10 16.48 -33.65
C THR K 97 -13.91 16.31 -32.37
N ILE K 98 -14.88 17.18 -32.16
CA ILE K 98 -15.64 17.18 -30.92
C ILE K 98 -16.42 15.88 -30.67
N SER K 99 -16.84 15.20 -31.73
CA SER K 99 -17.55 13.94 -31.57
C SER K 99 -16.58 12.81 -31.25
N LYS K 100 -15.37 12.89 -31.78
CA LYS K 100 -14.33 11.93 -31.42
C LYS K 100 -13.89 12.14 -29.97
N VAL K 101 -13.95 13.38 -29.49
CA VAL K 101 -13.63 13.67 -28.11
C VAL K 101 -14.72 13.14 -27.17
N LEU K 102 -15.98 13.31 -27.57
CA LEU K 102 -17.09 12.83 -26.75
C LEU K 102 -17.15 11.31 -26.68
N LEU K 103 -16.93 10.65 -27.82
CA LEU K 103 -16.88 9.20 -27.87
C LEU K 103 -15.70 8.68 -27.05
N SER K 104 -14.62 9.45 -27.02
CA SER K 104 -13.45 9.12 -26.21
C SER K 104 -13.80 9.17 -24.74
N ILE K 105 -14.51 10.23 -24.35
CA ILE K 105 -14.93 10.41 -22.97
C ILE K 105 -15.90 9.29 -22.57
N CYS K 106 -16.78 8.92 -23.50
CA CYS K 106 -17.73 7.84 -23.24
C CYS K 106 -16.99 6.54 -22.92
N SER K 107 -15.99 6.22 -23.72
CA SER K 107 -15.19 5.01 -23.51
C SER K 107 -14.36 5.09 -22.24
N LEU K 108 -14.19 6.29 -21.70
CA LEU K 108 -13.51 6.45 -20.43
C LEU K 108 -14.36 5.93 -19.27
N LEU K 109 -15.68 6.02 -19.41
CA LEU K 109 -16.60 5.66 -18.33
C LEU K 109 -16.42 4.23 -17.83
N CYS K 110 -16.18 3.29 -18.74
CA CYS K 110 -15.95 1.90 -18.34
C CYS K 110 -14.47 1.50 -18.39
N ASP K 111 -13.61 2.49 -18.64
CA ASP K 111 -12.18 2.26 -18.66
C ASP K 111 -11.47 3.31 -17.82
N PRO K 112 -11.74 3.32 -16.50
CA PRO K 112 -11.14 4.37 -15.67
C PRO K 112 -9.69 4.06 -15.33
N ASN K 113 -8.96 5.09 -14.88
CA ASN K 113 -7.63 4.91 -14.33
C ASN K 113 -7.68 5.21 -12.84
N PRO K 114 -7.78 4.16 -12.01
CA PRO K 114 -7.86 4.36 -10.56
C PRO K 114 -6.50 4.57 -9.91
N ASP K 115 -5.43 4.20 -10.62
CA ASP K 115 -4.08 4.32 -10.08
C ASP K 115 -3.56 5.75 -10.15
N ASP K 116 -4.27 6.58 -10.89
CA ASP K 116 -3.98 8.00 -10.95
C ASP K 116 -5.30 8.75 -11.08
N PRO K 117 -6.05 8.83 -9.97
CA PRO K 117 -7.43 9.32 -10.05
C PRO K 117 -7.56 10.81 -9.77
N LEU K 118 -8.70 11.37 -10.17
CA LEU K 118 -9.06 12.73 -9.82
C LEU K 118 -9.83 12.71 -8.50
N VAL K 119 -10.55 11.62 -8.26
CA VAL K 119 -11.30 11.44 -7.00
C VAL K 119 -10.81 10.18 -6.27
N PRO K 120 -9.90 10.36 -5.29
CA PRO K 120 -9.27 9.28 -4.53
C PRO K 120 -10.25 8.33 -3.84
N GLU K 121 -11.31 8.88 -3.25
CA GLU K 121 -12.30 8.06 -2.55
C GLU K 121 -12.96 7.05 -3.49
N ILE K 122 -13.37 7.51 -4.67
CA ILE K 122 -14.03 6.65 -5.63
C ILE K 122 -13.06 5.61 -6.21
N ALA K 123 -11.80 6.00 -6.37
CA ALA K 123 -10.78 5.09 -6.91
C ALA K 123 -10.54 3.90 -6.00
N ARG K 124 -10.44 4.18 -4.70
CA ARG K 124 -10.23 3.12 -3.72
C ARG K 124 -11.38 2.12 -3.74
N ILE K 125 -12.60 2.64 -3.80
CA ILE K 125 -13.79 1.79 -3.85
C ILE K 125 -13.79 0.96 -5.12
N TYR K 126 -13.37 1.56 -6.23
CA TYR K 126 -13.29 0.85 -7.49
C TYR K 126 -12.36 -0.35 -7.41
N LYS K 127 -11.27 -0.20 -6.67
CA LYS K 127 -10.25 -1.26 -6.58
C LYS K 127 -10.57 -2.33 -5.54
N THR K 128 -11.25 -1.96 -4.46
CA THR K 128 -11.46 -2.89 -3.35
C THR K 128 -12.80 -3.63 -3.37
N ASP K 129 -13.86 -2.95 -3.79
CA ASP K 129 -15.20 -3.52 -3.76
C ASP K 129 -16.00 -3.08 -5.00
N ARG K 130 -15.78 -3.76 -6.12
CA ARG K 130 -16.38 -3.39 -7.40
C ARG K 130 -17.91 -3.40 -7.39
N GLU K 131 -18.50 -4.32 -6.63
CA GLU K 131 -19.95 -4.42 -6.56
C GLU K 131 -20.54 -3.20 -5.88
N LYS K 132 -19.80 -2.62 -4.92
CA LYS K 132 -20.22 -1.40 -4.26
C LYS K 132 -20.13 -0.23 -5.24
N TYR K 133 -18.98 -0.08 -5.88
CA TYR K 133 -18.77 0.95 -6.90
C TYR K 133 -19.88 0.95 -7.95
N ASN K 134 -20.11 -0.22 -8.52
CA ASN K 134 -21.17 -0.42 -9.51
C ASN K 134 -22.55 -0.06 -8.96
N ARG K 135 -22.78 -0.44 -7.71
CA ARG K 135 -24.02 -0.09 -7.02
C ARG K 135 -24.20 1.43 -6.91
N ILE K 136 -23.16 2.12 -6.44
CA ILE K 136 -23.23 3.57 -6.27
C ILE K 136 -23.33 4.28 -7.62
N ALA K 137 -22.56 3.81 -8.59
CA ALA K 137 -22.62 4.37 -9.93
C ALA K 137 -24.01 4.20 -10.55
N ARG K 138 -24.65 3.05 -10.29
CA ARG K 138 -26.02 2.81 -10.74
C ARG K 138 -27.00 3.76 -10.07
N GLU K 139 -26.80 3.98 -8.77
CA GLU K 139 -27.69 4.83 -8.00
C GLU K 139 -27.60 6.28 -8.49
N TRP K 140 -26.38 6.76 -8.70
CA TRP K 140 -26.17 8.12 -9.17
C TRP K 140 -26.77 8.31 -10.56
N THR K 141 -26.52 7.34 -11.43
CA THR K 141 -27.07 7.35 -12.79
C THR K 141 -28.58 7.52 -12.75
N GLN K 142 -29.24 6.70 -11.93
CA GLN K 142 -30.69 6.75 -11.79
C GLN K 142 -31.18 8.07 -11.19
N LYS K 143 -30.48 8.55 -10.19
CA LYS K 143 -30.89 9.76 -9.48
C LYS K 143 -30.61 11.06 -10.26
N TYR K 144 -29.55 11.08 -11.05
CA TYR K 144 -29.13 12.33 -11.69
C TYR K 144 -29.19 12.35 -13.21
N ALA K 145 -29.07 11.18 -13.83
CA ALA K 145 -28.93 11.14 -15.29
C ALA K 145 -30.13 10.54 -16.02
N MET K 146 -31.30 10.61 -15.40
CA MET K 146 -32.52 10.06 -16.02
C MET K 146 -33.55 11.15 -16.31
N SER L 5 -16.64 -15.65 -42.52
CA SER L 5 -15.90 -14.50 -43.01
C SER L 5 -16.86 -13.43 -43.54
N MET L 6 -16.63 -12.19 -43.13
CA MET L 6 -17.59 -11.12 -43.38
C MET L 6 -16.94 -9.75 -43.42
N GLN L 7 -17.73 -8.73 -43.74
CA GLN L 7 -17.25 -7.36 -43.76
C GLN L 7 -17.70 -6.58 -42.52
N ILE L 8 -16.84 -5.68 -42.05
CA ILE L 8 -17.20 -4.71 -41.03
C ILE L 8 -16.70 -3.34 -41.46
N PHE L 9 -17.17 -2.29 -40.80
CA PHE L 9 -16.75 -0.94 -41.15
C PHE L 9 -16.04 -0.28 -39.98
N VAL L 10 -15.05 0.54 -40.30
CA VAL L 10 -14.36 1.32 -39.30
C VAL L 10 -14.47 2.80 -39.67
N LYS L 11 -14.91 3.61 -38.71
CA LYS L 11 -14.91 5.04 -38.91
C LYS L 11 -13.59 5.63 -38.44
N THR L 12 -12.75 6.04 -39.40
CA THR L 12 -11.42 6.54 -39.08
C THR L 12 -11.47 7.89 -38.40
N LEU L 13 -10.29 8.43 -38.10
CA LEU L 13 -10.17 9.66 -37.32
C LEU L 13 -10.82 10.85 -38.00
N THR L 14 -10.65 10.95 -39.32
CA THR L 14 -11.18 12.09 -40.08
C THR L 14 -12.63 11.86 -40.48
N GLY L 15 -13.19 10.72 -40.11
CA GLY L 15 -14.59 10.43 -40.40
C GLY L 15 -14.80 9.57 -41.63
N LYS L 16 -13.71 9.12 -42.25
CA LYS L 16 -13.81 8.21 -43.39
C LYS L 16 -14.40 6.89 -42.93
N THR L 17 -15.22 6.27 -43.78
CA THR L 17 -15.71 4.93 -43.51
C THR L 17 -14.98 3.96 -44.44
N ILE L 18 -14.12 3.11 -43.87
CA ILE L 18 -13.41 2.10 -44.64
C ILE L 18 -14.01 0.73 -44.36
N THR L 19 -13.80 -0.21 -45.28
CA THR L 19 -14.37 -1.54 -45.16
C THR L 19 -13.30 -2.59 -44.91
N LEU L 20 -13.54 -3.47 -43.93
CA LEU L 20 -12.59 -4.54 -43.60
C LEU L 20 -13.21 -5.91 -43.81
N GLU L 21 -12.40 -6.84 -44.32
CA GLU L 21 -12.82 -8.24 -44.42
C GLU L 21 -12.27 -9.01 -43.23
N VAL L 22 -13.15 -9.54 -42.39
CA VAL L 22 -12.74 -10.20 -41.16
C VAL L 22 -13.50 -11.48 -40.87
N GLU L 23 -13.01 -12.24 -39.90
CA GLU L 23 -13.69 -13.42 -39.40
C GLU L 23 -14.11 -13.16 -37.95
N PRO L 24 -15.23 -13.72 -37.52
CA PRO L 24 -15.71 -13.57 -36.14
C PRO L 24 -14.64 -13.93 -35.11
N SER L 25 -13.74 -14.83 -35.47
CA SER L 25 -12.69 -15.28 -34.56
C SER L 25 -11.41 -14.45 -34.69
N ASP L 26 -11.48 -13.36 -35.45
CA ASP L 26 -10.36 -12.42 -35.52
C ASP L 26 -10.21 -11.67 -34.20
N THR L 27 -8.98 -11.57 -33.71
CA THR L 27 -8.70 -10.81 -32.51
C THR L 27 -8.74 -9.32 -32.82
N ILE L 28 -8.87 -8.51 -31.78
CA ILE L 28 -8.86 -7.06 -31.93
C ILE L 28 -7.50 -6.61 -32.45
N GLU L 29 -6.46 -7.33 -32.04
CA GLU L 29 -5.09 -7.05 -32.50
C GLU L 29 -4.98 -7.18 -34.03
N ASN L 30 -5.65 -8.18 -34.59
CA ASN L 30 -5.65 -8.41 -36.02
C ASN L 30 -6.37 -7.29 -36.75
N VAL L 31 -7.56 -6.95 -36.28
CA VAL L 31 -8.33 -5.85 -36.86
C VAL L 31 -7.50 -4.57 -36.89
N LYS L 32 -6.77 -4.30 -35.81
CA LYS L 32 -5.91 -3.13 -35.74
C LYS L 32 -4.74 -3.22 -36.73
N ALA L 33 -4.28 -4.43 -36.97
CA ALA L 33 -3.20 -4.67 -37.94
C ALA L 33 -3.69 -4.41 -39.35
N LYS L 34 -4.97 -4.69 -39.58
CA LYS L 34 -5.61 -4.47 -40.86
C LYS L 34 -5.89 -2.98 -41.06
N ILE L 35 -6.22 -2.29 -39.97
CA ILE L 35 -6.42 -0.83 -40.01
C ILE L 35 -5.09 -0.12 -40.32
N GLN L 36 -4.00 -0.66 -39.77
CA GLN L 36 -2.67 -0.09 -40.00
C GLN L 36 -2.26 -0.15 -41.48
N ASP L 37 -2.66 -1.23 -42.16
CA ASP L 37 -2.31 -1.43 -43.57
C ASP L 37 -3.03 -0.43 -44.49
N LYS L 38 -4.24 -0.06 -44.11
CA LYS L 38 -5.06 0.83 -44.93
C LYS L 38 -4.97 2.30 -44.53
N GLU L 39 -4.50 2.56 -43.31
CA GLU L 39 -4.53 3.90 -42.74
C GLU L 39 -3.20 4.41 -42.19
N GLY L 40 -2.23 3.51 -42.01
CA GLY L 40 -0.92 3.92 -41.53
C GLY L 40 -0.87 4.39 -40.09
N ILE L 41 -1.83 3.94 -39.28
CA ILE L 41 -1.82 4.22 -37.85
C ILE L 41 -1.40 2.99 -37.08
N PRO L 42 -0.37 3.11 -36.24
CA PRO L 42 0.12 1.97 -35.46
C PRO L 42 -0.95 1.43 -34.51
N PRO L 43 -0.98 0.11 -34.30
CA PRO L 43 -1.94 -0.53 -33.39
C PRO L 43 -1.94 0.08 -31.99
N ASP L 44 -0.78 0.48 -31.47
CA ASP L 44 -0.71 1.02 -30.12
C ASP L 44 -1.32 2.42 -30.00
N GLN L 45 -1.54 3.06 -31.13
CA GLN L 45 -2.18 4.39 -31.13
C GLN L 45 -3.66 4.31 -31.44
N GLN L 46 -4.15 3.10 -31.72
CA GLN L 46 -5.54 2.89 -32.07
C GLN L 46 -6.41 2.57 -30.86
N ARG L 47 -7.53 3.27 -30.73
CA ARG L 47 -8.54 2.92 -29.75
C ARG L 47 -9.85 2.69 -30.48
N LEU L 48 -10.30 1.45 -30.51
CA LEU L 48 -11.52 1.08 -31.21
C LEU L 48 -12.68 1.06 -30.23
N ILE L 49 -13.79 1.67 -30.63
CA ILE L 49 -14.95 1.80 -29.75
C ILE L 49 -16.18 1.20 -30.41
N PHE L 50 -16.93 0.41 -29.64
CA PHE L 50 -18.19 -0.14 -30.11
C PHE L 50 -19.20 -0.08 -28.99
N ALA L 51 -20.35 0.52 -29.28
CA ALA L 51 -21.41 0.69 -28.29
C ALA L 51 -20.92 1.44 -27.06
N GLY L 52 -19.95 2.33 -27.24
CA GLY L 52 -19.50 3.21 -26.18
C GLY L 52 -18.37 2.65 -25.35
N LYS L 53 -17.87 1.48 -25.75
CA LYS L 53 -16.81 0.81 -25.00
C LYS L 53 -15.58 0.55 -25.87
N GLN L 54 -14.40 0.61 -25.25
CA GLN L 54 -13.16 0.27 -25.92
C GLN L 54 -13.09 -1.23 -26.15
N LEU L 55 -12.45 -1.62 -27.25
CA LEU L 55 -12.24 -3.03 -27.54
C LEU L 55 -10.81 -3.42 -27.16
N GLU L 56 -10.68 -4.40 -26.27
CA GLU L 56 -9.36 -4.79 -25.76
C GLU L 56 -8.66 -5.82 -26.65
N ASP L 57 -7.34 -5.71 -26.75
CA ASP L 57 -6.54 -6.48 -27.69
C ASP L 57 -6.71 -8.00 -27.64
N GLY L 58 -6.77 -8.54 -26.43
CA GLY L 58 -6.79 -9.99 -26.25
C GLY L 58 -8.03 -10.69 -26.76
N ARG L 59 -9.16 -9.97 -26.77
CA ARG L 59 -10.44 -10.57 -27.13
C ARG L 59 -10.69 -10.61 -28.64
N THR L 60 -11.76 -11.30 -29.04
CA THR L 60 -12.11 -11.41 -30.45
C THR L 60 -13.37 -10.61 -30.76
N LEU L 61 -13.74 -10.56 -32.04
CA LEU L 61 -14.95 -9.86 -32.45
C LEU L 61 -16.21 -10.54 -31.90
N SER L 62 -16.19 -11.87 -31.89
CA SER L 62 -17.31 -12.65 -31.37
C SER L 62 -17.55 -12.37 -29.89
N ASP L 63 -16.47 -12.12 -29.15
CA ASP L 63 -16.56 -11.80 -27.73
C ASP L 63 -17.33 -10.50 -27.50
N TYR L 64 -17.33 -9.65 -28.51
CA TYR L 64 -17.99 -8.34 -28.40
C TYR L 64 -19.31 -8.28 -29.17
N ASN L 65 -19.74 -9.41 -29.72
CA ASN L 65 -20.96 -9.48 -30.51
C ASN L 65 -20.87 -8.63 -31.78
N ILE L 66 -19.65 -8.47 -32.29
CA ILE L 66 -19.43 -7.76 -33.54
C ILE L 66 -19.76 -8.67 -34.71
N GLN L 67 -20.83 -8.35 -35.43
CA GLN L 67 -21.26 -9.18 -36.55
C GLN L 67 -21.17 -8.44 -37.88
N LYS L 68 -21.80 -9.00 -38.91
CA LYS L 68 -21.77 -8.43 -40.24
C LYS L 68 -22.30 -6.99 -40.29
N GLU L 69 -21.59 -6.14 -41.04
CA GLU L 69 -21.96 -4.74 -41.21
C GLU L 69 -21.92 -3.90 -39.91
N SER L 70 -21.29 -4.42 -38.86
CA SER L 70 -21.11 -3.63 -37.65
C SER L 70 -20.08 -2.54 -37.94
N THR L 71 -20.24 -1.40 -37.27
CA THR L 71 -19.30 -0.30 -37.46
C THR L 71 -18.47 -0.07 -36.20
N LEU L 72 -17.15 -0.06 -36.34
CA LEU L 72 -16.26 0.28 -35.25
C LEU L 72 -15.83 1.73 -35.38
N HIS L 73 -15.57 2.37 -34.24
CA HIS L 73 -15.19 3.77 -34.24
C HIS L 73 -13.78 3.93 -33.71
N LEU L 74 -12.91 4.54 -34.52
CA LEU L 74 -11.52 4.70 -34.16
C LEU L 74 -11.22 6.09 -33.62
N VAL L 75 -10.68 6.15 -32.41
CA VAL L 75 -10.15 7.39 -31.86
C VAL L 75 -8.69 7.14 -31.50
N LEU L 76 -8.03 8.13 -30.90
CA LEU L 76 -6.63 7.98 -30.52
C LEU L 76 -6.48 7.38 -29.13
N ARG L 77 -5.35 6.72 -28.89
CA ARG L 77 -5.01 6.18 -27.58
C ARG L 77 -5.18 7.24 -26.51
N LEU L 78 -5.83 6.86 -25.41
CA LEU L 78 -6.07 7.79 -24.31
C LEU L 78 -5.88 7.09 -22.98
N ARG L 79 -5.86 7.86 -21.92
CA ARG L 79 -5.76 7.32 -20.58
C ARG L 79 -6.35 8.28 -19.56
N GLY L 80 -7.26 7.79 -18.74
CA GLY L 80 -7.79 8.58 -17.65
C GLY L 80 -6.67 8.97 -16.70
N GLY L 81 -6.90 10.01 -15.91
CA GLY L 81 -5.87 10.48 -14.99
C GLY L 81 -6.42 11.38 -13.91
N GLN M 5 36.92 -7.57 26.43
CA GLN M 5 37.64 -6.42 26.96
C GLN M 5 37.55 -5.21 26.02
N ALA M 6 37.66 -5.47 24.72
CA ALA M 6 37.60 -4.40 23.72
C ALA M 6 36.20 -3.83 23.57
N ALA M 7 36.12 -2.55 23.22
CA ALA M 7 34.84 -1.86 23.06
C ALA M 7 34.05 -2.45 21.90
N ALA M 8 32.75 -2.67 22.12
CA ALA M 8 31.90 -3.27 21.10
C ALA M 8 31.32 -2.24 20.14
N ASP M 9 32.19 -1.61 19.36
CA ASP M 9 31.75 -0.67 18.33
C ASP M 9 31.09 -1.39 17.15
N ARG M 10 30.75 -0.64 16.11
CA ARG M 10 30.03 -1.22 14.98
C ARG M 10 30.90 -2.17 14.17
N ARG M 11 32.16 -1.81 13.95
CA ARG M 11 33.08 -2.64 13.18
C ARG M 11 33.31 -3.98 13.87
N THR M 12 33.32 -3.96 15.19
CA THR M 12 33.53 -5.17 15.99
C THR M 12 32.34 -6.10 15.92
N VAL M 13 31.13 -5.52 16.04
CA VAL M 13 29.90 -6.28 15.94
C VAL M 13 29.75 -6.88 14.54
N GLU M 14 30.08 -6.07 13.53
CA GLU M 14 29.97 -6.53 12.16
C GLU M 14 30.99 -7.62 11.81
N LYS M 15 32.16 -7.57 12.43
CA LYS M 15 33.14 -8.63 12.22
C LYS M 15 32.59 -9.93 12.79
N THR M 16 31.84 -9.81 13.87
CA THR M 16 31.20 -10.94 14.52
C THR M 16 30.17 -11.60 13.60
N TRP M 17 29.46 -10.79 12.81
CA TRP M 17 28.50 -11.31 11.84
C TRP M 17 29.21 -12.13 10.77
N LYS M 18 30.34 -11.61 10.29
CA LYS M 18 31.13 -12.31 9.29
C LYS M 18 31.59 -13.68 9.80
N LEU M 19 32.10 -13.72 11.02
CA LEU M 19 32.56 -14.99 11.60
C LEU M 19 31.42 -15.98 11.78
N MET M 20 30.28 -15.48 12.27
CA MET M 20 29.09 -16.30 12.44
C MET M 20 28.59 -16.85 11.11
N ASP M 21 28.70 -16.05 10.06
CA ASP M 21 28.24 -16.47 8.76
C ASP M 21 29.11 -17.60 8.22
N LYS M 22 30.39 -17.56 8.56
CA LYS M 22 31.30 -18.64 8.16
C LYS M 22 30.95 -19.94 8.87
N VAL M 23 30.67 -19.85 10.17
CA VAL M 23 30.28 -21.03 10.94
C VAL M 23 29.01 -21.65 10.40
N VAL M 24 28.01 -20.81 10.11
CA VAL M 24 26.78 -21.27 9.48
C VAL M 24 27.09 -22.00 8.17
N ARG M 25 27.95 -21.39 7.36
CA ARG M 25 28.35 -21.96 6.08
C ARG M 25 28.98 -23.34 6.25
N LEU M 26 29.92 -23.45 7.18
CA LEU M 26 30.59 -24.71 7.46
C LEU M 26 29.61 -25.76 7.95
N CYS M 27 28.63 -25.32 8.74
CA CYS M 27 27.65 -26.24 9.30
C CYS M 27 26.56 -26.59 8.30
N GLN M 28 26.59 -25.95 7.14
CA GLN M 28 25.63 -26.26 6.08
C GLN M 28 26.21 -27.24 5.08
N ASN M 29 27.39 -27.77 5.42
CA ASN M 29 27.98 -28.87 4.68
C ASN M 29 27.05 -30.07 4.85
N PRO M 30 26.54 -30.61 3.73
CA PRO M 30 25.56 -31.70 3.81
C PRO M 30 26.10 -32.99 4.43
N LYS M 31 27.42 -33.14 4.52
CA LYS M 31 28.01 -34.34 5.10
C LYS M 31 27.79 -34.44 6.62
N LEU M 32 27.49 -33.31 7.24
CA LEU M 32 27.25 -33.27 8.68
C LEU M 32 25.96 -33.97 9.08
N GLN M 33 24.94 -33.84 8.25
CA GLN M 33 23.62 -34.41 8.51
C GLN M 33 23.10 -34.06 9.90
N LEU M 34 23.15 -32.77 10.23
CA LEU M 34 22.69 -32.28 11.52
C LEU M 34 21.20 -32.53 11.70
N LYS M 35 20.81 -32.88 12.91
CA LYS M 35 19.39 -33.03 13.24
C LYS M 35 18.75 -31.66 13.47
N ASN M 36 17.53 -31.49 12.97
CA ASN M 36 16.80 -30.26 13.20
C ASN M 36 16.04 -30.35 14.52
N SER M 37 16.80 -30.35 15.61
CA SER M 37 16.24 -30.37 16.96
C SER M 37 17.15 -29.52 17.85
N PRO M 38 16.57 -28.85 18.85
CA PRO M 38 17.35 -27.95 19.71
C PRO M 38 18.40 -28.68 20.54
N PRO M 39 19.61 -28.13 20.64
CA PRO M 39 20.06 -26.88 20.01
C PRO M 39 20.49 -27.08 18.56
N TYR M 40 19.91 -26.30 17.66
CA TYR M 40 20.17 -26.43 16.22
C TYR M 40 20.89 -25.20 15.71
N ILE M 41 22.19 -25.35 15.47
CA ILE M 41 23.08 -24.23 15.17
C ILE M 41 22.63 -23.44 13.94
N LEU M 42 21.94 -24.11 13.02
CA LEU M 42 21.45 -23.45 11.82
C LEU M 42 20.20 -22.60 12.09
N ASP M 43 19.68 -22.68 13.30
CA ASP M 43 18.64 -21.76 13.77
C ASP M 43 19.28 -20.69 14.64
N ILE M 44 20.11 -21.13 15.59
CA ILE M 44 20.67 -20.26 16.62
C ILE M 44 21.50 -19.10 16.08
N LEU M 45 22.40 -19.36 15.15
CA LEU M 45 23.28 -18.29 14.68
C LEU M 45 22.56 -17.25 13.79
N PRO M 46 21.73 -17.69 12.83
CA PRO M 46 20.90 -16.68 12.13
C PRO M 46 20.03 -15.87 13.09
N ASP M 47 19.48 -16.53 14.11
CA ASP M 47 18.69 -15.83 15.13
C ASP M 47 19.54 -14.89 15.99
N THR M 48 20.81 -15.24 16.21
CA THR M 48 21.71 -14.40 16.98
C THR M 48 22.04 -13.14 16.18
N TYR M 49 22.31 -13.32 14.89
CA TYR M 49 22.55 -12.22 14.00
C TYR M 49 21.36 -11.25 13.96
N GLN M 50 20.16 -11.82 13.84
CA GLN M 50 18.94 -11.02 13.83
C GLN M 50 18.78 -10.20 15.10
N HIS M 51 19.07 -10.78 16.25
CA HIS M 51 18.90 -10.05 17.49
C HIS M 51 19.95 -8.96 17.65
N LEU M 52 21.17 -9.24 17.20
CA LEU M 52 22.23 -8.23 17.22
C LEU M 52 21.87 -7.05 16.33
N ARG M 53 21.27 -7.33 15.17
CA ARG M 53 20.79 -6.28 14.27
C ARG M 53 19.68 -5.46 14.91
N LEU M 54 18.81 -6.15 15.66
CA LEU M 54 17.75 -5.47 16.39
C LEU M 54 18.35 -4.47 17.38
N ILE M 55 19.31 -4.94 18.17
CA ILE M 55 19.98 -4.09 19.16
C ILE M 55 20.63 -2.86 18.52
N LEU M 56 21.38 -3.07 17.44
CA LEU M 56 22.00 -1.95 16.74
C LEU M 56 20.95 -0.94 16.24
N SER M 57 19.79 -1.43 15.83
CA SER M 57 18.73 -0.55 15.34
C SER M 57 18.18 0.34 16.45
N LYS M 58 18.33 -0.11 17.70
CA LYS M 58 17.84 0.66 18.84
C LYS M 58 18.84 1.71 19.30
N TYR M 59 20.12 1.48 19.02
CA TYR M 59 21.17 2.40 19.41
C TYR M 59 21.69 3.14 18.17
N ASP M 60 20.87 4.06 17.67
CA ASP M 60 20.99 4.57 16.30
C ASP M 60 21.57 5.97 16.14
N ASP M 61 22.36 6.44 17.11
CA ASP M 61 23.16 7.65 16.91
C ASP M 61 24.53 7.51 17.54
N ASN M 62 25.42 8.47 17.30
CA ASN M 62 26.78 8.41 17.82
C ASN M 62 26.85 8.24 19.33
N GLN M 63 25.96 8.94 20.04
CA GLN M 63 25.94 8.88 21.49
C GLN M 63 25.46 7.52 21.99
N LYS M 64 24.35 7.03 21.45
CA LYS M 64 23.80 5.75 21.86
C LYS M 64 24.74 4.59 21.53
N LEU M 65 25.39 4.66 20.38
CA LEU M 65 26.32 3.63 19.96
C LEU M 65 27.53 3.57 20.90
N ALA M 66 28.02 4.74 21.30
CA ALA M 66 29.14 4.82 22.23
C ALA M 66 28.74 4.28 23.60
N GLN M 67 27.51 4.58 24.00
CA GLN M 67 26.94 4.09 25.25
C GLN M 67 26.87 2.57 25.23
N LEU M 68 26.39 2.03 24.10
CA LEU M 68 26.29 0.60 23.89
C LEU M 68 27.65 -0.08 23.92
N SER M 69 28.62 0.52 23.23
CA SER M 69 29.95 -0.08 23.10
C SER M 69 30.72 -0.16 24.42
N GLU M 70 30.20 0.51 25.45
CA GLU M 70 30.85 0.50 26.75
C GLU M 70 30.05 -0.24 27.79
N ASN M 71 28.87 -0.73 27.40
CA ASN M 71 28.06 -1.59 28.27
C ASN M 71 28.86 -2.83 28.63
N GLU M 72 29.05 -3.05 29.93
CA GLU M 72 29.92 -4.12 30.40
C GLU M 72 29.49 -5.50 29.90
N TYR M 73 28.19 -5.79 29.97
CA TYR M 73 27.67 -7.07 29.48
C TYR M 73 27.91 -7.24 27.99
N PHE M 74 27.60 -6.21 27.21
CA PHE M 74 27.61 -6.29 25.76
C PHE M 74 29.02 -6.49 25.21
N LYS M 75 30.00 -5.85 25.84
CA LYS M 75 31.40 -6.04 25.50
C LYS M 75 31.81 -7.49 25.69
N ILE M 76 31.41 -8.06 26.83
CA ILE M 76 31.75 -9.44 27.15
C ILE M 76 31.08 -10.40 26.18
N TYR M 77 29.83 -10.09 25.81
CA TYR M 77 29.06 -10.94 24.92
C TYR M 77 29.70 -11.02 23.53
N ILE M 78 29.97 -9.85 22.95
CA ILE M 78 30.54 -9.78 21.62
C ILE M 78 31.90 -10.48 21.57
N ASP M 79 32.71 -10.26 22.59
CA ASP M 79 34.03 -10.88 22.65
C ASP M 79 33.90 -12.40 22.82
N SER M 80 32.89 -12.84 23.55
CA SER M 80 32.67 -14.28 23.73
C SER M 80 32.20 -14.89 22.42
N LEU M 81 31.25 -14.21 21.79
CA LEU M 81 30.69 -14.64 20.51
C LEU M 81 31.78 -14.72 19.44
N MET M 82 32.75 -13.80 19.52
CA MET M 82 33.86 -13.82 18.58
C MET M 82 34.78 -15.01 18.87
N LYS M 83 35.09 -15.22 20.14
CA LYS M 83 35.95 -16.33 20.53
C LYS M 83 35.32 -17.68 20.21
N LYS M 84 34.04 -17.84 20.53
CA LYS M 84 33.34 -19.09 20.25
C LYS M 84 33.26 -19.35 18.75
N SER M 85 33.02 -18.29 17.97
CA SER M 85 32.92 -18.40 16.51
C SER M 85 34.23 -18.84 15.89
N LYS M 86 35.32 -18.23 16.33
CA LYS M 86 36.66 -18.59 15.86
C LYS M 86 37.01 -20.01 16.27
N ARG M 87 36.54 -20.41 17.45
CA ARG M 87 36.72 -21.77 17.94
C ARG M 87 36.04 -22.78 17.02
N ALA M 88 34.81 -22.48 16.62
CA ALA M 88 34.04 -23.37 15.74
C ALA M 88 34.70 -23.49 14.37
N ILE M 89 35.15 -22.35 13.84
CA ILE M 89 35.87 -22.32 12.58
C ILE M 89 37.15 -23.16 12.66
N ARG M 90 37.88 -23.02 13.76
CA ARG M 90 39.11 -23.78 13.95
C ARG M 90 38.82 -25.27 14.11
N LEU M 91 37.69 -25.58 14.74
CA LEU M 91 37.28 -26.97 14.94
C LEU M 91 37.17 -27.71 13.60
N PHE M 92 36.50 -27.08 12.64
CA PHE M 92 36.38 -27.65 11.30
C PHE M 92 37.72 -27.80 10.59
N LYS M 93 38.55 -26.76 10.65
CA LYS M 93 39.82 -26.75 9.93
C LYS M 93 40.76 -27.86 10.38
N GLU M 94 40.79 -28.11 11.69
CA GLU M 94 41.65 -29.15 12.25
C GLU M 94 40.92 -30.49 12.33
N GLY M 95 39.60 -30.44 12.34
CA GLY M 95 38.78 -31.63 12.43
C GLY M 95 38.84 -32.47 11.16
N LYS M 96 38.92 -31.78 10.01
CA LYS M 96 38.95 -32.43 8.71
C LYS M 96 37.71 -33.29 8.49
N GLU M 97 37.94 -34.52 8.08
CA GLU M 97 36.87 -35.45 7.76
C GLU M 97 36.24 -36.07 9.01
N ARG M 98 36.82 -35.78 10.17
CA ARG M 98 36.29 -36.29 11.44
C ARG M 98 35.02 -35.56 11.88
N MET M 99 34.75 -34.42 11.27
CA MET M 99 33.49 -33.72 11.53
C MET M 99 32.31 -34.50 10.96
N TYR M 100 32.60 -35.44 10.07
CA TYR M 100 31.54 -36.18 9.38
C TYR M 100 31.32 -37.53 10.06
N GLU M 101 32.14 -37.82 11.06
CA GLU M 101 31.94 -38.98 11.91
C GLU M 101 31.19 -38.48 13.14
N GLU M 102 29.95 -38.92 13.28
CA GLU M 102 29.05 -38.39 14.30
C GLU M 102 29.52 -38.70 15.73
N GLN M 103 30.40 -39.69 15.87
CA GLN M 103 30.84 -40.14 17.19
C GLN M 103 32.19 -39.53 17.63
N SER M 104 32.86 -38.85 16.71
CA SER M 104 34.16 -38.26 16.99
C SER M 104 34.09 -37.22 18.12
N GLN M 105 35.23 -36.93 18.73
CA GLN M 105 35.30 -35.88 19.74
C GLN M 105 35.05 -34.51 19.09
N ASP M 106 35.37 -34.41 17.81
CA ASP M 106 35.21 -33.16 17.07
C ASP M 106 33.74 -32.78 16.94
N ARG M 107 32.89 -33.77 16.65
CA ARG M 107 31.46 -33.52 16.56
C ARG M 107 30.88 -33.20 17.93
N ARG M 108 31.33 -33.94 18.94
CA ARG M 108 30.93 -33.67 20.32
C ARG M 108 31.25 -32.23 20.70
N ASN M 109 32.43 -31.76 20.30
CA ASN M 109 32.82 -30.38 20.55
C ASN M 109 31.93 -29.38 19.82
N LEU M 110 31.48 -29.76 18.63
CA LEU M 110 30.55 -28.92 17.87
C LEU M 110 29.21 -28.82 18.58
N THR M 111 28.75 -29.94 19.13
CA THR M 111 27.52 -29.99 19.90
C THR M 111 27.62 -29.15 21.16
N LYS M 112 28.77 -29.23 21.82
CA LYS M 112 29.02 -28.42 23.01
C LYS M 112 28.92 -26.94 22.68
N LEU M 113 29.51 -26.55 21.55
CA LEU M 113 29.44 -25.16 21.10
C LEU M 113 28.01 -24.75 20.75
N SER M 114 27.24 -25.69 20.19
CA SER M 114 25.85 -25.43 19.84
C SER M 114 25.00 -25.08 21.07
N LEU M 115 25.21 -25.82 22.16
CA LEU M 115 24.54 -25.54 23.43
C LEU M 115 24.94 -24.17 23.95
N ILE M 116 26.24 -23.89 23.96
CA ILE M 116 26.76 -22.59 24.38
C ILE M 116 26.09 -21.44 23.61
N PHE M 117 26.11 -21.53 22.29
CA PHE M 117 25.44 -20.55 21.43
C PHE M 117 23.95 -20.44 21.76
N SER M 118 23.32 -21.58 22.02
CA SER M 118 21.91 -21.60 22.41
C SER M 118 21.70 -20.83 23.71
N HIS M 119 22.53 -21.13 24.70
CA HIS M 119 22.46 -20.47 26.00
C HIS M 119 22.74 -18.97 25.88
N MET M 120 23.71 -18.61 25.03
CA MET M 120 24.04 -17.20 24.82
C MET M 120 22.89 -16.45 24.18
N LEU M 121 22.26 -17.06 23.18
CA LEU M 121 21.12 -16.44 22.50
C LEU M 121 19.99 -16.16 23.48
N ALA M 122 19.67 -17.16 24.30
CA ALA M 122 18.58 -17.02 25.27
C ALA M 122 18.92 -15.93 26.28
N GLU M 123 20.20 -15.87 26.67
CA GLU M 123 20.67 -14.87 27.61
C GLU M 123 20.55 -13.44 27.06
N ILE M 124 21.02 -13.20 25.83
CA ILE M 124 20.99 -11.86 25.27
C ILE M 124 19.56 -11.37 24.98
N LYS M 125 18.65 -12.30 24.72
CA LYS M 125 17.24 -11.96 24.56
C LYS M 125 16.63 -11.57 25.91
N ALA M 126 17.20 -12.09 27.00
CA ALA M 126 16.72 -11.77 28.33
C ALA M 126 17.31 -10.45 28.83
N ILE M 127 18.54 -10.17 28.43
CA ILE M 127 19.23 -8.95 28.85
C ILE M 127 18.89 -7.76 27.95
N PHE M 128 18.74 -8.02 26.66
CA PHE M 128 18.34 -7.01 25.70
C PHE M 128 16.99 -7.33 25.05
N PRO M 129 15.91 -7.40 25.86
CA PRO M 129 14.64 -7.74 25.22
C PRO M 129 14.21 -6.63 24.27
N ASN M 130 13.72 -7.01 23.09
CA ASN M 130 13.36 -6.05 22.06
C ASN M 130 14.54 -5.14 21.69
N GLY M 131 15.75 -5.67 21.81
CA GLY M 131 16.96 -4.97 21.41
C GLY M 131 17.40 -3.85 22.31
N GLN M 132 16.75 -3.73 23.47
CA GLN M 132 17.03 -2.62 24.39
C GLN M 132 17.51 -3.14 25.74
N PHE M 133 18.63 -2.62 26.22
CA PHE M 133 19.26 -3.12 27.45
C PHE M 133 18.34 -3.02 28.66
N GLN M 134 18.11 -4.16 29.32
CA GLN M 134 17.31 -4.19 30.54
C GLN M 134 18.00 -5.04 31.62
N GLY M 135 19.29 -5.29 31.43
CA GLY M 135 20.06 -6.13 32.34
C GLY M 135 19.92 -5.69 33.79
N ASP M 136 19.91 -4.37 34.00
CA ASP M 136 19.84 -3.81 35.35
C ASP M 136 18.44 -3.93 35.98
N ASN M 137 17.46 -4.40 35.21
CA ASN M 137 16.10 -4.57 35.71
C ASN M 137 15.69 -6.03 35.79
N PHE M 138 16.62 -6.94 35.52
CA PHE M 138 16.32 -8.37 35.52
C PHE M 138 15.79 -8.82 36.89
N ARG M 139 14.74 -9.62 36.88
CA ARG M 139 14.11 -10.06 38.12
C ARG M 139 14.41 -11.53 38.40
N ILE M 140 15.30 -11.78 39.37
CA ILE M 140 15.65 -13.12 39.78
C ILE M 140 14.46 -13.83 40.42
N THR M 141 14.30 -15.11 40.09
CA THR M 141 13.11 -15.87 40.49
C THR M 141 12.98 -16.09 42.00
N LYS M 142 13.94 -16.79 42.59
CA LYS M 142 13.85 -17.11 44.02
C LYS M 142 14.21 -15.91 44.89
N ALA M 143 13.35 -15.59 45.85
CA ALA M 143 13.53 -14.41 46.70
C ALA M 143 14.87 -14.36 47.44
N ASP M 144 15.25 -15.48 48.04
CA ASP M 144 16.50 -15.55 48.78
C ASP M 144 17.70 -15.35 47.86
N ALA M 145 17.62 -15.91 46.65
CA ALA M 145 18.69 -15.74 45.67
C ALA M 145 18.74 -14.31 45.14
N ALA M 146 17.57 -13.71 44.93
CA ALA M 146 17.49 -12.33 44.47
C ALA M 146 18.15 -11.39 45.45
N GLU M 147 17.94 -11.65 46.74
CA GLU M 147 18.48 -10.78 47.78
C GLU M 147 20.00 -10.88 47.86
N PHE M 148 20.52 -12.06 47.60
CA PHE M 148 21.96 -12.28 47.59
C PHE M 148 22.62 -11.45 46.48
N TRP M 149 22.07 -11.54 45.29
CA TRP M 149 22.62 -10.82 44.14
C TRP M 149 22.55 -9.32 44.39
N ARG M 150 21.42 -8.86 44.90
CA ARG M 150 21.25 -7.44 45.22
C ARG M 150 22.27 -6.97 46.26
N LYS M 151 22.49 -7.80 47.28
CA LYS M 151 23.38 -7.46 48.37
C LYS M 151 24.82 -7.25 47.92
N PHE M 152 25.33 -8.17 47.13
CA PHE M 152 26.72 -8.10 46.68
C PHE M 152 26.93 -7.36 45.35
N PHE M 153 25.93 -7.41 44.47
CA PHE M 153 26.15 -6.90 43.11
C PHE M 153 25.20 -5.79 42.66
N GLY M 154 24.31 -5.35 43.55
CA GLY M 154 23.36 -4.31 43.21
C GLY M 154 22.57 -4.65 41.97
N ASP M 155 22.59 -3.76 40.98
CA ASP M 155 21.90 -4.05 39.73
C ASP M 155 22.86 -4.38 38.57
N LYS M 156 24.05 -4.88 38.92
CA LYS M 156 24.97 -5.38 37.90
C LYS M 156 24.34 -6.53 37.14
N THR M 157 24.74 -6.69 35.89
CA THR M 157 24.19 -7.74 35.03
C THR M 157 25.15 -8.92 34.97
N ILE M 158 26.43 -8.64 35.15
CA ILE M 158 27.45 -9.67 34.94
C ILE M 158 28.70 -9.42 35.78
N VAL M 159 29.24 -10.47 36.37
CA VAL M 159 30.43 -10.37 37.21
C VAL M 159 31.46 -11.45 36.86
N PRO M 160 32.75 -11.14 37.01
CA PRO M 160 33.79 -12.14 36.78
C PRO M 160 33.63 -13.30 37.74
N TRP M 161 34.01 -14.51 37.32
CA TRP M 161 33.85 -15.68 38.17
C TRP M 161 34.54 -15.54 39.52
N LYS M 162 35.77 -15.06 39.52
CA LYS M 162 36.55 -14.91 40.75
C LYS M 162 35.83 -14.03 41.77
N VAL M 163 35.21 -12.96 41.29
CA VAL M 163 34.43 -12.08 42.15
C VAL M 163 33.16 -12.80 42.65
N PHE M 164 32.45 -13.46 41.74
CA PHE M 164 31.26 -14.23 42.11
C PHE M 164 31.57 -15.33 43.12
N ARG M 165 32.65 -16.06 42.88
CA ARG M 165 33.06 -17.16 43.76
CA ARG M 165 33.07 -17.15 43.76
C ARG M 165 33.30 -16.66 45.18
N GLN M 166 34.02 -15.54 45.30
CA GLN M 166 34.34 -14.99 46.61
C GLN M 166 33.09 -14.59 47.39
N CYS M 167 32.13 -13.99 46.70
CA CYS M 167 30.89 -13.58 47.35
C CYS M 167 29.99 -14.77 47.74
N LEU M 168 29.89 -15.74 46.84
CA LEU M 168 29.14 -16.96 47.14
C LEU M 168 29.77 -17.72 48.30
N HIS M 169 31.10 -17.69 48.35
CA HIS M 169 31.86 -18.37 49.41
C HIS M 169 31.47 -17.82 50.79
N GLU M 170 31.30 -16.51 50.87
CA GLU M 170 30.94 -15.85 52.12
C GLU M 170 29.58 -16.28 52.67
N VAL M 171 28.68 -16.69 51.79
CA VAL M 171 27.38 -17.20 52.22
C VAL M 171 27.37 -18.72 52.33
N HIS M 172 27.72 -19.39 51.23
CA HIS M 172 27.84 -20.83 51.20
C HIS M 172 29.30 -21.21 50.97
N GLN M 173 29.94 -21.69 52.03
CA GLN M 173 31.37 -21.99 52.01
C GLN M 173 31.72 -23.02 50.94
N ILE M 174 32.69 -22.67 50.10
CA ILE M 174 33.22 -23.59 49.10
C ILE M 174 34.45 -24.26 49.67
N SER M 175 34.54 -25.57 49.54
CA SER M 175 35.51 -26.36 50.32
C SER M 175 36.93 -26.48 49.74
N SER M 176 37.05 -26.26 48.44
CA SER M 176 38.34 -26.40 47.77
C SER M 176 38.33 -25.78 46.37
N GLY M 177 39.49 -25.78 45.75
CA GLY M 177 39.64 -25.36 44.36
C GLY M 177 38.96 -26.31 43.40
N LEU M 178 39.03 -27.61 43.70
CA LEU M 178 38.34 -28.65 42.94
C LEU M 178 36.86 -28.33 42.83
N GLU M 179 36.24 -28.15 43.99
CA GLU M 179 34.81 -27.90 44.05
C GLU M 179 34.44 -26.60 43.34
N ALA M 180 35.24 -25.55 43.56
CA ALA M 180 35.05 -24.28 42.88
C ALA M 180 35.00 -24.45 41.36
N MET M 181 35.94 -25.23 40.83
CA MET M 181 35.99 -25.46 39.39
C MET M 181 34.80 -26.28 38.89
N ALA M 182 34.43 -27.30 39.65
CA ALA M 182 33.25 -28.09 39.31
C ALA M 182 32.01 -27.21 39.36
N LEU M 183 31.97 -26.30 40.33
CA LEU M 183 30.83 -25.41 40.48
C LEU M 183 30.79 -24.40 39.33
N LYS M 184 31.96 -23.87 38.99
CA LYS M 184 32.07 -22.97 37.85
C LYS M 184 31.53 -23.66 36.59
N SER M 185 31.93 -24.93 36.39
CA SER M 185 31.50 -25.69 35.23
C SER M 185 29.98 -25.81 35.13
N THR M 186 29.31 -25.89 36.28
CA THR M 186 27.86 -26.02 36.30
C THR M 186 27.16 -24.70 36.01
N ILE M 187 27.59 -23.63 36.66
CA ILE M 187 26.87 -22.36 36.60
C ILE M 187 27.24 -21.50 35.38
N ASP M 188 28.46 -21.66 34.88
CA ASP M 188 28.92 -20.91 33.72
C ASP M 188 28.39 -21.56 32.45
N LEU M 189 27.11 -21.38 32.17
CA LEU M 189 26.48 -21.98 31.00
C LEU M 189 27.10 -21.50 29.69
N THR M 190 27.49 -20.23 29.66
CA THR M 190 28.01 -19.65 28.42
C THR M 190 29.52 -19.83 28.26
N CYS M 191 30.15 -20.43 29.27
CA CYS M 191 31.57 -20.77 29.22
C CYS M 191 32.48 -19.58 28.92
N ASN M 192 32.26 -18.46 29.59
CA ASN M 192 33.06 -17.27 29.32
C ASN M 192 33.75 -16.69 30.54
N ASP M 193 33.88 -17.50 31.60
CA ASP M 193 34.51 -17.09 32.85
C ASP M 193 33.80 -15.94 33.58
N TYR M 194 32.56 -15.68 33.20
CA TYR M 194 31.74 -14.65 33.84
C TYR M 194 30.41 -15.25 34.29
N ILE M 195 29.81 -14.67 35.32
CA ILE M 195 28.47 -15.10 35.72
C ILE M 195 27.46 -13.96 35.54
N SER M 196 26.50 -14.17 34.64
CA SER M 196 25.45 -13.20 34.43
C SER M 196 24.29 -13.45 35.39
N VAL M 197 23.47 -12.42 35.58
CA VAL M 197 22.31 -12.52 36.45
C VAL M 197 21.33 -13.57 35.89
N PHE M 198 21.38 -13.76 34.58
CA PHE M 198 20.58 -14.76 33.90
C PHE M 198 21.06 -16.17 34.25
N GLU M 199 22.37 -16.39 34.19
CA GLU M 199 22.95 -17.68 34.57
C GLU M 199 22.73 -17.97 36.05
N PHE M 200 22.83 -16.94 36.87
CA PHE M 200 22.55 -17.06 38.29
C PHE M 200 21.11 -17.48 38.53
N ASP M 201 20.19 -16.86 37.79
CA ASP M 201 18.77 -17.16 37.93
C ASP M 201 18.51 -18.62 37.58
N ILE M 202 19.15 -19.10 36.53
CA ILE M 202 18.98 -20.48 36.10
C ILE M 202 19.50 -21.47 37.16
N PHE M 203 20.72 -21.25 37.61
CA PHE M 203 21.34 -22.11 38.61
C PHE M 203 20.51 -22.19 39.88
N THR M 204 20.10 -21.04 40.40
CA THR M 204 19.33 -21.00 41.64
C THR M 204 17.93 -21.59 41.49
N ARG M 205 17.37 -21.57 40.28
CA ARG M 205 16.11 -22.26 40.01
C ARG M 205 16.30 -23.77 40.02
N LEU M 206 17.37 -24.23 39.38
CA LEU M 206 17.67 -25.66 39.26
C LEU M 206 18.02 -26.34 40.58
N PHE M 207 18.75 -25.63 41.44
CA PHE M 207 19.28 -26.23 42.67
C PHE M 207 18.68 -25.63 43.93
N GLN M 208 17.55 -24.95 43.78
CA GLN M 208 16.78 -24.46 44.92
C GLN M 208 16.50 -25.63 45.87
N PRO M 209 16.30 -25.34 47.17
CA PRO M 209 16.21 -24.04 47.82
C PRO M 209 17.58 -23.41 48.11
N TRP M 210 17.62 -22.09 48.09
CA TRP M 210 18.85 -21.31 48.26
C TRP M 210 19.60 -21.62 49.56
N GLY M 211 18.84 -21.87 50.63
CA GLY M 211 19.39 -22.10 51.94
C GLY M 211 20.42 -23.21 52.06
N SER M 212 20.33 -24.20 51.18
CA SER M 212 21.29 -25.31 51.21
C SER M 212 21.74 -25.64 49.79
N ILE M 213 21.87 -24.62 48.96
CA ILE M 213 22.10 -24.79 47.53
C ILE M 213 23.33 -25.60 47.13
N LEU M 214 24.47 -25.37 47.78
CA LEU M 214 25.68 -26.11 47.43
C LEU M 214 25.55 -27.57 47.86
N ARG M 215 24.81 -27.79 48.94
CA ARG M 215 24.51 -29.15 49.39
C ARG M 215 23.61 -29.84 48.36
N ASN M 216 22.63 -29.09 47.85
CA ASN M 216 21.73 -29.60 46.82
C ASN M 216 22.49 -29.94 45.53
N TRP M 217 23.40 -29.07 45.16
CA TRP M 217 24.19 -29.26 43.95
C TRP M 217 25.10 -30.49 44.06
N ASN M 218 25.68 -30.71 45.24
CA ASN M 218 26.48 -31.92 45.49
CA ASN M 218 26.48 -31.91 45.46
C ASN M 218 25.67 -33.20 45.35
N PHE M 219 24.47 -33.20 45.93
CA PHE M 219 23.59 -34.38 45.86
C PHE M 219 22.97 -34.65 44.49
N LEU M 220 22.70 -33.60 43.74
CA LEU M 220 22.01 -33.74 42.47
C LEU M 220 22.96 -33.79 41.27
N ALA M 221 24.14 -33.19 41.40
CA ALA M 221 25.05 -33.10 40.26
C ALA M 221 26.41 -33.74 40.49
N VAL M 222 27.07 -33.40 41.60
CA VAL M 222 28.41 -33.91 41.85
C VAL M 222 28.44 -35.41 42.11
N THR M 223 27.63 -35.89 43.06
CA THR M 223 27.69 -37.29 43.48
C THR M 223 26.59 -38.18 42.89
N HIS M 224 25.70 -37.59 42.10
CA HIS M 224 24.63 -38.37 41.48
C HIS M 224 25.01 -38.81 40.07
N PRO M 225 25.08 -40.13 39.85
CA PRO M 225 25.49 -40.76 38.59
C PRO M 225 24.52 -40.46 37.45
N GLY M 226 23.28 -40.11 37.77
CA GLY M 226 22.28 -39.81 36.76
C GLY M 226 22.46 -38.46 36.12
N TYR M 227 23.24 -37.59 36.75
CA TYR M 227 23.41 -36.22 36.25
C TYR M 227 24.33 -36.15 35.03
N MET M 228 23.86 -35.49 33.99
CA MET M 228 24.61 -35.35 32.76
C MET M 228 24.89 -33.88 32.48
N ALA M 229 26.16 -33.53 32.34
CA ALA M 229 26.54 -32.16 32.06
C ALA M 229 26.57 -31.90 30.56
N PHE M 230 25.94 -30.81 30.14
CA PHE M 230 25.97 -30.35 28.75
C PHE M 230 25.59 -31.42 27.72
N LEU M 231 24.53 -32.18 27.98
CA LEU M 231 24.01 -33.13 27.01
C LEU M 231 22.73 -32.59 26.37
N THR M 232 22.54 -32.90 25.10
CA THR M 232 21.34 -32.49 24.38
C THR M 232 20.28 -33.57 24.43
N TYR M 233 19.07 -33.21 24.00
CA TYR M 233 17.94 -34.13 23.93
C TYR M 233 18.32 -35.39 23.16
N ASP M 234 18.99 -35.19 22.03
CA ASP M 234 19.37 -36.31 21.18
C ASP M 234 20.47 -37.17 21.79
N GLU M 235 21.35 -36.54 22.57
CA GLU M 235 22.45 -37.28 23.21
C GLU M 235 21.93 -38.13 24.37
N VAL M 236 20.95 -37.62 25.09
CA VAL M 236 20.31 -38.38 26.16
C VAL M 236 19.63 -39.62 25.57
N LYS M 237 18.95 -39.43 24.44
CA LYS M 237 18.27 -40.54 23.77
C LYS M 237 19.27 -41.58 23.27
N ALA M 238 20.34 -41.12 22.62
CA ALA M 238 21.36 -42.04 22.10
C ALA M 238 22.06 -42.79 23.23
N ARG M 239 22.21 -42.13 24.37
CA ARG M 239 22.89 -42.72 25.52
C ARG M 239 22.03 -43.78 26.19
N LEU M 240 20.75 -43.47 26.40
CA LEU M 240 19.83 -44.41 27.03
C LEU M 240 19.53 -45.62 26.15
N GLN M 241 19.83 -45.48 24.85
CA GLN M 241 19.60 -46.56 23.90
C GLN M 241 20.37 -47.82 24.28
N LYS M 242 21.54 -47.62 24.87
CA LYS M 242 22.38 -48.74 25.31
C LYS M 242 21.71 -49.54 26.45
N TYR M 243 20.82 -48.88 27.17
CA TYR M 243 20.14 -49.50 28.32
C TYR M 243 18.69 -49.79 27.98
N SER M 244 18.38 -49.89 26.69
CA SER M 244 17.01 -50.15 26.22
C SER M 244 16.43 -51.44 26.81
N THR M 245 17.30 -52.40 27.11
CA THR M 245 16.86 -53.67 27.68
C THR M 245 16.80 -53.64 29.21
N LYS M 246 17.10 -52.49 29.79
CA LYS M 246 17.02 -52.33 31.25
C LYS M 246 16.06 -51.21 31.63
N PRO M 247 14.76 -51.52 31.69
CA PRO M 247 13.74 -50.55 32.09
C PRO M 247 14.03 -49.99 33.47
N GLY M 248 13.87 -48.68 33.64
CA GLY M 248 14.16 -48.04 34.91
C GLY M 248 15.46 -47.26 34.86
N SER M 249 16.23 -47.49 33.80
CA SER M 249 17.43 -46.70 33.55
C SER M 249 17.02 -45.25 33.30
N TYR M 250 17.72 -44.32 33.93
CA TYR M 250 17.39 -42.90 33.75
C TYR M 250 18.59 -41.98 33.89
N ILE M 251 18.51 -40.84 33.22
CA ILE M 251 19.48 -39.76 33.39
C ILE M 251 18.74 -38.42 33.35
N PHE M 252 19.36 -37.39 33.92
CA PHE M 252 18.75 -36.06 33.91
C PHE M 252 19.76 -34.99 33.56
N ARG M 253 19.27 -33.82 33.18
CA ARG M 253 20.08 -32.78 32.58
C ARG M 253 19.30 -31.48 32.54
N LEU M 254 20.00 -30.37 32.28
CA LEU M 254 19.34 -29.11 32.03
C LEU M 254 18.57 -29.18 30.72
N SER M 255 17.32 -28.72 30.74
CA SER M 255 16.57 -28.53 29.51
C SER M 255 17.18 -27.38 28.72
N CYS M 256 17.27 -27.56 27.41
CA CYS M 256 17.84 -26.56 26.53
C CYS M 256 16.83 -25.47 26.12
N THR M 257 15.57 -25.88 25.92
CA THR M 257 14.55 -24.95 25.45
C THR M 257 13.79 -24.27 26.59
N ARG M 258 13.88 -24.84 27.78
CA ARG M 258 13.22 -24.27 28.95
C ARG M 258 14.24 -24.08 30.06
N LEU M 259 15.06 -23.04 29.92
CA LEU M 259 16.18 -22.82 30.82
C LEU M 259 15.72 -22.55 32.24
N GLY M 260 16.34 -23.25 33.19
CA GLY M 260 15.92 -23.20 34.57
C GLY M 260 15.15 -24.46 34.95
N GLN M 261 14.92 -25.33 33.97
CA GLN M 261 14.14 -26.54 34.19
C GLN M 261 14.94 -27.80 33.94
N TRP M 262 14.57 -28.88 34.64
CA TRP M 262 15.22 -30.18 34.50
C TRP M 262 14.52 -31.05 33.46
N ALA M 263 15.32 -31.79 32.68
CA ALA M 263 14.77 -32.79 31.77
C ALA M 263 15.25 -34.18 32.16
N ILE M 264 14.31 -35.06 32.45
CA ILE M 264 14.62 -36.42 32.87
C ILE M 264 14.32 -37.40 31.75
N GLY M 265 15.33 -38.15 31.33
CA GLY M 265 15.14 -39.20 30.34
C GLY M 265 15.08 -40.56 31.02
N TYR M 266 14.25 -41.47 30.51
CA TYR M 266 14.13 -42.81 31.10
C TYR M 266 13.73 -43.91 30.11
N VAL M 267 14.02 -45.16 30.49
CA VAL M 267 13.63 -46.32 29.71
C VAL M 267 12.33 -46.91 30.25
N THR M 268 11.32 -46.98 29.39
CA THR M 268 10.03 -47.56 29.79
C THR M 268 10.11 -49.08 29.79
N GLY M 269 9.04 -49.71 30.27
CA GLY M 269 8.97 -51.17 30.33
C GLY M 269 8.98 -51.85 28.98
N ASP M 270 8.73 -51.09 27.92
CA ASP M 270 8.74 -51.64 26.57
C ASP M 270 10.06 -51.40 25.83
N GLY M 271 11.00 -50.74 26.50
CA GLY M 271 12.30 -50.49 25.92
C GLY M 271 12.41 -49.14 25.22
N ASN M 272 11.34 -48.35 25.29
CA ASN M 272 11.31 -47.06 24.63
C ASN M 272 11.89 -45.96 25.51
N ILE M 273 12.40 -44.90 24.87
CA ILE M 273 13.01 -43.78 25.58
C ILE M 273 12.08 -42.57 25.61
N LEU M 274 11.71 -42.14 26.81
CA LEU M 274 10.89 -40.95 26.98
C LEU M 274 11.61 -39.88 27.78
N GLN M 275 11.34 -38.62 27.47
CA GLN M 275 11.91 -37.52 28.23
C GLN M 275 10.81 -36.59 28.74
N THR M 276 10.95 -36.16 29.99
CA THR M 276 9.92 -35.35 30.64
C THR M 276 10.52 -34.16 31.40
N ILE M 277 9.70 -33.13 31.57
CA ILE M 277 10.07 -31.95 32.33
C ILE M 277 9.03 -31.68 33.43
N PRO M 278 9.47 -31.69 34.69
CA PRO M 278 8.61 -31.38 35.83
C PRO M 278 8.54 -29.87 36.04
N HIS M 279 7.62 -29.21 35.33
CA HIS M 279 7.56 -27.75 35.29
C HIS M 279 7.52 -27.08 36.66
N ASN M 280 8.65 -26.46 37.02
CA ASN M 280 8.79 -25.72 38.28
C ASN M 280 8.54 -26.54 39.55
N LYS M 281 8.77 -27.84 39.45
CA LYS M 281 8.67 -28.73 40.61
C LYS M 281 10.08 -29.17 41.00
N PRO M 282 10.32 -29.37 42.31
CA PRO M 282 11.65 -29.73 42.79
C PRO M 282 12.13 -31.04 42.19
N LEU M 283 13.37 -31.07 41.69
CA LEU M 283 13.95 -32.26 41.10
C LEU M 283 13.99 -33.39 42.13
N PHE M 284 14.19 -33.02 43.39
CA PHE M 284 14.24 -33.98 44.48
C PHE M 284 13.02 -34.90 44.52
N GLN M 285 11.84 -34.29 44.54
CA GLN M 285 10.59 -35.04 44.62
C GLN M 285 10.30 -35.88 43.39
N ALA M 286 10.66 -35.36 42.22
CA ALA M 286 10.47 -36.10 40.98
C ALA M 286 11.26 -37.42 40.99
N LEU M 287 12.49 -37.35 41.47
CA LEU M 287 13.34 -38.53 41.53
C LEU M 287 12.86 -39.52 42.59
N ILE M 288 12.47 -39.00 43.75
CA ILE M 288 11.97 -39.83 44.83
C ILE M 288 10.68 -40.54 44.42
N ASP M 289 9.72 -39.75 43.91
CA ASP M 289 8.44 -40.32 43.49
C ASP M 289 8.61 -41.30 42.34
N GLY M 290 9.50 -40.96 41.42
CA GLY M 290 9.75 -41.78 40.24
C GLY M 290 10.48 -43.06 40.57
N SER M 291 11.30 -43.01 41.62
CA SER M 291 11.98 -44.22 42.10
C SER M 291 10.97 -45.15 42.80
N ARG M 292 10.05 -44.55 43.55
CA ARG M 292 9.04 -45.31 44.30
C ARG M 292 8.08 -46.04 43.35
N GLU M 293 7.78 -45.42 42.21
CA GLU M 293 6.82 -45.99 41.27
C GLU M 293 7.49 -46.81 40.15
N GLY M 294 8.78 -47.08 40.32
CA GLY M 294 9.50 -47.98 39.42
C GLY M 294 9.94 -47.38 38.10
N PHE M 295 9.88 -46.06 37.97
CA PHE M 295 10.25 -45.41 36.73
C PHE M 295 11.73 -45.05 36.68
N TYR M 296 12.24 -44.47 37.76
CA TYR M 296 13.64 -44.07 37.82
C TYR M 296 14.40 -44.97 38.80
N LEU M 297 15.03 -46.01 38.29
CA LEU M 297 15.65 -47.03 39.14
C LEU M 297 17.16 -47.12 38.98
N TYR M 298 17.63 -46.90 37.76
CA TYR M 298 19.03 -47.14 37.46
C TYR M 298 19.71 -45.95 36.80
N PRO M 299 20.32 -45.07 37.61
CA PRO M 299 20.95 -43.84 37.12
C PRO M 299 22.12 -44.15 36.19
N ASP M 300 22.02 -43.70 34.94
CA ASP M 300 23.03 -44.00 33.91
C ASP M 300 23.23 -45.52 33.79
N GLY M 301 22.15 -46.27 33.99
CA GLY M 301 22.17 -47.72 33.86
C GLY M 301 22.85 -48.44 35.01
N ARG M 302 23.13 -47.72 36.10
CA ARG M 302 23.82 -48.31 37.25
C ARG M 302 22.83 -48.93 38.24
N SER M 303 23.24 -50.03 38.87
CA SER M 303 22.36 -50.77 39.78
C SER M 303 22.09 -50.03 41.08
N TYR M 304 23.05 -49.24 41.55
CA TYR M 304 22.83 -48.47 42.78
C TYR M 304 22.20 -47.12 42.52
N ASN M 305 21.02 -46.92 43.10
CA ASN M 305 20.28 -45.67 42.98
C ASN M 305 20.36 -44.88 44.29
N PRO M 306 20.88 -43.65 44.23
CA PRO M 306 20.98 -42.81 45.43
C PRO M 306 19.61 -42.57 46.09
N ASP M 307 19.58 -42.61 47.42
CA ASP M 307 18.40 -42.33 48.23
C ASP M 307 18.38 -40.84 48.55
N LEU M 308 17.43 -40.10 48.00
CA LEU M 308 17.36 -38.65 48.20
C LEU M 308 16.33 -38.26 49.25
N THR M 309 15.76 -39.26 49.92
CA THR M 309 14.72 -39.02 50.91
C THR M 309 15.19 -38.14 52.06
N GLY M 310 14.43 -37.08 52.32
CA GLY M 310 14.71 -36.19 53.42
C GLY M 310 15.82 -35.19 53.19
N LEU M 311 16.40 -35.17 51.99
CA LEU M 311 17.53 -34.29 51.70
C LEU M 311 17.11 -32.85 51.45
N CYS M 312 15.97 -32.67 50.78
CA CYS M 312 15.33 -31.36 50.77
C CYS M 312 14.40 -31.28 51.97
N GLU M 313 14.97 -31.00 53.14
CA GLU M 313 14.21 -30.86 54.38
C GLU M 313 13.13 -29.81 54.19
N PRO M 314 11.86 -30.22 54.37
CA PRO M 314 10.68 -29.36 54.14
C PRO M 314 10.85 -27.96 54.72
N THR M 315 10.56 -26.96 53.89
CA THR M 315 10.67 -25.57 54.34
C THR M 315 9.50 -25.20 55.22
N PRO M 316 9.74 -24.38 56.24
CA PRO M 316 8.62 -23.82 56.99
C PRO M 316 7.91 -22.78 56.13
N HIS M 317 6.59 -22.88 56.01
CA HIS M 317 5.84 -21.94 55.20
C HIS M 317 5.90 -20.53 55.78
N ASP M 318 6.30 -19.57 54.94
CA ASP M 318 6.32 -18.18 55.34
C ASP M 318 4.90 -17.66 55.47
N HIS M 319 4.60 -17.03 56.62
CA HIS M 319 3.27 -16.49 56.86
C HIS M 319 3.21 -15.00 56.56
N ILE M 320 2.10 -14.57 55.98
CA ILE M 320 1.86 -13.15 55.79
C ILE M 320 0.78 -12.71 56.78
N LYS M 321 1.00 -11.55 57.39
CA LYS M 321 0.05 -11.05 58.37
C LYS M 321 -0.93 -10.07 57.72
N VAL M 322 -2.20 -10.44 57.69
CA VAL M 322 -3.21 -9.49 57.27
C VAL M 322 -3.29 -8.41 58.35
N THR M 323 -2.92 -7.20 57.97
CA THR M 323 -2.89 -6.08 58.89
C THR M 323 -4.29 -5.56 59.17
N GLN M 324 -4.37 -4.48 59.94
CA GLN M 324 -5.63 -3.83 60.21
C GLN M 324 -6.07 -3.04 58.99
N GLU M 325 -5.10 -2.38 58.35
CA GLU M 325 -5.37 -1.57 57.17
C GLU M 325 -6.00 -2.38 56.05
N GLN M 326 -5.39 -3.53 55.74
CA GLN M 326 -5.91 -4.43 54.71
C GLN M 326 -7.28 -4.98 55.09
N PHE M 327 -7.44 -5.33 56.37
CA PHE M 327 -8.67 -5.95 56.84
C PHE M 327 -9.88 -5.04 56.59
N GLU M 328 -9.76 -3.78 56.99
CA GLU M 328 -10.84 -2.83 56.82
C GLU M 328 -11.06 -2.52 55.34
N LEU M 329 -9.96 -2.47 54.59
CA LEU M 329 -10.00 -2.18 53.17
C LEU M 329 -10.87 -3.20 52.42
N CYS M 331 -12.91 -5.34 53.81
CA CYS M 331 -14.20 -5.46 54.48
C CYS M 331 -15.19 -4.45 53.92
N GLU M 332 -14.69 -3.26 53.57
CA GLU M 332 -15.53 -2.22 52.98
C GLU M 332 -16.02 -2.65 51.60
N MET M 333 -15.29 -3.57 50.97
CA MET M 333 -15.68 -4.14 49.69
C MET M 333 -16.46 -5.44 49.90
N GLY M 334 -16.69 -5.79 51.16
CA GLY M 334 -17.42 -6.99 51.51
C GLY M 334 -16.67 -8.29 51.25
N SER M 335 -15.35 -8.24 51.34
CA SER M 335 -14.52 -9.43 51.12
C SER M 335 -13.38 -9.50 52.13
N THR M 336 -12.43 -10.39 51.88
CA THR M 336 -11.24 -10.50 52.72
C THR M 336 -9.98 -10.47 51.87
N PHE M 337 -8.85 -10.11 52.48
CA PHE M 337 -7.57 -10.12 51.79
C PHE M 337 -7.22 -11.54 51.39
N GLN M 338 -7.36 -12.45 52.36
CA GLN M 338 -6.91 -13.83 52.21
C GLN M 338 -7.60 -14.59 51.07
N LEU M 339 -8.79 -14.15 50.68
CA LEU M 339 -9.54 -14.81 49.62
C LEU M 339 -8.86 -14.72 48.26
N CYS M 340 -8.74 -15.86 47.57
CA CYS M 340 -8.23 -15.88 46.20
C CYS M 340 -9.19 -15.14 45.28
N LYS M 341 -8.67 -14.16 44.53
CA LYS M 341 -9.53 -13.30 43.73
C LYS M 341 -9.72 -13.82 42.30
N ILE M 342 -9.32 -15.06 42.05
CA ILE M 342 -9.66 -15.72 40.80
C ILE M 342 -10.94 -16.54 40.98
N CYS M 343 -10.94 -17.45 41.95
CA CYS M 343 -12.11 -18.30 42.20
C CYS M 343 -13.13 -17.68 43.15
N ALA M 344 -12.69 -16.75 43.99
CA ALA M 344 -13.52 -16.16 45.05
C ALA M 344 -14.05 -17.23 46.01
N GLU M 345 -13.33 -18.34 46.13
CA GLU M 345 -13.78 -19.46 46.94
C GLU M 345 -12.73 -19.87 47.97
N ASN M 346 -11.59 -20.35 47.47
CA ASN M 346 -10.50 -20.76 48.35
C ASN M 346 -9.62 -19.59 48.74
N ASP M 347 -8.73 -19.83 49.69
CA ASP M 347 -7.80 -18.81 50.13
C ASP M 347 -6.52 -18.84 49.32
N LYS M 348 -5.86 -17.68 49.24
CA LYS M 348 -4.54 -17.60 48.66
C LYS M 348 -3.63 -18.55 49.41
N ASP M 349 -2.88 -19.38 48.69
CA ASP M 349 -1.92 -20.29 49.31
C ASP M 349 -0.66 -20.47 48.48
N VAL M 350 -0.53 -19.69 47.42
CA VAL M 350 0.67 -19.73 46.58
C VAL M 350 1.12 -18.34 46.14
N LYS M 351 2.43 -18.13 46.10
CA LYS M 351 3.00 -16.88 45.63
C LYS M 351 3.75 -17.10 44.33
N ILE M 352 3.41 -16.32 43.32
CA ILE M 352 4.04 -16.42 42.02
C ILE M 352 5.36 -15.64 42.02
N GLU M 353 6.41 -16.25 41.47
CA GLU M 353 7.72 -15.61 41.37
C GLU M 353 8.07 -15.31 39.91
N PRO M 354 8.73 -14.18 39.66
CA PRO M 354 9.21 -13.21 40.67
C PRO M 354 8.20 -12.11 41.00
N CYS M 355 7.06 -12.05 40.32
CA CYS M 355 6.15 -10.93 40.45
C CYS M 355 5.57 -10.75 41.87
N GLY M 356 5.44 -11.84 42.61
CA GLY M 356 5.00 -11.77 43.99
C GLY M 356 3.50 -11.74 44.24
N HIS M 357 2.69 -11.88 43.19
CA HIS M 357 1.23 -11.88 43.35
C HIS M 357 0.70 -13.20 43.92
N LEU M 358 -0.46 -13.13 44.59
CA LEU M 358 -0.99 -14.26 45.35
C LEU M 358 -2.32 -14.80 44.81
N MET M 359 -2.52 -16.10 44.95
CA MET M 359 -3.76 -16.76 44.56
C MET M 359 -3.75 -18.16 45.17
N CYS M 360 -4.75 -18.97 44.86
CA CYS M 360 -4.77 -20.33 45.35
C CYS M 360 -4.13 -21.28 44.34
N THR M 361 -3.59 -22.39 44.83
CA THR M 361 -2.88 -23.35 43.99
C THR M 361 -3.82 -23.98 42.95
N SER M 362 -5.07 -24.17 43.33
CA SER M 362 -6.05 -24.76 42.44
C SER M 362 -6.29 -23.92 41.17
N CYS M 363 -6.33 -22.59 41.33
CA CYS M 363 -6.53 -21.70 40.18
C CYS M 363 -5.29 -21.62 39.30
N LEU M 364 -4.12 -21.57 39.94
CA LEU M 364 -2.86 -21.52 39.19
C LEU M 364 -2.75 -22.75 38.30
N THR M 365 -3.02 -23.91 38.88
CA THR M 365 -2.95 -25.16 38.12
C THR M 365 -3.92 -25.17 36.95
N ALA M 366 -5.19 -24.86 37.22
CA ALA M 366 -6.22 -24.85 36.19
C ALA M 366 -5.91 -23.83 35.09
N TRP M 367 -5.36 -22.68 35.49
CA TRP M 367 -4.98 -21.65 34.53
C TRP M 367 -3.88 -22.19 33.60
N GLN M 368 -2.80 -22.71 34.17
CA GLN M 368 -1.72 -23.25 33.36
C GLN M 368 -2.14 -24.48 32.54
N GLU M 369 -3.03 -25.31 33.10
CA GLU M 369 -3.51 -26.48 32.38
C GLU M 369 -4.45 -26.15 31.23
N SER M 370 -5.05 -24.95 31.25
CA SER M 370 -5.92 -24.51 30.17
C SER M 370 -5.11 -23.83 29.06
N ASP M 371 -3.79 -23.98 29.12
CA ASP M 371 -2.85 -23.36 28.17
C ASP M 371 -2.71 -21.84 28.37
N GLY M 372 -3.05 -21.38 29.56
CA GLY M 372 -2.90 -19.97 29.89
C GLY M 372 -1.48 -19.69 30.36
N GLN M 373 -0.99 -18.48 30.12
CA GLN M 373 0.38 -18.14 30.46
C GLN M 373 0.49 -16.85 31.27
N GLY M 374 1.50 -16.79 32.14
CA GLY M 374 1.80 -15.60 32.92
C GLY M 374 0.88 -15.42 34.11
N CYS M 375 1.31 -14.56 35.04
CA CYS M 375 0.48 -14.17 36.17
C CYS M 375 -0.83 -13.56 35.67
N PRO M 376 -1.97 -14.01 36.24
CA PRO M 376 -3.27 -13.43 35.87
C PRO M 376 -3.31 -11.93 36.10
N PHE M 377 -2.53 -11.45 37.05
CA PHE M 377 -2.63 -10.07 37.52
C PHE M 377 -1.67 -9.10 36.82
N CYS M 378 -0.52 -9.59 36.36
CA CYS M 378 0.42 -8.71 35.67
C CYS M 378 0.99 -9.27 34.37
N ARG M 379 0.64 -10.52 34.06
CA ARG M 379 1.10 -11.23 32.85
C ARG M 379 2.58 -11.61 32.83
N CYS M 380 3.29 -11.40 33.93
CA CYS M 380 4.71 -11.73 34.00
CA CYS M 380 4.71 -11.73 33.97
C CYS M 380 4.90 -13.24 33.97
N GLU M 381 5.99 -13.69 33.35
CA GLU M 381 6.31 -15.10 33.25
C GLU M 381 6.35 -15.74 34.63
N ILE M 382 5.64 -16.86 34.77
CA ILE M 382 5.68 -17.64 35.99
C ILE M 382 6.94 -18.51 35.98
N LYS M 383 8.00 -18.03 36.62
CA LYS M 383 9.29 -18.72 36.61
C LYS M 383 9.44 -19.65 37.81
N GLY M 384 8.63 -19.42 38.84
CA GLY M 384 8.67 -20.22 40.04
C GLY M 384 7.53 -19.88 40.98
N THR M 385 7.35 -20.70 42.01
CA THR M 385 6.28 -20.49 42.98
C THR M 385 6.78 -20.81 44.38
N GLU M 386 6.12 -20.25 45.38
CA GLU M 386 6.43 -20.56 46.76
C GLU M 386 5.12 -20.69 47.54
N PRO M 387 4.94 -21.82 48.26
CA PRO M 387 3.73 -22.04 49.05
C PRO M 387 3.66 -21.02 50.17
N ILE M 388 2.49 -20.47 50.44
CA ILE M 388 2.35 -19.52 51.54
C ILE M 388 1.11 -19.82 52.39
N ILE M 389 1.04 -19.17 53.54
CA ILE M 389 -0.15 -19.26 54.40
C ILE M 389 -0.58 -17.86 54.83
N VAL M 390 -1.79 -17.47 54.43
CA VAL M 390 -2.34 -16.19 54.85
C VAL M 390 -3.09 -16.37 56.16
N ASP M 391 -2.75 -15.56 57.16
CA ASP M 391 -3.45 -15.58 58.43
C ASP M 391 -4.39 -14.40 58.54
N PRO M 392 -5.69 -14.68 58.65
CA PRO M 392 -6.73 -13.65 58.76
C PRO M 392 -6.52 -12.72 59.94
N PHE M 393 -7.01 -11.48 59.82
CA PHE M 393 -6.97 -10.50 60.91
C PHE M 393 -8.01 -10.87 61.95
N ASP M 394 -8.90 -11.79 61.58
CA ASP M 394 -9.98 -12.26 62.45
C ASP M 394 -10.90 -11.12 62.87
N SER N 4 4.55 -31.26 20.51
CA SER N 4 5.52 -31.52 19.46
C SER N 4 6.88 -30.87 19.75
N ASP N 5 7.46 -31.22 20.89
CA ASP N 5 8.80 -30.76 21.23
C ASP N 5 9.62 -31.88 21.89
N GLY N 6 9.05 -33.07 21.92
CA GLY N 6 9.75 -34.25 22.39
C GLY N 6 9.58 -34.56 23.86
N THR N 8 7.24 -35.41 27.09
CA THR N 8 5.95 -36.01 27.44
C THR N 8 5.64 -35.82 28.93
N PRO N 9 4.36 -35.94 29.32
CA PRO N 9 3.98 -35.77 30.73
C PRO N 9 4.73 -36.73 31.65
N GLU N 10 4.93 -36.30 32.90
CA GLU N 10 5.61 -37.12 33.90
C GLU N 10 4.89 -38.45 34.14
N PRO N 11 5.66 -39.53 34.26
CA PRO N 11 5.08 -40.86 34.54
C PRO N 11 4.52 -40.92 35.95
N ALA N 12 3.33 -41.50 36.08
CA ALA N 12 2.67 -41.59 37.38
C ALA N 12 2.10 -42.99 37.62
N ALA O 1 -17.25 -21.87 39.05
CA ALA O 1 -17.52 -20.68 38.26
C ALA O 1 -18.61 -19.84 38.90
N LEU O 2 -19.56 -20.52 39.55
CA LEU O 2 -20.74 -19.86 40.11
C LEU O 2 -20.39 -18.91 41.25
N LYS O 3 -19.50 -19.33 42.14
CA LYS O 3 -19.04 -18.47 43.23
C LYS O 3 -18.39 -17.19 42.69
N ARG O 4 -17.58 -17.33 41.64
CA ARG O 4 -16.90 -16.20 41.02
C ARG O 4 -17.89 -15.23 40.39
N ILE O 5 -18.86 -15.76 39.63
CA ILE O 5 -19.85 -14.93 38.96
C ILE O 5 -20.75 -14.19 39.96
N HIS O 6 -21.20 -14.91 40.98
CA HIS O 6 -22.01 -14.30 42.05
C HIS O 6 -21.26 -13.17 42.75
N LYS O 7 -19.94 -13.32 42.94
CA LYS O 7 -19.19 -12.24 43.57
C LYS O 7 -19.14 -11.00 42.67
N GLU O 8 -18.94 -11.22 41.37
CA GLU O 8 -18.93 -10.13 40.40
C GLU O 8 -20.25 -9.34 40.43
N LEU O 9 -21.37 -10.07 40.40
CA LEU O 9 -22.69 -9.45 40.41
C LEU O 9 -22.94 -8.65 41.70
N ASN O 10 -22.55 -9.23 42.83
CA ASN O 10 -22.70 -8.53 44.11
C ASN O 10 -21.84 -7.28 44.17
N ASP O 11 -20.63 -7.37 43.61
CA ASP O 11 -19.73 -6.22 43.56
C ASP O 11 -20.28 -5.11 42.67
N LEU O 12 -20.95 -5.49 41.58
CA LEU O 12 -21.53 -4.50 40.68
C LEU O 12 -22.60 -3.67 41.39
N ALA O 13 -23.36 -4.30 42.29
CA ALA O 13 -24.42 -3.61 43.01
C ALA O 13 -23.85 -2.72 44.12
N ARG O 14 -22.82 -3.20 44.79
CA ARG O 14 -22.18 -2.45 45.86
C ARG O 14 -21.40 -1.23 45.34
N ASP O 15 -20.60 -1.46 44.30
CA ASP O 15 -19.80 -0.41 43.68
C ASP O 15 -20.10 -0.36 42.19
N PRO O 16 -21.24 0.27 41.82
CA PRO O 16 -21.60 0.35 40.41
C PRO O 16 -20.54 1.06 39.58
N PRO O 17 -20.29 0.55 38.37
CA PRO O 17 -19.24 1.07 37.51
C PRO O 17 -19.50 2.48 37.01
N ALA O 18 -18.43 3.14 36.58
CA ALA O 18 -18.59 4.32 35.76
C ALA O 18 -19.34 3.95 34.47
N GLN O 19 -20.57 4.41 34.43
CA GLN O 19 -21.48 4.26 33.29
C GLN O 19 -21.95 2.86 32.80
N CYS O 20 -21.04 1.90 32.68
CA CYS O 20 -21.43 0.54 32.28
C CYS O 20 -22.40 -0.13 33.26
N ARG O 21 -23.32 -0.93 32.73
CA ARG O 21 -24.23 -1.74 33.55
C ARG O 21 -24.39 -3.17 33.01
N ALA O 22 -24.56 -4.14 33.91
CA ALA O 22 -24.68 -5.53 33.48
C ALA O 22 -25.39 -6.42 34.52
N GLY O 23 -26.05 -7.47 34.02
CA GLY O 23 -26.74 -8.39 34.91
C GLY O 23 -27.30 -9.62 34.21
N PRO O 24 -27.65 -10.65 34.99
CA PRO O 24 -28.18 -11.92 34.49
C PRO O 24 -29.51 -11.74 33.74
N VAL O 25 -29.71 -12.53 32.69
CA VAL O 25 -31.01 -12.60 32.05
C VAL O 25 -31.84 -13.66 32.78
N GLY O 26 -32.88 -13.20 33.48
CA GLY O 26 -33.70 -14.12 34.27
C GLY O 26 -32.92 -14.76 35.40
N ASP O 27 -32.99 -16.08 35.50
CA ASP O 27 -32.28 -16.80 36.56
C ASP O 27 -31.06 -17.57 36.05
N ASP O 28 -30.62 -17.25 34.84
CA ASP O 28 -29.45 -17.89 34.26
C ASP O 28 -28.21 -17.06 34.56
N MET O 29 -27.43 -17.49 35.55
CA MET O 29 -26.27 -16.75 36.00
C MET O 29 -25.16 -16.71 34.95
N PHE O 30 -25.27 -17.57 33.93
CA PHE O 30 -24.26 -17.65 32.89
C PHE O 30 -24.63 -16.86 31.64
N HIS O 31 -25.83 -16.29 31.61
CA HIS O 31 -26.27 -15.48 30.48
C HIS O 31 -26.62 -14.07 30.96
N TRP O 32 -25.75 -13.12 30.64
CA TRP O 32 -25.94 -11.73 31.05
C TRP O 32 -26.22 -10.80 29.87
N GLN O 33 -26.87 -9.68 30.17
CA GLN O 33 -27.00 -8.59 29.21
C GLN O 33 -26.34 -7.36 29.82
N ALA O 34 -25.64 -6.59 29.00
CA ALA O 34 -24.94 -5.41 29.48
C ALA O 34 -25.22 -4.17 28.63
N THR O 35 -25.01 -3.00 29.21
CA THR O 35 -25.06 -1.76 28.47
C THR O 35 -23.75 -1.00 28.58
N ILE O 36 -23.30 -0.44 27.46
CA ILE O 36 -22.16 0.46 27.46
C ILE O 36 -22.57 1.84 26.94
N MET O 37 -22.18 2.87 27.67
CA MET O 37 -22.39 4.22 27.17
C MET O 37 -21.21 4.70 26.33
N GLY O 38 -21.53 5.21 25.15
CA GLY O 38 -20.54 5.77 24.24
C GLY O 38 -19.79 6.89 24.93
N PRO O 39 -18.46 6.87 24.83
CA PRO O 39 -17.64 7.86 25.52
C PRO O 39 -18.00 9.27 25.10
N ASN O 40 -18.08 10.17 26.07
CA ASN O 40 -18.29 11.58 25.78
C ASN O 40 -17.16 12.12 24.90
N ASP O 41 -17.46 13.14 24.11
CA ASP O 41 -16.49 13.73 23.18
C ASP O 41 -15.95 12.69 22.20
N SER O 42 -16.86 11.97 21.56
CA SER O 42 -16.53 10.97 20.55
C SER O 42 -17.76 10.83 19.66
N PRO O 43 -17.63 10.19 18.49
CA PRO O 43 -18.79 10.01 17.59
C PRO O 43 -19.89 9.14 18.21
N TYR O 44 -19.60 8.44 19.30
CA TYR O 44 -20.56 7.55 19.91
C TYR O 44 -21.29 8.20 21.08
N GLN O 45 -20.96 9.46 21.37
CA GLN O 45 -21.48 10.10 22.58
C GLN O 45 -23.01 10.18 22.55
N GLY O 46 -23.63 9.93 23.69
CA GLY O 46 -25.08 9.85 23.77
C GLY O 46 -25.64 8.48 23.40
N GLY O 47 -24.78 7.60 22.90
CA GLY O 47 -25.23 6.28 22.49
C GLY O 47 -25.30 5.29 23.63
N VAL O 48 -26.32 4.43 23.60
CA VAL O 48 -26.43 3.33 24.56
C VAL O 48 -26.34 2.01 23.81
N PHE O 49 -25.30 1.24 24.08
CA PHE O 49 -25.03 0.02 23.33
C PHE O 49 -25.23 -1.22 24.20
N PHE O 50 -26.10 -2.11 23.75
CA PHE O 50 -26.39 -3.34 24.47
C PHE O 50 -25.46 -4.48 24.03
N LEU O 51 -25.08 -5.33 24.97
CA LEU O 51 -24.24 -6.49 24.67
C LEU O 51 -24.77 -7.75 25.35
N THR O 52 -24.57 -8.89 24.70
CA THR O 52 -24.95 -10.18 25.24
C THR O 52 -23.69 -10.90 25.70
N ILE O 53 -23.72 -11.45 26.90
CA ILE O 53 -22.56 -12.10 27.49
C ILE O 53 -22.90 -13.52 27.91
N HIS O 54 -22.08 -14.47 27.47
CA HIS O 54 -22.20 -15.85 27.93
C HIS O 54 -20.91 -16.27 28.63
N PHE O 55 -21.03 -16.61 29.91
CA PHE O 55 -19.91 -17.19 30.64
C PHE O 55 -19.88 -18.67 30.29
N PRO O 56 -18.71 -19.18 29.91
CA PRO O 56 -18.53 -20.63 29.69
C PRO O 56 -18.48 -21.37 31.02
N THR O 57 -18.66 -22.69 30.98
CA THR O 57 -18.69 -23.47 32.22
C THR O 57 -17.36 -23.46 32.95
N ASP O 58 -16.27 -23.19 32.23
CA ASP O 58 -14.95 -23.11 32.87
C ASP O 58 -14.42 -21.67 33.01
N TYR O 59 -15.34 -20.71 33.06
CA TYR O 59 -15.03 -19.35 33.49
C TYR O 59 -14.54 -19.47 34.93
N PRO O 60 -13.51 -18.71 35.32
CA PRO O 60 -12.84 -17.62 34.57
C PRO O 60 -11.59 -18.05 33.82
N PHE O 61 -11.36 -19.34 33.62
CA PHE O 61 -10.12 -19.78 32.96
C PHE O 61 -10.20 -19.66 31.44
N LYS O 62 -11.43 -19.57 30.93
CA LYS O 62 -11.68 -19.17 29.55
C LYS O 62 -12.52 -17.90 29.58
N PRO O 63 -12.39 -17.05 28.53
CA PRO O 63 -13.06 -15.75 28.48
C PRO O 63 -14.57 -15.85 28.25
N PRO O 64 -15.31 -14.84 28.70
CA PRO O 64 -16.73 -14.75 28.35
C PRO O 64 -16.87 -14.54 26.85
N LYS O 65 -17.98 -14.97 26.29
CA LYS O 65 -18.30 -14.73 24.90
C LYS O 65 -19.16 -13.48 24.86
N VAL O 66 -18.63 -12.41 24.26
CA VAL O 66 -19.29 -11.11 24.32
C VAL O 66 -19.56 -10.56 22.91
N ALA O 67 -20.78 -10.09 22.70
CA ALA O 67 -21.16 -9.56 21.39
C ALA O 67 -22.16 -8.42 21.52
N PHE O 68 -22.02 -7.42 20.65
CA PHE O 68 -22.98 -6.32 20.60
C PHE O 68 -24.27 -6.78 19.96
N THR O 69 -25.39 -6.26 20.46
CA THR O 69 -26.65 -6.45 19.75
C THR O 69 -27.06 -5.10 19.14
N THR O 70 -26.62 -4.01 19.75
CA THR O 70 -26.80 -2.70 19.15
C THR O 70 -25.80 -2.52 18.01
N ARG O 71 -26.25 -1.99 16.89
CA ARG O 71 -25.35 -1.75 15.76
C ARG O 71 -24.33 -0.69 16.14
N ILE O 72 -23.11 -0.85 15.64
CA ILE O 72 -22.06 0.12 15.90
C ILE O 72 -21.05 0.10 14.76
N TYR O 73 -20.61 1.29 14.37
CA TYR O 73 -19.71 1.49 13.24
C TYR O 73 -18.28 1.61 13.77
N HIS O 74 -17.44 0.63 13.45
CA HIS O 74 -16.12 0.50 14.05
C HIS O 74 -15.31 -0.54 13.27
N PRO O 75 -13.98 -0.34 13.14
CA PRO O 75 -13.10 -1.25 12.41
C PRO O 75 -12.94 -2.66 13.02
N ASN O 76 -13.20 -2.83 14.31
CA ASN O 76 -12.94 -4.11 14.97
C ASN O 76 -14.20 -4.76 15.53
N ILE O 77 -15.34 -4.22 15.13
CA ILE O 77 -16.65 -4.76 15.48
C ILE O 77 -17.45 -4.81 14.17
N ASN O 78 -18.06 -5.96 13.87
CA ASN O 78 -18.79 -6.10 12.61
C ASN O 78 -20.30 -6.02 12.79
N SER O 79 -21.04 -6.24 11.71
CA SER O 79 -22.49 -6.12 11.75
CA SER O 79 -22.49 -6.12 11.77
C SER O 79 -23.17 -7.34 12.40
N ASN O 80 -22.38 -8.37 12.72
CA ASN O 80 -22.89 -9.49 13.50
C ASN O 80 -22.84 -9.15 14.99
N GLY O 81 -22.21 -8.02 15.31
CA GLY O 81 -21.98 -7.66 16.70
C GLY O 81 -20.71 -8.32 17.26
N SER O 82 -19.99 -9.03 16.41
CA SER O 82 -18.79 -9.75 16.84
C SER O 82 -17.62 -8.80 17.11
N ILE O 83 -16.90 -9.05 18.20
CA ILE O 83 -15.81 -8.17 18.62
C ILE O 83 -14.45 -8.86 18.49
N LYS O 84 -13.58 -8.32 17.62
CA LYS O 84 -12.24 -8.88 17.53
C LYS O 84 -11.27 -8.08 18.42
N LEU O 85 -11.03 -8.63 19.60
CA LEU O 85 -10.26 -7.98 20.66
C LEU O 85 -9.44 -9.05 21.37
N ASP O 86 -8.14 -8.81 21.55
CA ASP O 86 -7.26 -9.88 22.01
C ASP O 86 -7.60 -10.44 23.39
N ILE O 87 -8.07 -9.59 24.30
CA ILE O 87 -8.39 -10.07 25.65
C ILE O 87 -9.63 -10.98 25.68
N LEU O 88 -10.35 -11.02 24.57
CA LEU O 88 -11.48 -11.94 24.44
C LEU O 88 -11.04 -13.25 23.82
N ARG O 89 -9.78 -13.31 23.42
CA ARG O 89 -9.20 -14.55 22.88
C ARG O 89 -7.85 -14.86 23.53
N SER O 90 -6.77 -14.78 22.74
CA SER O 90 -5.46 -15.23 23.18
C SER O 90 -4.87 -14.46 24.37
N GLN O 91 -5.33 -13.24 24.61
CA GLN O 91 -4.75 -12.43 25.68
C GLN O 91 -5.66 -12.35 26.89
N TRP O 92 -6.60 -13.29 26.97
CA TRP O 92 -7.47 -13.38 28.14
C TRP O 92 -6.65 -13.55 29.41
N SER O 93 -7.18 -13.04 30.52
CA SER O 93 -6.63 -13.31 31.84
C SER O 93 -7.80 -13.57 32.79
N PRO O 94 -7.67 -14.60 33.64
CA PRO O 94 -8.72 -15.02 34.57
C PRO O 94 -9.02 -13.96 35.61
N ALA O 95 -8.12 -12.98 35.75
CA ALA O 95 -8.31 -11.93 36.74
C ALA O 95 -9.30 -10.88 36.24
N LEU O 96 -9.60 -10.91 34.94
CA LEU O 96 -10.51 -9.91 34.36
C LEU O 96 -11.97 -10.18 34.70
N THR O 97 -12.57 -9.26 35.45
CA THR O 97 -14.00 -9.33 35.75
C THR O 97 -14.79 -8.69 34.60
N ILE O 98 -16.08 -8.95 34.56
CA ILE O 98 -16.91 -8.50 33.44
C ILE O 98 -16.98 -6.97 33.36
N SER O 99 -17.03 -6.33 34.53
CA SER O 99 -16.91 -4.89 34.65
C SER O 99 -15.67 -4.36 33.91
N LYS O 100 -14.52 -4.99 34.12
CA LYS O 100 -13.27 -4.57 33.49
C LYS O 100 -13.27 -4.86 31.99
N VAL O 101 -13.84 -6.01 31.61
CA VAL O 101 -14.00 -6.35 30.20
C VAL O 101 -14.87 -5.31 29.46
N LEU O 102 -15.93 -4.84 30.12
CA LEU O 102 -16.82 -3.87 29.49
C LEU O 102 -16.14 -2.51 29.34
N LEU O 103 -15.41 -2.08 30.37
CA LEU O 103 -14.64 -0.85 30.29
C LEU O 103 -13.58 -0.95 29.21
N SER O 104 -12.98 -2.12 29.08
CA SER O 104 -11.95 -2.35 28.06
C SER O 104 -12.53 -2.18 26.67
N ILE O 105 -13.71 -2.77 26.46
CA ILE O 105 -14.39 -2.71 25.17
C ILE O 105 -14.78 -1.26 24.85
N CYS O 106 -15.30 -0.58 25.87
CA CYS O 106 -15.61 0.84 25.76
C CYS O 106 -14.38 1.65 25.33
N SER O 107 -13.20 1.28 25.86
CA SER O 107 -11.97 2.00 25.51
C SER O 107 -11.48 1.65 24.12
N LEU O 108 -11.94 0.52 23.59
CA LEU O 108 -11.64 0.13 22.23
C LEU O 108 -12.35 1.04 21.22
N LEU O 109 -13.49 1.59 21.64
CA LEU O 109 -14.31 2.39 20.75
C LEU O 109 -13.54 3.54 20.12
N CYS O 110 -12.73 4.23 20.91
CA CYS O 110 -11.95 5.36 20.41
C CYS O 110 -10.48 5.02 20.22
N ASP O 111 -10.13 3.76 20.43
CA ASP O 111 -8.77 3.27 20.18
C ASP O 111 -8.81 2.03 19.28
N PRO O 112 -9.25 2.20 18.02
CA PRO O 112 -9.39 1.05 17.13
C PRO O 112 -8.09 0.66 16.47
N ASN O 113 -8.04 -0.56 15.94
CA ASN O 113 -6.88 -1.00 15.17
C ASN O 113 -7.26 -1.22 13.70
N PRO O 114 -7.05 -0.18 12.87
CA PRO O 114 -7.40 -0.20 11.44
C PRO O 114 -6.39 -0.97 10.60
N ASP O 115 -5.28 -1.36 11.22
CA ASP O 115 -4.20 -2.05 10.51
C ASP O 115 -4.40 -3.57 10.48
N ASP O 116 -5.16 -4.06 11.44
CA ASP O 116 -5.55 -5.46 11.48
C ASP O 116 -7.05 -5.52 11.79
N PRO O 117 -7.87 -5.17 10.80
CA PRO O 117 -9.29 -4.89 11.06
C PRO O 117 -10.21 -6.10 10.95
N LEU O 118 -11.38 -6.00 11.58
CA LEU O 118 -12.42 -7.00 11.37
C LEU O 118 -13.23 -6.60 10.15
N VAL O 119 -13.40 -5.29 9.96
CA VAL O 119 -14.15 -4.74 8.83
C VAL O 119 -13.23 -3.83 8.01
N PRO O 120 -12.61 -4.37 6.96
CA PRO O 120 -11.66 -3.64 6.13
C PRO O 120 -12.18 -2.32 5.55
N GLU O 121 -13.45 -2.29 5.14
CA GLU O 121 -14.05 -1.08 4.58
C GLU O 121 -14.02 0.08 5.56
N ILE O 122 -14.43 -0.18 6.79
CA ILE O 122 -14.43 0.84 7.84
C ILE O 122 -13.00 1.25 8.23
N ALA O 123 -12.10 0.29 8.24
CA ALA O 123 -10.69 0.57 8.53
C ALA O 123 -10.09 1.50 7.49
N ARG O 124 -10.40 1.25 6.22
CA ARG O 124 -9.92 2.08 5.13
C ARG O 124 -10.39 3.52 5.26
N ILE O 125 -11.68 3.69 5.57
CA ILE O 125 -12.25 5.02 5.74
C ILE O 125 -11.63 5.73 6.94
N TYR O 126 -11.44 4.98 8.02
CA TYR O 126 -10.80 5.51 9.23
C TYR O 126 -9.41 6.11 8.93
N LYS O 127 -8.64 5.42 8.10
CA LYS O 127 -7.26 5.82 7.84
C LYS O 127 -7.14 6.99 6.87
N THR O 128 -8.12 7.17 6.00
CA THR O 128 -8.00 8.13 4.91
C THR O 128 -8.95 9.34 5.01
N ASP O 129 -10.08 9.19 5.68
CA ASP O 129 -11.04 10.29 5.79
C ASP O 129 -11.71 10.30 7.15
N ARG O 130 -11.03 10.84 8.15
CA ARG O 130 -11.48 10.76 9.53
C ARG O 130 -12.79 11.51 9.77
N GLU O 131 -12.99 12.61 9.05
CA GLU O 131 -14.23 13.39 9.15
C GLU O 131 -15.41 12.62 8.58
N LYS O 132 -15.14 11.76 7.60
CA LYS O 132 -16.19 10.91 7.04
C LYS O 132 -16.51 9.76 7.99
N TYR O 133 -15.47 9.12 8.53
CA TYR O 133 -15.64 8.05 9.50
C TYR O 133 -16.43 8.54 10.69
N ASN O 134 -16.06 9.72 11.18
CA ASN O 134 -16.75 10.31 12.32
C ASN O 134 -18.21 10.58 12.01
N ARG O 135 -18.46 11.16 10.83
CA ARG O 135 -19.82 11.44 10.38
CA ARG O 135 -19.82 11.44 10.38
C ARG O 135 -20.68 10.18 10.37
N ILE O 136 -20.17 9.14 9.73
CA ILE O 136 -20.90 7.89 9.60
C ILE O 136 -21.10 7.21 10.96
N ALA O 137 -20.09 7.30 11.83
CA ALA O 137 -20.21 6.71 13.16
C ALA O 137 -21.25 7.47 13.98
N ARG O 138 -21.30 8.79 13.80
CA ARG O 138 -22.30 9.61 14.46
CA ARG O 138 -22.31 9.64 14.43
C ARG O 138 -23.71 9.28 13.94
N GLU O 139 -23.85 9.15 12.62
CA GLU O 139 -25.14 8.81 12.03
C GLU O 139 -25.66 7.46 12.55
N TRP O 140 -24.79 6.48 12.66
CA TRP O 140 -25.15 5.16 13.19
C TRP O 140 -25.54 5.23 14.67
N THR O 141 -24.80 6.01 15.44
CA THR O 141 -25.12 6.20 16.84
C THR O 141 -26.53 6.80 17.00
N GLN O 142 -26.82 7.85 16.24
CA GLN O 142 -28.15 8.47 16.30
C GLN O 142 -29.28 7.57 15.81
N LYS O 143 -29.01 6.78 14.78
CA LYS O 143 -30.04 5.93 14.19
C LYS O 143 -30.29 4.62 14.96
N TYR O 144 -29.23 4.04 15.52
CA TYR O 144 -29.34 2.69 16.08
C TYR O 144 -29.15 2.60 17.58
N ALA O 145 -28.51 3.60 18.18
CA ALA O 145 -28.11 3.51 19.57
C ALA O 145 -28.75 4.61 20.41
N MET O 146 -29.81 5.22 19.88
CA MET O 146 -30.54 6.27 20.59
C MET O 146 -32.04 6.09 20.37
N SER P 5 0.18 20.22 43.69
CA SER P 5 0.07 18.85 44.16
C SER P 5 -1.37 18.50 44.55
N MET P 6 -1.75 17.25 44.25
CA MET P 6 -3.12 16.81 44.47
C MET P 6 -3.16 15.28 44.53
N GLN P 7 -4.31 14.73 44.90
CA GLN P 7 -4.45 13.27 44.90
C GLN P 7 -5.57 12.80 43.98
N ILE P 8 -5.29 11.71 43.27
CA ILE P 8 -6.28 11.08 42.40
C ILE P 8 -6.51 9.64 42.87
N PHE P 9 -7.50 8.98 42.27
CA PHE P 9 -7.84 7.61 42.65
C PHE P 9 -7.72 6.66 41.49
N VAL P 10 -7.26 5.44 41.77
CA VAL P 10 -7.21 4.40 40.75
C VAL P 10 -7.97 3.17 41.22
N LYS P 11 -8.84 2.65 40.35
CA LYS P 11 -9.50 1.39 40.60
C LYS P 11 -8.59 0.27 40.08
N THR P 12 -8.01 -0.48 41.00
CA THR P 12 -7.06 -1.53 40.64
C THR P 12 -7.76 -2.68 39.93
N LEU P 13 -6.99 -3.67 39.52
CA LEU P 13 -7.53 -4.80 38.78
C LEU P 13 -8.63 -5.54 39.56
N THR P 14 -8.45 -5.65 40.87
CA THR P 14 -9.41 -6.38 41.69
C THR P 14 -10.45 -5.48 42.35
N GLY P 15 -10.55 -4.25 41.88
CA GLY P 15 -11.62 -3.35 42.29
C GLY P 15 -11.32 -2.52 43.54
N LYS P 16 -10.08 -2.57 44.00
CA LYS P 16 -9.67 -1.75 45.14
C LYS P 16 -9.46 -0.31 44.67
N THR P 17 -9.62 0.64 45.58
CA THR P 17 -9.36 2.03 45.28
C THR P 17 -8.10 2.53 46.00
N ILE P 18 -7.05 2.76 45.23
CA ILE P 18 -5.82 3.29 45.80
C ILE P 18 -5.70 4.80 45.55
N THR P 19 -4.99 5.49 46.44
CA THR P 19 -4.79 6.93 46.33
C THR P 19 -3.36 7.25 45.91
N LEU P 20 -3.21 8.11 44.92
CA LEU P 20 -1.88 8.49 44.43
C LEU P 20 -1.61 9.97 44.65
N GLU P 21 -0.40 10.30 45.08
CA GLU P 21 0.02 11.69 45.19
C GLU P 21 0.61 12.16 43.87
N VAL P 22 -0.14 12.98 43.13
CA VAL P 22 0.30 13.40 41.81
C VAL P 22 0.30 14.91 41.62
N GLU P 23 0.62 15.34 40.40
CA GLU P 23 0.60 16.74 40.01
C GLU P 23 0.02 16.85 38.61
N PRO P 24 -0.64 17.97 38.28
CA PRO P 24 -1.26 18.18 36.97
C PRO P 24 -0.28 17.97 35.81
N SER P 25 1.00 18.23 36.04
CA SER P 25 2.02 18.08 34.99
C SER P 25 2.63 16.68 34.93
N ASP P 26 2.24 15.80 35.85
CA ASP P 26 2.67 14.41 35.79
C ASP P 26 2.19 13.78 34.49
N THR P 27 3.06 13.02 33.86
CA THR P 27 2.68 12.30 32.66
C THR P 27 2.05 10.98 33.03
N ILE P 28 1.36 10.36 32.08
CA ILE P 28 0.76 9.06 32.33
C ILE P 28 1.83 8.00 32.63
N GLU P 29 3.03 8.15 32.06
CA GLU P 29 4.12 7.23 32.41
C GLU P 29 4.50 7.35 33.89
N ASN P 30 4.56 8.58 34.40
CA ASN P 30 4.81 8.80 35.82
C ASN P 30 3.74 8.15 36.71
N VAL P 31 2.48 8.27 36.29
CA VAL P 31 1.38 7.70 37.05
C VAL P 31 1.46 6.18 37.09
N LYS P 32 1.73 5.57 35.95
CA LYS P 32 1.86 4.13 35.88
C LYS P 32 3.04 3.62 36.73
N ALA P 33 4.10 4.41 36.85
CA ALA P 33 5.22 4.06 37.71
C ALA P 33 4.78 4.03 39.19
N LYS P 34 3.97 5.00 39.58
CA LYS P 34 3.45 5.02 40.94
C LYS P 34 2.51 3.85 41.18
N ILE P 35 1.76 3.48 40.15
CA ILE P 35 0.89 2.31 40.24
C ILE P 35 1.70 1.02 40.36
N GLN P 36 2.80 0.93 39.62
CA GLN P 36 3.67 -0.23 39.69
C GLN P 36 4.27 -0.39 41.09
N ASP P 37 4.60 0.75 41.72
CA ASP P 37 5.15 0.73 43.08
C ASP P 37 4.17 0.15 44.08
N LYS P 38 2.89 0.44 43.90
CA LYS P 38 1.87 -0.03 44.84
C LYS P 38 1.32 -1.43 44.48
N GLU P 39 1.21 -1.72 43.19
CA GLU P 39 0.51 -2.93 42.75
C GLU P 39 1.38 -3.96 42.05
N GLY P 40 2.64 -3.63 41.82
CA GLY P 40 3.57 -4.56 41.20
C GLY P 40 3.14 -5.04 39.82
N ILE P 41 2.51 -4.15 39.06
CA ILE P 41 2.19 -4.43 37.66
C ILE P 41 2.93 -3.46 36.76
N PRO P 42 3.73 -3.98 35.82
CA PRO P 42 4.59 -3.11 35.01
C PRO P 42 3.79 -2.18 34.11
N PRO P 43 4.31 -0.95 33.90
CA PRO P 43 3.68 0.08 33.07
C PRO P 43 3.18 -0.41 31.72
N ASP P 44 3.96 -1.25 31.05
CA ASP P 44 3.60 -1.71 29.71
C ASP P 44 2.40 -2.66 29.70
N GLN P 45 2.02 -3.16 30.88
CA GLN P 45 0.85 -4.02 30.98
C GLN P 45 -0.36 -3.23 31.49
N GLN P 46 -0.12 -1.98 31.86
CA GLN P 46 -1.18 -1.13 32.37
C GLN P 46 -1.91 -0.38 31.26
N ARG P 47 -3.23 -0.37 31.32
CA ARG P 47 -4.04 0.49 30.48
C ARG P 47 -4.97 1.28 31.37
N LEU P 48 -4.77 2.59 31.44
CA LEU P 48 -5.56 3.46 32.31
C LEU P 48 -6.71 4.13 31.55
N ILE P 49 -7.91 4.02 32.10
CA ILE P 49 -9.10 4.53 31.44
C ILE P 49 -9.76 5.66 32.25
N PHE P 50 -10.07 6.77 31.59
CA PHE P 50 -10.83 7.86 32.18
C PHE P 50 -11.88 8.36 31.19
N ALA P 51 -13.11 8.54 31.68
CA ALA P 51 -14.25 8.92 30.85
C ALA P 51 -14.47 8.00 29.65
N GLY P 52 -14.17 6.72 29.82
CA GLY P 52 -14.35 5.74 28.76
C GLY P 52 -13.26 5.73 27.70
N LYS P 53 -12.15 6.42 27.98
CA LYS P 53 -11.03 6.48 27.04
C LYS P 53 -9.71 6.12 27.71
N GLN P 54 -8.80 5.56 26.93
CA GLN P 54 -7.48 5.21 27.43
C GLN P 54 -6.58 6.43 27.52
N LEU P 55 -5.73 6.45 28.55
CA LEU P 55 -4.79 7.56 28.73
C LEU P 55 -3.42 7.21 28.15
N GLU P 56 -2.97 7.99 27.17
CA GLU P 56 -1.71 7.69 26.48
C GLU P 56 -0.48 8.17 27.24
N ASP P 57 0.60 7.40 27.14
CA ASP P 57 1.80 7.61 27.95
C ASP P 57 2.48 8.97 27.80
N GLY P 58 2.50 9.49 26.57
CA GLY P 58 3.22 10.71 26.29
C GLY P 58 2.57 11.99 26.77
N ARG P 59 1.37 11.87 27.33
CA ARG P 59 0.61 13.06 27.74
C ARG P 59 0.58 13.25 29.25
N THR P 60 0.08 14.39 29.69
CA THR P 60 0.02 14.71 31.11
C THR P 60 -1.42 14.60 31.64
N LEU P 61 -1.56 14.69 32.96
CA LEU P 61 -2.89 14.64 33.56
C LEU P 61 -3.71 15.86 33.16
N SER P 62 -3.04 17.00 33.05
CA SER P 62 -3.72 18.23 32.65
C SER P 62 -4.16 18.16 31.19
N ASP P 63 -3.40 17.45 30.37
CA ASP P 63 -3.78 17.24 28.97
C ASP P 63 -5.14 16.58 28.85
N TYR P 64 -5.51 15.77 29.85
CA TYR P 64 -6.77 15.07 29.84
C TYR P 64 -7.80 15.70 30.77
N ASN P 65 -7.49 16.90 31.25
CA ASN P 65 -8.35 17.61 32.19
C ASN P 65 -8.74 16.76 33.40
N ILE P 66 -7.75 16.09 33.97
CA ILE P 66 -7.98 15.27 35.17
C ILE P 66 -7.74 16.10 36.42
N GLN P 67 -8.84 16.50 37.06
CA GLN P 67 -8.76 17.36 38.24
C GLN P 67 -8.40 16.56 39.48
N LYS P 68 -8.35 17.26 40.61
CA LYS P 68 -8.17 16.61 41.90
C LYS P 68 -9.28 15.59 42.16
N GLU P 69 -8.91 14.49 42.82
CA GLU P 69 -9.87 13.48 43.27
C GLU P 69 -10.61 12.76 42.14
N SER P 70 -10.12 12.87 40.91
CA SER P 70 -10.70 12.10 39.82
C SER P 70 -10.35 10.64 39.99
N THR P 71 -11.15 9.76 39.37
CA THR P 71 -10.93 8.33 39.47
C THR P 71 -10.54 7.74 38.13
N LEU P 72 -9.37 7.13 38.08
CA LEU P 72 -8.91 6.44 36.88
C LEU P 72 -9.22 4.95 37.06
N HIS P 73 -9.36 4.25 35.94
CA HIS P 73 -9.65 2.82 35.98
C HIS P 73 -8.53 2.02 35.31
N LEU P 74 -8.07 0.99 36.01
CA LEU P 74 -7.00 0.15 35.50
C LEU P 74 -7.54 -1.13 34.87
N VAL P 75 -7.16 -1.37 33.62
CA VAL P 75 -7.40 -2.66 33.00
C VAL P 75 -6.08 -3.16 32.40
N LEU P 76 -6.11 -4.35 31.84
CA LEU P 76 -4.90 -4.91 31.24
C LEU P 76 -4.70 -4.41 29.82
N ARG P 77 -3.44 -4.32 29.40
CA ARG P 77 -3.07 -3.94 28.05
C ARG P 77 -3.86 -4.76 27.03
N LEU P 78 -4.40 -4.08 26.02
CA LEU P 78 -5.21 -4.76 25.03
C LEU P 78 -4.94 -4.20 23.64
N ARG P 79 -5.48 -4.88 22.64
CA ARG P 79 -5.30 -4.49 21.27
C ARG P 79 -6.45 -5.07 20.45
N GLY P 80 -7.17 -4.20 19.76
CA GLY P 80 -8.21 -4.66 18.85
C GLY P 80 -7.55 -5.37 17.68
N GLY P 81 -8.33 -6.18 16.97
CA GLY P 81 -7.79 -6.88 15.83
C GLY P 81 -8.86 -7.41 14.90
#